data_2YS4
#
_entry.id   2YS4
#
_entity_poly.entity_id   1
_entity_poly.type   'polypeptide(L)'
_entity_poly.pdbx_seq_one_letter_code
;GSSGSSGTEREKFIVPIKARGARAILDFPDKLNFSTCPVKYSTQKILLVRNIGNKNAVFHIKTCRPFSIEPAIGTLNVGE
SMQLEVEFEPQSVGDHSGRLIVCYDTGEKVFVSLYGAAIDMN
;
_entity_poly.pdbx_strand_id   A
#
# COMPACT_ATOMS: atom_id res chain seq x y z
N GLY A 1 18.21 -13.84 22.29
CA GLY A 1 16.85 -13.83 22.78
C GLY A 1 16.15 -12.51 22.53
N SER A 2 16.36 -11.55 23.41
CA SER A 2 15.74 -10.23 23.28
C SER A 2 15.76 -9.77 21.83
N SER A 3 16.94 -9.74 21.23
CA SER A 3 17.09 -9.31 19.85
C SER A 3 17.63 -10.45 18.99
N GLY A 4 16.91 -10.76 17.91
CA GLY A 4 17.33 -11.83 17.02
C GLY A 4 16.21 -12.80 16.71
N SER A 5 15.53 -12.57 15.59
CA SER A 5 14.42 -13.43 15.17
C SER A 5 14.79 -14.23 13.94
N SER A 6 14.61 -15.55 14.01
CA SER A 6 14.92 -16.43 12.90
C SER A 6 14.19 -15.99 11.63
N GLY A 7 12.86 -15.95 11.71
CA GLY A 7 12.06 -15.55 10.57
C GLY A 7 10.94 -16.51 10.28
N THR A 8 9.72 -15.98 10.15
CA THR A 8 8.55 -16.80 9.87
C THR A 8 7.71 -16.21 8.74
N GLU A 9 7.16 -17.08 7.89
CA GLU A 9 6.33 -16.63 6.78
C GLU A 9 5.09 -15.91 7.29
N ARG A 10 4.71 -14.83 6.60
CA ARG A 10 3.54 -14.06 6.98
C ARG A 10 2.27 -14.87 6.82
N GLU A 11 1.36 -14.75 7.78
CA GLU A 11 0.10 -15.48 7.75
C GLU A 11 -1.08 -14.53 7.83
N LYS A 12 -2.00 -14.65 6.86
CA LYS A 12 -3.17 -13.80 6.82
C LYS A 12 -3.94 -13.86 8.13
N PHE A 13 -3.94 -12.75 8.86
CA PHE A 13 -4.64 -12.68 10.14
C PHE A 13 -6.10 -13.04 9.99
N ILE A 14 -6.76 -13.35 11.10
CA ILE A 14 -8.17 -13.72 11.09
C ILE A 14 -8.88 -13.21 12.33
N VAL A 15 -10.11 -12.73 12.15
CA VAL A 15 -10.90 -12.21 13.27
C VAL A 15 -11.35 -13.34 14.19
N PRO A 16 -11.57 -13.01 15.47
CA PRO A 16 -12.01 -13.98 16.47
C PRO A 16 -13.45 -14.44 16.24
N ILE A 17 -13.90 -15.40 17.05
CA ILE A 17 -15.25 -15.93 16.94
C ILE A 17 -16.23 -14.82 16.51
N LYS A 18 -16.26 -13.75 17.29
CA LYS A 18 -17.15 -12.63 16.98
C LYS A 18 -16.42 -11.30 17.15
N ALA A 19 -16.81 -10.32 16.35
CA ALA A 19 -16.19 -8.99 16.41
C ALA A 19 -17.15 -7.92 15.90
N ARG A 20 -17.63 -7.08 16.81
CA ARG A 20 -18.56 -6.01 16.44
C ARG A 20 -18.03 -4.66 16.91
N GLY A 21 -18.76 -3.60 16.56
CA GLY A 21 -18.34 -2.26 16.95
C GLY A 21 -18.07 -1.36 15.75
N ALA A 22 -16.88 -0.80 15.70
CA ALA A 22 -16.50 0.09 14.60
C ALA A 22 -15.08 -0.19 14.13
N ARG A 23 -14.94 -0.52 12.86
CA ARG A 23 -13.63 -0.82 12.28
C ARG A 23 -13.50 -0.23 10.88
N ALA A 24 -12.28 0.07 10.48
CA ALA A 24 -12.02 0.64 9.16
C ALA A 24 -11.21 -0.32 8.29
N ILE A 25 -11.65 -0.48 7.04
CA ILE A 25 -10.96 -1.37 6.11
C ILE A 25 -11.02 -0.83 4.69
N LEU A 26 -9.90 -0.91 3.99
CA LEU A 26 -9.81 -0.43 2.61
C LEU A 26 -9.65 -1.59 1.63
N ASP A 27 -9.63 -1.27 0.35
CA ASP A 27 -9.47 -2.29 -0.69
C ASP A 27 -8.17 -2.08 -1.47
N PHE A 28 -7.17 -2.89 -1.15
CA PHE A 28 -5.88 -2.79 -1.83
C PHE A 28 -5.50 -4.13 -2.46
N PRO A 29 -4.87 -4.06 -3.65
CA PRO A 29 -4.44 -5.26 -4.38
C PRO A 29 -3.27 -5.97 -3.71
N ASP A 30 -2.98 -7.17 -4.15
CA ASP A 30 -1.88 -7.95 -3.60
C ASP A 30 -0.54 -7.29 -3.87
N LYS A 31 -0.35 -6.83 -5.11
CA LYS A 31 0.89 -6.17 -5.51
C LYS A 31 0.67 -5.32 -6.76
N LEU A 32 1.62 -4.43 -7.02
CA LEU A 32 1.54 -3.56 -8.19
C LEU A 32 2.42 -4.07 -9.32
N ASN A 33 1.80 -4.51 -10.41
CA ASN A 33 2.55 -5.03 -11.56
C ASN A 33 2.79 -3.92 -12.58
N PHE A 34 4.04 -3.53 -12.74
CA PHE A 34 4.41 -2.48 -13.69
C PHE A 34 5.01 -3.08 -14.95
N SER A 35 4.25 -3.02 -16.04
CA SER A 35 4.71 -3.56 -17.32
C SER A 35 6.09 -3.02 -17.68
N THR A 36 6.65 -3.52 -18.77
CA THR A 36 7.96 -3.09 -19.23
C THR A 36 8.04 -1.58 -19.35
N CYS A 37 8.73 -0.94 -18.41
CA CYS A 37 8.88 0.51 -18.41
C CYS A 37 10.35 0.90 -18.58
N PRO A 38 10.57 2.17 -18.94
CA PRO A 38 11.92 2.71 -19.16
C PRO A 38 12.71 2.83 -17.85
N VAL A 39 14.00 2.53 -17.92
CA VAL A 39 14.87 2.60 -16.75
C VAL A 39 15.06 4.04 -16.30
N LYS A 40 15.64 4.85 -17.17
CA LYS A 40 15.88 6.26 -16.86
C LYS A 40 14.56 6.99 -16.57
N TYR A 41 13.70 7.05 -17.58
CA TYR A 41 12.41 7.72 -17.44
C TYR A 41 11.66 7.20 -16.22
N SER A 42 10.78 8.03 -15.68
CA SER A 42 9.99 7.65 -14.51
C SER A 42 8.67 7.01 -14.92
N THR A 43 8.13 6.17 -14.06
CA THR A 43 6.88 5.49 -14.32
C THR A 43 5.82 5.83 -13.27
N GLN A 44 4.56 5.81 -13.67
CA GLN A 44 3.47 6.12 -12.76
C GLN A 44 2.24 5.26 -13.08
N LYS A 45 1.32 5.20 -12.12
CA LYS A 45 0.10 4.41 -12.30
C LYS A 45 -0.98 4.85 -11.31
N ILE A 46 -2.24 4.58 -11.65
CA ILE A 46 -3.35 4.95 -10.79
C ILE A 46 -3.93 3.72 -10.09
N LEU A 47 -4.23 3.89 -8.80
CA LEU A 47 -4.80 2.79 -8.01
C LEU A 47 -6.09 3.23 -7.32
N LEU A 48 -7.21 2.72 -7.80
CA LEU A 48 -8.51 3.05 -7.24
C LEU A 48 -8.71 2.35 -5.91
N VAL A 49 -9.38 3.03 -4.98
CA VAL A 49 -9.65 2.48 -3.65
C VAL A 49 -11.03 2.87 -3.17
N ARG A 50 -11.82 1.87 -2.77
CA ARG A 50 -13.18 2.12 -2.27
C ARG A 50 -13.31 1.68 -0.83
N ASN A 51 -13.66 2.62 0.05
CA ASN A 51 -13.81 2.33 1.47
C ASN A 51 -14.87 1.25 1.69
N ILE A 52 -14.44 0.10 2.20
CA ILE A 52 -15.34 -1.01 2.46
C ILE A 52 -15.71 -1.08 3.94
N GLY A 53 -14.87 -0.49 4.78
CA GLY A 53 -15.12 -0.50 6.21
C GLY A 53 -16.49 0.03 6.57
N ASN A 54 -16.73 0.24 7.86
CA ASN A 54 -18.02 0.74 8.33
C ASN A 54 -17.90 2.21 8.72
N LYS A 55 -16.72 2.61 9.18
CA LYS A 55 -16.48 3.99 9.59
C LYS A 55 -15.31 4.59 8.82
N ASN A 56 -15.07 5.88 9.03
CA ASN A 56 -13.99 6.58 8.36
C ASN A 56 -12.66 5.83 8.53
N ALA A 57 -12.01 5.53 7.42
CA ALA A 57 -10.73 4.82 7.46
C ALA A 57 -9.57 5.77 7.17
N VAL A 58 -8.53 5.68 8.00
CA VAL A 58 -7.35 6.53 7.84
C VAL A 58 -6.10 5.69 7.64
N PHE A 59 -5.63 5.64 6.40
CA PHE A 59 -4.43 4.87 6.06
C PHE A 59 -3.26 5.79 5.76
N HIS A 60 -2.07 5.39 6.19
CA HIS A 60 -0.87 6.18 5.96
C HIS A 60 0.26 5.33 5.40
N ILE A 61 0.54 5.50 4.11
CA ILE A 61 1.58 4.73 3.45
C ILE A 61 2.94 5.43 3.57
N LYS A 62 4.00 4.64 3.65
CA LYS A 62 5.35 5.18 3.78
C LYS A 62 6.31 4.47 2.83
N THR A 63 7.00 5.24 1.99
CA THR A 63 7.95 4.67 1.04
C THR A 63 8.99 5.71 0.64
N CYS A 64 10.08 5.24 0.03
CA CYS A 64 11.15 6.12 -0.42
C CYS A 64 11.61 5.75 -1.82
N ARG A 65 12.25 6.70 -2.50
CA ARG A 65 12.74 6.48 -3.86
C ARG A 65 13.59 5.21 -3.91
N PRO A 66 13.67 4.61 -5.12
CA PRO A 66 12.98 5.12 -6.30
C PRO A 66 11.47 4.96 -6.21
N PHE A 67 11.00 4.40 -5.10
CA PHE A 67 9.58 4.18 -4.89
C PHE A 67 8.96 5.34 -4.09
N SER A 68 8.03 6.04 -4.71
CA SER A 68 7.37 7.17 -4.06
C SER A 68 5.96 7.36 -4.62
N ILE A 69 5.00 7.55 -3.72
CA ILE A 69 3.61 7.76 -4.12
C ILE A 69 2.98 8.91 -3.34
N GLU A 70 1.77 9.28 -3.73
CA GLU A 70 1.05 10.36 -3.06
C GLU A 70 -0.41 10.41 -3.51
N PRO A 71 -1.29 10.90 -2.63
CA PRO A 71 -0.88 11.38 -1.30
C PRO A 71 -0.45 10.24 -0.38
N ALA A 72 0.69 10.40 0.25
CA ALA A 72 1.22 9.39 1.15
C ALA A 72 0.18 8.98 2.19
N ILE A 73 -0.79 9.87 2.43
CA ILE A 73 -1.84 9.60 3.40
C ILE A 73 -3.17 10.22 2.94
N GLY A 74 -4.27 9.61 3.36
CA GLY A 74 -5.59 10.11 2.99
C GLY A 74 -6.69 9.53 3.85
N THR A 75 -7.90 10.08 3.71
CA THR A 75 -9.04 9.62 4.48
C THR A 75 -10.26 9.38 3.58
N LEU A 76 -10.62 8.12 3.41
CA LEU A 76 -11.76 7.76 2.57
C LEU A 76 -13.00 7.50 3.42
N ASN A 77 -14.17 7.74 2.85
CA ASN A 77 -15.43 7.52 3.57
C ASN A 77 -16.19 6.35 2.96
N VAL A 78 -16.89 5.60 3.81
CA VAL A 78 -17.67 4.45 3.37
C VAL A 78 -18.66 4.85 2.28
N GLY A 79 -18.66 4.09 1.19
CA GLY A 79 -19.57 4.39 0.10
C GLY A 79 -18.97 5.36 -0.91
N GLU A 80 -17.66 5.34 -1.03
CA GLU A 80 -16.97 6.23 -1.96
C GLU A 80 -15.63 5.63 -2.41
N SER A 81 -15.08 6.17 -3.49
CA SER A 81 -13.82 5.68 -4.03
C SER A 81 -12.82 6.82 -4.17
N MET A 82 -11.59 6.47 -4.55
CA MET A 82 -10.53 7.46 -4.72
C MET A 82 -9.46 6.95 -5.67
N GLN A 83 -8.53 7.82 -6.03
CA GLN A 83 -7.45 7.45 -6.95
C GLN A 83 -6.09 7.83 -6.35
N LEU A 84 -5.21 6.84 -6.24
CA LEU A 84 -3.88 7.06 -5.69
C LEU A 84 -2.81 6.92 -6.77
N GLU A 85 -1.93 7.91 -6.86
CA GLU A 85 -0.86 7.89 -7.85
C GLU A 85 0.43 7.35 -7.25
N VAL A 86 1.07 6.44 -7.96
CA VAL A 86 2.31 5.83 -7.51
C VAL A 86 3.44 6.09 -8.50
N GLU A 87 4.44 6.86 -8.07
CA GLU A 87 5.58 7.18 -8.92
C GLU A 87 6.77 6.29 -8.58
N PHE A 88 7.41 5.75 -9.62
CA PHE A 88 8.56 4.88 -9.44
C PHE A 88 9.47 4.91 -10.67
N GLU A 89 10.65 5.49 -10.51
CA GLU A 89 11.61 5.60 -11.60
C GLU A 89 12.86 4.77 -11.31
N PRO A 90 12.94 3.59 -11.94
CA PRO A 90 14.08 2.67 -11.77
C PRO A 90 15.36 3.21 -12.40
N GLN A 91 16.13 3.96 -11.63
CA GLN A 91 17.38 4.53 -12.11
C GLN A 91 18.30 3.44 -12.64
N SER A 92 18.20 2.25 -12.07
CA SER A 92 19.03 1.13 -12.48
C SER A 92 18.23 0.14 -13.33
N VAL A 93 18.91 -0.49 -14.29
CA VAL A 93 18.26 -1.46 -15.16
C VAL A 93 18.18 -2.82 -14.50
N GLY A 94 17.01 -3.45 -14.60
CA GLY A 94 16.82 -4.75 -14.00
C GLY A 94 15.44 -4.92 -13.38
N ASP A 95 15.33 -5.88 -12.47
CA ASP A 95 14.05 -6.13 -11.79
C ASP A 95 14.03 -5.47 -10.42
N HIS A 96 13.06 -4.57 -10.22
CA HIS A 96 12.92 -3.87 -8.96
C HIS A 96 11.63 -4.27 -8.24
N SER A 97 11.76 -4.76 -7.02
CA SER A 97 10.61 -5.18 -6.24
C SER A 97 10.67 -4.62 -4.82
N GLY A 98 9.52 -4.23 -4.28
CA GLY A 98 9.48 -3.69 -2.94
C GLY A 98 8.21 -4.08 -2.20
N ARG A 99 7.82 -3.26 -1.23
CA ARG A 99 6.62 -3.53 -0.44
C ARG A 99 6.09 -2.24 0.19
N LEU A 100 4.81 -1.97 -0.04
CA LEU A 100 4.18 -0.77 0.51
C LEU A 100 3.54 -1.05 1.87
N ILE A 101 4.18 -0.55 2.93
CA ILE A 101 3.68 -0.76 4.28
C ILE A 101 2.72 0.36 4.68
N VAL A 102 1.42 0.04 4.73
CA VAL A 102 0.41 1.02 5.11
C VAL A 102 0.18 1.02 6.62
N CYS A 103 -0.06 2.20 7.17
CA CYS A 103 -0.30 2.33 8.61
C CYS A 103 -1.70 2.89 8.87
N TYR A 104 -2.46 2.16 9.68
CA TYR A 104 -3.83 2.57 10.02
C TYR A 104 -3.87 3.28 11.36
N ASP A 105 -4.85 4.16 11.53
CA ASP A 105 -5.00 4.91 12.77
C ASP A 105 -5.27 3.97 13.95
N THR A 106 -6.06 2.92 13.69
CA THR A 106 -6.39 1.95 14.71
C THR A 106 -5.16 1.18 15.18
N GLY A 107 -4.26 0.89 14.24
CA GLY A 107 -3.05 0.16 14.59
C GLY A 107 -2.87 -1.09 13.76
N GLU A 108 -3.12 -0.97 12.46
CA GLU A 108 -2.99 -2.10 11.54
C GLU A 108 -1.89 -1.85 10.51
N LYS A 109 -1.51 -2.91 9.80
CA LYS A 109 -0.47 -2.80 8.78
C LYS A 109 -0.86 -3.57 7.52
N VAL A 110 -0.36 -3.11 6.37
CA VAL A 110 -0.65 -3.76 5.10
C VAL A 110 0.63 -4.08 4.35
N PHE A 111 0.54 -5.05 3.43
CA PHE A 111 1.69 -5.45 2.64
C PHE A 111 1.32 -5.56 1.16
N VAL A 112 1.98 -4.75 0.35
CA VAL A 112 1.73 -4.75 -1.09
C VAL A 112 3.03 -4.76 -1.88
N SER A 113 3.39 -5.93 -2.40
CA SER A 113 4.62 -6.07 -3.18
C SER A 113 4.65 -5.09 -4.34
N LEU A 114 5.84 -4.62 -4.68
CA LEU A 114 6.02 -3.68 -5.77
C LEU A 114 6.78 -4.31 -6.93
N TYR A 115 6.59 -3.77 -8.13
CA TYR A 115 7.25 -4.29 -9.32
C TYR A 115 7.50 -3.17 -10.33
N GLY A 116 8.31 -3.47 -11.34
CA GLY A 116 8.62 -2.48 -12.37
C GLY A 116 9.87 -2.82 -13.14
N ALA A 117 9.84 -3.94 -13.85
CA ALA A 117 10.98 -4.37 -14.65
C ALA A 117 11.47 -3.26 -15.57
N ALA A 118 12.67 -2.76 -15.31
CA ALA A 118 13.26 -1.70 -16.11
C ALA A 118 14.18 -2.26 -17.18
N ILE A 119 14.27 -1.57 -18.31
CA ILE A 119 15.13 -1.99 -19.41
C ILE A 119 15.96 -0.84 -19.94
N ASP A 120 17.10 -1.17 -20.55
CA ASP A 120 17.99 -0.15 -21.11
C ASP A 120 17.53 0.27 -22.51
N MET A 121 16.28 -0.05 -22.83
CA MET A 121 15.72 0.29 -24.13
C MET A 121 16.22 1.65 -24.60
N ASN A 122 16.55 2.53 -23.64
CA ASN A 122 17.03 3.85 -23.96
C ASN A 122 17.87 4.41 -22.81
N GLY A 1 27.66 0.62 11.82
CA GLY A 1 27.40 -0.48 12.73
C GLY A 1 25.95 -0.92 12.71
N SER A 2 25.60 -1.78 11.75
CA SER A 2 24.24 -2.27 11.61
C SER A 2 23.83 -3.09 12.84
N SER A 3 22.57 -2.96 13.24
CA SER A 3 22.06 -3.68 14.39
C SER A 3 22.09 -5.18 14.16
N GLY A 4 21.38 -5.62 13.11
CA GLY A 4 21.33 -7.03 12.78
C GLY A 4 20.53 -7.83 13.79
N SER A 5 20.71 -9.15 13.77
CA SER A 5 19.99 -10.03 14.69
C SER A 5 20.36 -9.72 16.13
N SER A 6 19.44 -9.10 16.86
CA SER A 6 19.68 -8.76 18.26
C SER A 6 18.72 -9.52 19.18
N GLY A 7 19.24 -9.97 20.32
CA GLY A 7 18.44 -10.71 21.27
C GLY A 7 17.62 -11.81 20.60
N THR A 8 16.32 -11.58 20.46
CA THR A 8 15.43 -12.56 19.84
C THR A 8 14.72 -11.97 18.64
N GLU A 9 14.29 -12.83 17.72
CA GLU A 9 13.58 -12.39 16.52
C GLU A 9 12.10 -12.11 16.83
N ARG A 10 11.78 -12.06 18.12
CA ARG A 10 10.40 -11.81 18.54
C ARG A 10 10.20 -10.33 18.86
N GLU A 11 9.53 -9.62 17.96
CA GLU A 11 9.26 -8.20 18.16
C GLU A 11 8.44 -7.97 19.42
N LYS A 12 8.48 -6.74 19.93
CA LYS A 12 7.73 -6.39 21.12
C LYS A 12 6.67 -5.33 20.81
N PHE A 13 5.40 -5.75 20.82
CA PHE A 13 4.30 -4.85 20.54
C PHE A 13 3.17 -5.03 21.55
N ILE A 14 2.65 -3.92 22.05
CA ILE A 14 1.56 -3.97 23.03
C ILE A 14 0.21 -3.73 22.36
N VAL A 15 -0.77 -4.55 22.72
CA VAL A 15 -2.11 -4.42 22.15
C VAL A 15 -3.13 -4.06 23.23
N PRO A 16 -4.20 -3.36 22.82
CA PRO A 16 -5.27 -2.94 23.74
C PRO A 16 -6.11 -4.12 24.23
N ILE A 17 -6.10 -4.35 25.54
CA ILE A 17 -6.86 -5.44 26.13
C ILE A 17 -8.36 -5.23 25.93
N LYS A 18 -9.02 -6.22 25.35
CA LYS A 18 -10.45 -6.15 25.11
C LYS A 18 -10.79 -5.02 24.14
N ALA A 19 -10.06 -4.95 23.04
CA ALA A 19 -10.27 -3.92 22.03
C ALA A 19 -11.06 -4.46 20.85
N ARG A 20 -12.33 -4.09 20.76
CA ARG A 20 -13.19 -4.55 19.66
C ARG A 20 -14.35 -3.59 19.45
N GLY A 21 -14.87 -3.56 18.23
CA GLY A 21 -15.99 -2.68 17.92
C GLY A 21 -16.00 -2.26 16.46
N ALA A 22 -15.59 -1.02 16.21
CA ALA A 22 -15.55 -0.50 14.85
C ALA A 22 -14.17 -0.67 14.23
N ARG A 23 -14.13 -1.04 12.96
CA ARG A 23 -12.87 -1.24 12.25
C ARG A 23 -12.97 -0.76 10.81
N ALA A 24 -12.00 0.05 10.39
CA ALA A 24 -11.99 0.58 9.03
C ALA A 24 -11.13 -0.28 8.11
N ILE A 25 -11.66 -0.61 6.94
CA ILE A 25 -10.95 -1.43 5.97
C ILE A 25 -10.97 -0.80 4.59
N LEU A 26 -9.92 -1.06 3.80
CA LEU A 26 -9.82 -0.52 2.46
C LEU A 26 -9.68 -1.63 1.43
N ASP A 27 -9.62 -1.26 0.16
CA ASP A 27 -9.48 -2.23 -0.92
C ASP A 27 -8.15 -2.03 -1.65
N PHE A 28 -7.20 -2.93 -1.40
CA PHE A 28 -5.89 -2.86 -2.03
C PHE A 28 -5.52 -4.20 -2.66
N PRO A 29 -4.91 -4.13 -3.85
CA PRO A 29 -4.49 -5.33 -4.60
C PRO A 29 -3.33 -6.05 -3.92
N ASP A 30 -3.22 -7.35 -4.18
CA ASP A 30 -2.16 -8.16 -3.60
C ASP A 30 -0.80 -7.51 -3.81
N LYS A 31 -0.58 -7.00 -5.03
CA LYS A 31 0.68 -6.35 -5.36
C LYS A 31 0.50 -5.42 -6.56
N LEU A 32 1.53 -4.63 -6.85
CA LEU A 32 1.50 -3.71 -7.98
C LEU A 32 2.26 -4.26 -9.16
N ASN A 33 1.61 -4.29 -10.32
CA ASN A 33 2.24 -4.79 -11.54
C ASN A 33 2.58 -3.66 -12.49
N PHE A 34 3.87 -3.46 -12.73
CA PHE A 34 4.34 -2.40 -13.61
C PHE A 34 4.93 -2.98 -14.90
N SER A 35 4.20 -2.84 -16.00
CA SER A 35 4.64 -3.36 -17.29
C SER A 35 6.05 -2.88 -17.61
N THR A 36 6.60 -3.36 -18.72
CA THR A 36 7.94 -2.98 -19.14
C THR A 36 8.10 -1.47 -19.16
N CYS A 37 8.84 -0.93 -18.20
CA CYS A 37 9.07 0.50 -18.11
C CYS A 37 10.56 0.83 -18.26
N PRO A 38 10.84 2.07 -18.67
CA PRO A 38 12.22 2.53 -18.87
C PRO A 38 12.99 2.67 -17.56
N VAL A 39 14.28 2.34 -17.59
CA VAL A 39 15.12 2.44 -16.41
C VAL A 39 15.36 3.89 -16.00
N LYS A 40 15.79 4.70 -16.96
CA LYS A 40 16.05 6.11 -16.71
C LYS A 40 14.75 6.88 -16.49
N TYR A 41 13.89 6.90 -17.51
CA TYR A 41 12.62 7.60 -17.42
C TYR A 41 11.83 7.13 -16.20
N SER A 42 10.98 8.02 -15.68
CA SER A 42 10.17 7.70 -14.51
C SER A 42 8.85 7.05 -14.93
N THR A 43 8.27 6.27 -14.01
CA THR A 43 7.01 5.59 -14.29
C THR A 43 5.88 6.17 -13.45
N GLN A 44 4.67 6.17 -14.01
CA GLN A 44 3.51 6.70 -13.31
C GLN A 44 2.32 5.74 -13.44
N LYS A 45 1.50 5.70 -12.40
CA LYS A 45 0.33 4.83 -12.40
C LYS A 45 -0.65 5.25 -11.30
N ILE A 46 -1.90 4.84 -11.45
CA ILE A 46 -2.94 5.17 -10.48
C ILE A 46 -3.58 3.91 -9.91
N LEU A 47 -3.96 3.97 -8.64
CA LEU A 47 -4.59 2.83 -7.98
C LEU A 47 -5.86 3.26 -7.26
N LEU A 48 -7.00 2.75 -7.72
CA LEU A 48 -8.29 3.07 -7.11
C LEU A 48 -8.45 2.36 -5.77
N VAL A 49 -9.06 3.07 -4.82
CA VAL A 49 -9.28 2.51 -3.49
C VAL A 49 -10.71 2.77 -3.01
N ARG A 50 -11.36 1.72 -2.53
CA ARG A 50 -12.73 1.83 -2.05
C ARG A 50 -12.83 1.42 -0.58
N ASN A 51 -13.48 2.26 0.23
CA ASN A 51 -13.65 1.98 1.65
C ASN A 51 -14.71 0.92 1.88
N ILE A 52 -14.29 -0.27 2.26
CA ILE A 52 -15.22 -1.37 2.52
C ILE A 52 -15.42 -1.58 4.02
N GLY A 53 -15.06 -0.57 4.81
CA GLY A 53 -15.21 -0.66 6.24
C GLY A 53 -16.57 -0.18 6.72
N ASN A 54 -16.69 0.09 8.01
CA ASN A 54 -17.94 0.56 8.58
C ASN A 54 -17.85 2.04 8.95
N LYS A 55 -16.67 2.47 9.40
CA LYS A 55 -16.46 3.86 9.78
C LYS A 55 -15.36 4.49 8.94
N ASN A 56 -15.11 5.77 9.16
CA ASN A 56 -14.08 6.49 8.43
C ASN A 56 -12.75 5.75 8.47
N ALA A 57 -12.21 5.42 7.30
CA ALA A 57 -10.94 4.71 7.22
C ALA A 57 -9.78 5.68 7.04
N VAL A 58 -8.75 5.52 7.87
CA VAL A 58 -7.57 6.38 7.82
C VAL A 58 -6.31 5.57 7.56
N PHE A 59 -5.69 5.81 6.41
CA PHE A 59 -4.47 5.09 6.04
C PHE A 59 -3.34 6.08 5.73
N HIS A 60 -2.14 5.74 6.18
CA HIS A 60 -0.97 6.59 5.96
C HIS A 60 0.19 5.78 5.39
N ILE A 61 0.42 5.92 4.09
CA ILE A 61 1.50 5.19 3.43
C ILE A 61 2.81 5.97 3.52
N LYS A 62 3.92 5.24 3.59
CA LYS A 62 5.24 5.86 3.66
C LYS A 62 6.29 5.00 2.96
N THR A 63 7.15 5.65 2.18
CA THR A 63 8.20 4.94 1.46
C THR A 63 9.26 5.92 0.94
N CYS A 64 10.34 5.37 0.40
CA CYS A 64 11.42 6.18 -0.13
C CYS A 64 11.79 5.74 -1.55
N ARG A 65 12.35 6.67 -2.32
CA ARG A 65 12.75 6.37 -3.70
C ARG A 65 13.65 5.14 -3.75
N PRO A 66 13.76 4.54 -4.95
CA PRO A 66 13.07 5.03 -6.14
C PRO A 66 11.56 4.82 -6.07
N PHE A 67 11.10 4.23 -4.97
CA PHE A 67 9.68 3.97 -4.77
C PHE A 67 9.02 5.09 -3.97
N SER A 68 8.01 5.72 -4.56
CA SER A 68 7.30 6.81 -3.91
C SER A 68 5.88 6.94 -4.45
N ILE A 69 4.99 7.44 -3.61
CA ILE A 69 3.59 7.62 -4.00
C ILE A 69 3.02 8.91 -3.43
N GLU A 70 1.89 9.35 -3.98
CA GLU A 70 1.24 10.57 -3.52
C GLU A 70 -0.24 10.57 -3.89
N PRO A 71 -1.08 11.06 -2.97
CA PRO A 71 -0.64 11.56 -1.67
C PRO A 71 -0.14 10.44 -0.76
N ALA A 72 0.83 10.77 0.09
CA ALA A 72 1.40 9.79 1.01
C ALA A 72 0.36 9.33 2.03
N ILE A 73 -0.62 10.18 2.29
CA ILE A 73 -1.68 9.86 3.25
C ILE A 73 -3.02 10.39 2.77
N GLY A 74 -4.10 9.69 3.14
CA GLY A 74 -5.44 10.11 2.74
C GLY A 74 -6.51 9.47 3.59
N THR A 75 -7.75 9.88 3.36
CA THR A 75 -8.89 9.34 4.11
C THR A 75 -10.09 9.11 3.20
N LEU A 76 -10.62 7.89 3.23
CA LEU A 76 -11.77 7.54 2.41
C LEU A 76 -13.01 7.31 3.27
N ASN A 77 -14.18 7.50 2.68
CA ASN A 77 -15.44 7.32 3.40
C ASN A 77 -16.10 6.00 3.00
N VAL A 78 -16.82 5.40 3.94
CA VAL A 78 -17.51 4.14 3.70
C VAL A 78 -18.39 4.22 2.45
N GLY A 79 -18.00 3.50 1.40
CA GLY A 79 -18.77 3.51 0.17
C GLY A 79 -18.10 4.33 -0.92
N GLU A 80 -17.52 5.46 -0.53
CA GLU A 80 -16.84 6.32 -1.49
C GLU A 80 -15.50 5.75 -1.90
N SER A 81 -15.08 6.04 -3.12
CA SER A 81 -13.81 5.55 -3.64
C SER A 81 -12.84 6.70 -3.92
N MET A 82 -11.63 6.36 -4.35
CA MET A 82 -10.62 7.36 -4.65
C MET A 82 -9.50 6.77 -5.50
N GLN A 83 -8.54 7.61 -5.88
CA GLN A 83 -7.42 7.17 -6.69
C GLN A 83 -6.10 7.58 -6.05
N LEU A 84 -5.08 6.73 -6.23
CA LEU A 84 -3.76 7.00 -5.66
C LEU A 84 -2.70 6.97 -6.75
N GLU A 85 -1.99 8.09 -6.91
CA GLU A 85 -0.93 8.19 -7.92
C GLU A 85 0.41 7.71 -7.36
N VAL A 86 0.94 6.63 -7.93
CA VAL A 86 2.21 6.08 -7.48
C VAL A 86 3.31 6.37 -8.49
N GLU A 87 4.47 6.79 -7.98
CA GLU A 87 5.61 7.11 -8.84
C GLU A 87 6.80 6.21 -8.50
N PHE A 88 7.45 5.70 -9.54
CA PHE A 88 8.61 4.83 -9.36
C PHE A 88 9.51 4.86 -10.58
N GLU A 89 10.77 5.24 -10.38
CA GLU A 89 11.74 5.32 -11.47
C GLU A 89 12.97 4.47 -11.16
N PRO A 90 13.04 3.28 -11.77
CA PRO A 90 14.17 2.36 -11.58
C PRO A 90 15.45 2.88 -12.22
N GLN A 91 16.19 3.69 -11.47
CA GLN A 91 17.44 4.25 -11.97
C GLN A 91 18.31 3.17 -12.61
N SER A 92 18.39 2.02 -11.95
CA SER A 92 19.19 0.90 -12.45
C SER A 92 18.31 -0.09 -13.21
N VAL A 93 18.73 -0.42 -14.42
CA VAL A 93 17.99 -1.36 -15.26
C VAL A 93 17.98 -2.76 -14.63
N GLY A 94 16.80 -3.37 -14.59
CA GLY A 94 16.68 -4.70 -14.02
C GLY A 94 15.35 -4.90 -13.32
N ASP A 95 15.24 -6.00 -12.57
CA ASP A 95 14.02 -6.31 -11.84
C ASP A 95 14.01 -5.65 -10.47
N HIS A 96 13.04 -4.77 -10.25
CA HIS A 96 12.92 -4.07 -8.98
C HIS A 96 11.64 -4.47 -8.24
N SER A 97 11.79 -4.86 -6.98
CA SER A 97 10.64 -5.27 -6.18
C SER A 97 10.74 -4.72 -4.76
N GLY A 98 9.62 -4.21 -4.25
CA GLY A 98 9.62 -3.66 -2.91
C GLY A 98 8.37 -4.05 -2.13
N ARG A 99 7.98 -3.20 -1.18
CA ARG A 99 6.81 -3.47 -0.36
C ARG A 99 6.22 -2.16 0.17
N LEU A 100 4.91 -2.01 0.01
CA LEU A 100 4.22 -0.81 0.48
C LEU A 100 3.59 -1.03 1.85
N ILE A 101 4.14 -0.37 2.86
CA ILE A 101 3.61 -0.50 4.22
C ILE A 101 2.67 0.64 4.57
N VAL A 102 1.41 0.30 4.82
CA VAL A 102 0.41 1.30 5.16
C VAL A 102 0.08 1.27 6.65
N CYS A 103 -0.12 2.44 7.23
CA CYS A 103 -0.44 2.55 8.65
C CYS A 103 -1.86 3.07 8.86
N TYR A 104 -2.62 2.37 9.68
CA TYR A 104 -4.01 2.76 9.96
C TYR A 104 -4.13 3.36 11.35
N ASP A 105 -5.07 4.28 11.52
CA ASP A 105 -5.30 4.93 12.81
C ASP A 105 -5.42 3.90 13.92
N THR A 106 -6.28 2.91 13.71
CA THR A 106 -6.49 1.85 14.69
C THR A 106 -5.17 1.19 15.09
N GLY A 107 -4.35 0.88 14.10
CA GLY A 107 -3.06 0.26 14.37
C GLY A 107 -2.82 -0.96 13.50
N GLU A 108 -3.40 -0.95 12.29
CA GLU A 108 -3.23 -2.06 11.36
C GLU A 108 -2.08 -1.81 10.40
N LYS A 109 -1.72 -2.82 9.63
CA LYS A 109 -0.63 -2.70 8.66
C LYS A 109 -0.83 -3.67 7.50
N VAL A 110 -0.81 -3.14 6.28
CA VAL A 110 -0.99 -3.96 5.09
C VAL A 110 0.31 -4.06 4.30
N PHE A 111 0.46 -5.17 3.57
CA PHE A 111 1.66 -5.40 2.77
C PHE A 111 1.31 -5.55 1.30
N VAL A 112 1.84 -4.66 0.47
CA VAL A 112 1.59 -4.70 -0.97
C VAL A 112 2.89 -4.71 -1.76
N SER A 113 3.27 -5.88 -2.25
CA SER A 113 4.50 -6.03 -3.02
C SER A 113 4.53 -5.03 -4.19
N LEU A 114 5.73 -4.71 -4.65
CA LEU A 114 5.90 -3.77 -5.76
C LEU A 114 6.67 -4.42 -6.90
N TYR A 115 6.48 -3.90 -8.11
CA TYR A 115 7.16 -4.42 -9.29
C TYR A 115 7.40 -3.32 -10.30
N GLY A 116 8.21 -3.62 -11.32
CA GLY A 116 8.52 -2.65 -12.34
C GLY A 116 9.77 -3.01 -13.13
N ALA A 117 9.70 -4.13 -13.84
CA ALA A 117 10.83 -4.59 -14.64
C ALA A 117 11.33 -3.49 -15.57
N ALA A 118 12.48 -2.91 -15.25
CA ALA A 118 13.07 -1.85 -16.05
C ALA A 118 13.89 -2.42 -17.21
N ILE A 119 14.12 -1.60 -18.23
CA ILE A 119 14.88 -2.03 -19.39
C ILE A 119 15.79 -0.90 -19.89
N ASP A 120 16.96 -1.28 -20.40
CA ASP A 120 17.91 -0.31 -20.92
C ASP A 120 17.47 0.21 -22.29
N MET A 121 17.32 1.52 -22.40
CA MET A 121 16.91 2.14 -23.66
C MET A 121 18.06 2.91 -24.29
N ASN A 122 19.27 2.64 -23.84
CA ASN A 122 20.46 3.31 -24.36
C ASN A 122 21.24 2.39 -25.30
N GLY A 1 19.97 -7.81 -4.07
CA GLY A 1 20.99 -7.67 -3.04
C GLY A 1 20.66 -8.44 -1.78
N SER A 2 19.54 -8.07 -1.14
CA SER A 2 19.12 -8.72 0.09
C SER A 2 18.16 -9.87 -0.22
N SER A 3 18.42 -11.02 0.40
CA SER A 3 17.58 -12.20 0.19
C SER A 3 16.34 -12.14 1.07
N GLY A 4 15.42 -13.08 0.84
CA GLY A 4 14.20 -13.12 1.63
C GLY A 4 13.00 -12.60 0.86
N SER A 5 12.85 -13.07 -0.38
CA SER A 5 11.73 -12.65 -1.22
C SER A 5 10.45 -13.39 -0.84
N SER A 6 10.57 -14.68 -0.60
CA SER A 6 9.42 -15.51 -0.23
C SER A 6 8.90 -15.12 1.15
N GLY A 7 7.61 -15.35 1.37
CA GLY A 7 7.01 -15.02 2.65
C GLY A 7 6.01 -13.88 2.55
N THR A 8 5.15 -13.94 1.55
CA THR A 8 4.14 -12.90 1.33
C THR A 8 2.78 -13.52 1.03
N GLU A 9 1.76 -12.66 0.92
CA GLU A 9 0.41 -13.12 0.64
C GLU A 9 -0.10 -14.05 1.75
N ARG A 10 0.17 -13.66 2.99
CA ARG A 10 -0.25 -14.45 4.14
C ARG A 10 -0.87 -13.55 5.21
N GLU A 11 -2.16 -13.76 5.47
CA GLU A 11 -2.87 -12.96 6.47
C GLU A 11 -3.92 -13.81 7.19
N LYS A 12 -3.78 -13.93 8.50
CA LYS A 12 -4.71 -14.70 9.31
C LYS A 12 -5.61 -13.79 10.14
N PHE A 13 -6.92 -13.99 10.02
CA PHE A 13 -7.89 -13.18 10.75
C PHE A 13 -7.82 -13.48 12.24
N ILE A 14 -7.47 -12.46 13.03
CA ILE A 14 -7.37 -12.61 14.47
C ILE A 14 -8.08 -11.48 15.20
N VAL A 15 -8.83 -11.83 16.23
CA VAL A 15 -9.56 -10.83 17.02
C VAL A 15 -8.94 -10.66 18.40
N PRO A 16 -8.98 -9.42 18.92
CA PRO A 16 -8.44 -9.10 20.25
C PRO A 16 -9.26 -9.71 21.38
N ILE A 17 -8.65 -9.80 22.56
CA ILE A 17 -9.32 -10.36 23.72
C ILE A 17 -10.75 -9.84 23.84
N LYS A 18 -10.88 -8.52 24.01
CA LYS A 18 -12.19 -7.90 24.13
C LYS A 18 -12.17 -6.49 23.53
N ALA A 19 -12.77 -6.35 22.35
CA ALA A 19 -12.83 -5.06 21.67
C ALA A 19 -14.14 -4.90 20.92
N ARG A 20 -14.68 -3.68 20.92
CA ARG A 20 -15.93 -3.39 20.25
C ARG A 20 -15.98 -1.95 19.78
N GLY A 21 -16.16 -1.75 18.47
CA GLY A 21 -16.22 -0.40 17.92
C GLY A 21 -16.17 -0.41 16.41
N ALA A 22 -16.42 0.76 15.81
CA ALA A 22 -16.39 0.89 14.36
C ALA A 22 -14.97 0.86 13.82
N ARG A 23 -14.68 -0.12 12.97
CA ARG A 23 -13.35 -0.26 12.38
C ARG A 23 -13.33 0.23 10.95
N ALA A 24 -12.14 0.29 10.36
CA ALA A 24 -11.99 0.75 8.98
C ALA A 24 -11.19 -0.26 8.16
N ILE A 25 -11.58 -0.43 6.90
CA ILE A 25 -10.91 -1.37 6.01
C ILE A 25 -10.91 -0.86 4.58
N LEU A 26 -9.79 -1.03 3.88
CA LEU A 26 -9.68 -0.59 2.50
C LEU A 26 -9.48 -1.78 1.56
N ASP A 27 -9.51 -1.52 0.27
CA ASP A 27 -9.34 -2.57 -0.73
C ASP A 27 -8.08 -2.33 -1.57
N PHE A 28 -7.05 -3.14 -1.31
CA PHE A 28 -5.79 -3.00 -2.04
C PHE A 28 -5.39 -4.33 -2.68
N PRO A 29 -4.79 -4.25 -3.87
CA PRO A 29 -4.35 -5.43 -4.61
C PRO A 29 -3.17 -6.13 -3.96
N ASP A 30 -3.06 -7.43 -4.17
CA ASP A 30 -1.97 -8.22 -3.60
C ASP A 30 -0.64 -7.52 -3.80
N LYS A 31 -0.41 -7.02 -5.01
CA LYS A 31 0.84 -6.33 -5.33
C LYS A 31 0.65 -5.41 -6.53
N LEU A 32 1.64 -4.55 -6.78
CA LEU A 32 1.58 -3.63 -7.91
C LEU A 32 2.43 -4.13 -9.07
N ASN A 33 1.77 -4.57 -10.13
CA ASN A 33 2.47 -5.08 -11.31
C ASN A 33 2.71 -3.96 -12.32
N PHE A 34 3.97 -3.56 -12.47
CA PHE A 34 4.33 -2.51 -13.41
C PHE A 34 4.89 -3.09 -14.70
N SER A 35 4.10 -3.01 -15.76
CA SER A 35 4.51 -3.53 -17.07
C SER A 35 5.88 -2.98 -17.46
N THR A 36 6.37 -3.42 -18.62
CA THR A 36 7.67 -2.97 -19.11
C THR A 36 7.75 -1.44 -19.13
N CYS A 37 8.65 -0.90 -18.32
CA CYS A 37 8.84 0.55 -18.24
C CYS A 37 10.30 0.92 -18.44
N PRO A 38 10.53 2.18 -18.86
CA PRO A 38 11.89 2.69 -19.10
C PRO A 38 12.67 2.87 -17.81
N VAL A 39 13.94 2.48 -17.84
CA VAL A 39 14.80 2.60 -16.67
C VAL A 39 15.01 4.07 -16.29
N LYS A 40 15.57 4.84 -17.20
CA LYS A 40 15.82 6.25 -16.97
C LYS A 40 14.52 7.00 -16.73
N TYR A 41 13.68 7.05 -17.76
CA TYR A 41 12.39 7.75 -17.66
C TYR A 41 11.61 7.27 -16.45
N SER A 42 10.78 8.15 -15.91
CA SER A 42 9.97 7.82 -14.74
C SER A 42 8.65 7.18 -15.15
N THR A 43 8.08 6.39 -14.25
CA THR A 43 6.81 5.71 -14.53
C THR A 43 5.71 6.20 -13.59
N GLN A 44 4.48 6.21 -14.08
CA GLN A 44 3.34 6.66 -13.29
C GLN A 44 2.16 5.71 -13.45
N LYS A 45 1.35 5.60 -12.41
CA LYS A 45 0.18 4.72 -12.43
C LYS A 45 -0.82 5.14 -11.36
N ILE A 46 -2.09 4.78 -11.57
CA ILE A 46 -3.15 5.11 -10.62
C ILE A 46 -3.79 3.85 -10.06
N LEU A 47 -4.14 3.90 -8.78
CA LEU A 47 -4.77 2.76 -8.12
C LEU A 47 -6.07 3.16 -7.45
N LEU A 48 -7.19 2.69 -7.99
CA LEU A 48 -8.50 3.01 -7.45
C LEU A 48 -8.75 2.24 -6.16
N VAL A 49 -8.99 2.97 -5.08
CA VAL A 49 -9.25 2.36 -3.78
C VAL A 49 -10.68 2.61 -3.33
N ARG A 50 -11.31 1.56 -2.79
CA ARG A 50 -12.69 1.66 -2.32
C ARG A 50 -12.81 1.19 -0.88
N ASN A 51 -13.31 2.07 -0.02
CA ASN A 51 -13.48 1.74 1.39
C ASN A 51 -14.55 0.68 1.58
N ILE A 52 -14.16 -0.47 2.15
CA ILE A 52 -15.10 -1.57 2.38
C ILE A 52 -15.44 -1.68 3.87
N GLY A 53 -15.08 -0.66 4.64
CA GLY A 53 -15.36 -0.67 6.06
C GLY A 53 -16.72 -0.11 6.39
N ASN A 54 -16.92 0.29 7.64
CA ASN A 54 -18.19 0.85 8.08
C ASN A 54 -18.03 2.32 8.49
N LYS A 55 -16.88 2.64 9.07
CA LYS A 55 -16.59 4.00 9.51
C LYS A 55 -15.47 4.61 8.69
N ASN A 56 -15.22 5.90 8.89
CA ASN A 56 -14.16 6.60 8.18
C ASN A 56 -12.83 5.87 8.32
N ALA A 57 -12.21 5.57 7.18
CA ALA A 57 -10.92 4.87 7.17
C ALA A 57 -9.76 5.85 7.10
N VAL A 58 -8.79 5.69 7.98
CA VAL A 58 -7.62 6.55 8.00
C VAL A 58 -6.33 5.75 7.85
N PHE A 59 -5.70 5.88 6.69
CA PHE A 59 -4.45 5.16 6.42
C PHE A 59 -3.35 6.12 6.01
N HIS A 60 -2.13 5.85 6.46
CA HIS A 60 -0.98 6.70 6.14
C HIS A 60 0.17 5.86 5.59
N ILE A 61 0.35 5.93 4.27
CA ILE A 61 1.43 5.18 3.61
C ILE A 61 2.75 5.94 3.68
N LYS A 62 3.85 5.20 3.65
CA LYS A 62 5.17 5.80 3.70
C LYS A 62 6.17 5.00 2.86
N THR A 63 7.05 5.69 2.16
CA THR A 63 8.06 5.05 1.33
C THR A 63 9.15 6.03 0.93
N CYS A 64 10.16 5.53 0.22
CA CYS A 64 11.27 6.36 -0.23
C CYS A 64 11.77 5.92 -1.60
N ARG A 65 12.41 6.83 -2.31
CA ARG A 65 12.93 6.54 -3.64
C ARG A 65 13.79 5.28 -3.63
N PRO A 66 13.94 4.64 -4.80
CA PRO A 66 13.32 5.12 -6.03
C PRO A 66 11.80 4.96 -6.03
N PHE A 67 11.27 4.43 -4.93
CA PHE A 67 9.84 4.21 -4.79
C PHE A 67 9.18 5.39 -4.06
N SER A 68 8.11 5.92 -4.64
CA SER A 68 7.39 7.04 -4.05
C SER A 68 5.94 7.07 -4.52
N ILE A 69 5.08 7.69 -3.72
CA ILE A 69 3.66 7.79 -4.05
C ILE A 69 3.01 8.95 -3.32
N GLU A 70 1.79 9.28 -3.72
CA GLU A 70 1.05 10.38 -3.11
C GLU A 70 -0.41 10.36 -3.54
N PRO A 71 -1.29 10.91 -2.68
CA PRO A 71 -0.87 11.49 -1.40
C PRO A 71 -0.40 10.44 -0.40
N ALA A 72 0.77 10.67 0.18
CA ALA A 72 1.33 9.74 1.15
C ALA A 72 0.27 9.29 2.16
N ILE A 73 -0.70 10.15 2.41
CA ILE A 73 -1.77 9.84 3.36
C ILE A 73 -3.10 10.38 2.86
N GLY A 74 -4.18 9.69 3.23
CA GLY A 74 -5.51 10.12 2.82
C GLY A 74 -6.60 9.51 3.67
N THR A 75 -7.82 10.02 3.53
CA THR A 75 -8.96 9.54 4.29
C THR A 75 -10.12 9.17 3.38
N LEU A 76 -10.40 7.87 3.27
CA LEU A 76 -11.49 7.40 2.43
C LEU A 76 -12.67 6.92 3.28
N ASN A 77 -13.87 7.29 2.86
CA ASN A 77 -15.08 6.90 3.59
C ASN A 77 -15.78 5.72 2.89
N VAL A 78 -16.69 5.09 3.60
CA VAL A 78 -17.43 3.95 3.06
C VAL A 78 -18.36 4.39 1.93
N GLY A 79 -18.33 3.66 0.82
CA GLY A 79 -19.17 3.99 -0.31
C GLY A 79 -18.43 4.78 -1.38
N GLU A 80 -17.53 5.65 -0.94
CA GLU A 80 -16.76 6.47 -1.88
C GLU A 80 -15.41 5.82 -2.17
N SER A 81 -14.79 6.23 -3.28
CA SER A 81 -13.50 5.69 -3.68
C SER A 81 -12.49 6.81 -3.94
N MET A 82 -11.27 6.43 -4.26
CA MET A 82 -10.21 7.41 -4.54
C MET A 82 -9.14 6.80 -5.43
N GLN A 83 -8.17 7.62 -5.82
CA GLN A 83 -7.08 7.18 -6.68
C GLN A 83 -5.72 7.51 -6.06
N LEU A 84 -4.75 6.62 -6.28
CA LEU A 84 -3.41 6.83 -5.74
C LEU A 84 -2.37 6.81 -6.86
N GLU A 85 -1.73 7.96 -7.08
CA GLU A 85 -0.70 8.08 -8.11
C GLU A 85 0.65 7.65 -7.59
N VAL A 86 1.07 6.43 -7.96
CA VAL A 86 2.35 5.90 -7.52
C VAL A 86 3.47 6.26 -8.51
N GLU A 87 4.56 6.79 -7.98
CA GLU A 87 5.69 7.19 -8.82
C GLU A 87 6.91 6.33 -8.52
N PHE A 88 7.52 5.79 -9.57
CA PHE A 88 8.70 4.95 -9.40
C PHE A 88 9.61 5.04 -10.64
N GLU A 89 10.80 5.61 -10.45
CA GLU A 89 11.74 5.77 -11.55
C GLU A 89 13.11 5.20 -11.16
N PRO A 90 13.40 3.99 -11.67
CA PRO A 90 14.67 3.31 -11.39
C PRO A 90 15.86 3.99 -12.07
N GLN A 91 17.06 3.54 -11.75
CA GLN A 91 18.27 4.09 -12.33
C GLN A 91 19.03 3.05 -13.14
N SER A 92 18.98 1.81 -12.67
CA SER A 92 19.67 0.71 -13.35
C SER A 92 18.67 -0.29 -13.92
N VAL A 93 18.74 -0.53 -15.22
CA VAL A 93 17.85 -1.46 -15.89
C VAL A 93 17.88 -2.83 -15.21
N GLY A 94 16.71 -3.38 -14.94
CA GLY A 94 16.62 -4.68 -14.30
C GLY A 94 15.25 -4.96 -13.72
N ASP A 95 15.18 -5.85 -12.74
CA ASP A 95 13.92 -6.20 -12.10
C ASP A 95 13.99 -5.96 -10.60
N HIS A 96 13.22 -4.97 -10.13
CA HIS A 96 13.19 -4.64 -8.72
C HIS A 96 11.90 -5.11 -8.08
N SER A 97 11.95 -5.38 -6.77
CA SER A 97 10.78 -5.85 -6.04
C SER A 97 10.79 -5.34 -4.60
N GLY A 98 9.73 -4.64 -4.22
CA GLY A 98 9.63 -4.09 -2.87
C GLY A 98 8.29 -4.36 -2.24
N ARG A 99 7.85 -3.43 -1.39
CA ARG A 99 6.57 -3.58 -0.70
C ARG A 99 6.15 -2.26 -0.06
N LEU A 100 4.84 -2.06 0.08
CA LEU A 100 4.31 -0.84 0.68
C LEU A 100 3.59 -1.16 1.99
N ILE A 101 4.00 -0.46 3.05
CA ILE A 101 3.39 -0.66 4.36
C ILE A 101 2.39 0.45 4.68
N VAL A 102 1.13 0.05 4.92
CA VAL A 102 0.08 1.01 5.24
C VAL A 102 -0.33 0.91 6.70
N CYS A 103 -0.15 2.00 7.43
CA CYS A 103 -0.50 2.04 8.84
C CYS A 103 -1.94 2.53 9.04
N TYR A 104 -2.72 1.79 9.81
CA TYR A 104 -4.10 2.14 10.07
C TYR A 104 -4.25 2.82 11.43
N ASP A 105 -5.22 3.73 11.52
CA ASP A 105 -5.46 4.46 12.77
C ASP A 105 -5.56 3.50 13.94
N THR A 106 -6.23 2.37 13.73
CA THR A 106 -6.40 1.37 14.78
C THR A 106 -5.09 0.63 15.05
N GLY A 107 -4.36 0.32 13.99
CA GLY A 107 -3.09 -0.38 14.13
C GLY A 107 -2.86 -1.38 13.01
N GLU A 108 -3.93 -1.76 12.32
CA GLU A 108 -3.83 -2.71 11.22
C GLU A 108 -2.75 -2.29 10.23
N LYS A 109 -2.13 -3.27 9.59
CA LYS A 109 -1.08 -3.00 8.61
C LYS A 109 -1.20 -3.93 7.41
N VAL A 110 -0.86 -3.42 6.23
CA VAL A 110 -0.92 -4.20 5.01
C VAL A 110 0.40 -4.18 4.25
N PHE A 111 0.64 -5.21 3.46
CA PHE A 111 1.88 -5.30 2.68
C PHE A 111 1.57 -5.49 1.19
N VAL A 112 1.94 -4.50 0.39
CA VAL A 112 1.72 -4.55 -1.05
C VAL A 112 3.03 -4.61 -1.82
N SER A 113 3.37 -5.80 -2.31
CA SER A 113 4.61 -5.99 -3.06
C SER A 113 4.72 -4.97 -4.18
N LEU A 114 5.94 -4.52 -4.45
CA LEU A 114 6.19 -3.54 -5.50
C LEU A 114 6.93 -4.18 -6.67
N TYR A 115 6.64 -3.71 -7.88
CA TYR A 115 7.29 -4.23 -9.08
C TYR A 115 7.47 -3.13 -10.12
N GLY A 116 8.26 -3.43 -11.15
CA GLY A 116 8.49 -2.46 -12.21
C GLY A 116 9.68 -2.83 -13.07
N ALA A 117 9.57 -3.94 -13.79
CA ALA A 117 10.64 -4.40 -14.66
C ALA A 117 11.09 -3.30 -15.60
N ALA A 118 12.23 -2.68 -15.28
CA ALA A 118 12.77 -1.60 -16.10
C ALA A 118 13.67 -2.15 -17.20
N ILE A 119 13.70 -1.46 -18.34
CA ILE A 119 14.52 -1.88 -19.47
C ILE A 119 15.57 -0.82 -19.81
N ASP A 120 16.40 -1.12 -20.80
CA ASP A 120 17.44 -0.20 -21.23
C ASP A 120 17.16 0.32 -22.64
N MET A 121 16.81 1.59 -22.75
CA MET A 121 16.52 2.20 -24.05
C MET A 121 17.67 3.09 -24.50
N ASN A 122 18.56 3.43 -23.57
CA ASN A 122 19.71 4.26 -23.88
C ASN A 122 20.52 3.68 -25.02
N GLY A 1 28.02 -19.05 6.62
CA GLY A 1 27.14 -20.19 6.68
C GLY A 1 26.43 -20.44 5.36
N SER A 2 26.52 -21.67 4.88
CA SER A 2 25.90 -22.05 3.61
C SER A 2 24.59 -22.81 3.86
N SER A 3 23.47 -22.12 3.65
CA SER A 3 22.16 -22.72 3.85
C SER A 3 21.07 -21.90 3.17
N GLY A 4 19.95 -22.55 2.88
CA GLY A 4 18.84 -21.86 2.21
C GLY A 4 17.87 -21.25 3.20
N SER A 5 16.85 -20.57 2.68
CA SER A 5 15.85 -19.94 3.52
C SER A 5 14.59 -20.79 3.61
N SER A 6 14.35 -21.36 4.78
CA SER A 6 13.18 -22.22 4.99
C SER A 6 12.49 -21.87 6.32
N GLY A 7 11.21 -22.18 6.40
CA GLY A 7 10.46 -21.90 7.61
C GLY A 7 9.02 -22.35 7.52
N THR A 8 8.24 -22.07 8.57
CA THR A 8 6.83 -22.45 8.60
C THR A 8 5.98 -21.35 9.22
N GLU A 9 4.73 -21.27 8.80
CA GLU A 9 3.80 -20.27 9.32
C GLU A 9 2.35 -20.68 9.08
N ARG A 10 1.43 -19.97 9.72
CA ARG A 10 0.00 -20.26 9.59
C ARG A 10 -0.83 -19.00 9.78
N GLU A 11 -1.56 -18.62 8.74
CA GLU A 11 -2.40 -17.43 8.79
C GLU A 11 -3.86 -17.79 8.53
N LYS A 12 -4.68 -17.67 9.58
CA LYS A 12 -6.10 -17.98 9.46
C LYS A 12 -6.88 -16.79 8.94
N PHE A 13 -7.80 -17.05 8.01
CA PHE A 13 -8.61 -15.99 7.42
C PHE A 13 -10.05 -16.08 7.91
N ILE A 14 -10.26 -16.79 9.01
CA ILE A 14 -11.59 -16.96 9.58
C ILE A 14 -11.87 -15.88 10.63
N VAL A 15 -13.08 -15.34 10.60
CA VAL A 15 -13.48 -14.31 11.54
C VAL A 15 -13.71 -14.88 12.93
N PRO A 16 -13.46 -14.07 13.97
CA PRO A 16 -13.63 -14.47 15.36
C PRO A 16 -15.09 -14.66 15.73
N ILE A 17 -15.43 -15.83 16.26
CA ILE A 17 -16.79 -16.14 16.67
C ILE A 17 -17.49 -14.90 17.23
N LYS A 18 -16.87 -14.27 18.23
CA LYS A 18 -17.42 -13.08 18.85
C LYS A 18 -16.78 -11.82 18.27
N ALA A 19 -17.61 -10.89 17.82
CA ALA A 19 -17.12 -9.64 17.25
C ALA A 19 -18.15 -8.52 17.43
N ARG A 20 -17.81 -7.55 18.28
CA ARG A 20 -18.70 -6.43 18.53
C ARG A 20 -17.97 -5.10 18.34
N GLY A 21 -18.31 -4.39 17.28
CA GLY A 21 -17.67 -3.11 17.00
C GLY A 21 -17.66 -2.76 15.53
N ALA A 22 -16.73 -1.90 15.13
CA ALA A 22 -16.63 -1.49 13.74
C ALA A 22 -15.18 -1.20 13.35
N ARG A 23 -14.61 -2.06 12.52
CA ARG A 23 -13.22 -1.90 12.09
C ARG A 23 -13.17 -1.43 10.64
N ALA A 24 -12.49 -0.31 10.42
CA ALA A 24 -12.35 0.25 9.07
C ALA A 24 -11.55 -0.68 8.17
N ILE A 25 -11.93 -0.75 6.90
CA ILE A 25 -11.24 -1.59 5.94
C ILE A 25 -11.25 -0.96 4.55
N LEU A 26 -10.13 -1.12 3.83
CA LEU A 26 -10.01 -0.57 2.49
C LEU A 26 -9.86 -1.69 1.45
N ASP A 27 -9.86 -1.30 0.18
CA ASP A 27 -9.72 -2.27 -0.90
C ASP A 27 -8.37 -2.11 -1.61
N PHE A 28 -7.45 -3.02 -1.32
CA PHE A 28 -6.13 -2.97 -1.94
C PHE A 28 -5.76 -4.32 -2.53
N PRO A 29 -5.08 -4.29 -3.69
CA PRO A 29 -4.65 -5.51 -4.39
C PRO A 29 -3.54 -6.25 -3.65
N ASP A 30 -3.13 -7.38 -4.20
CA ASP A 30 -2.07 -8.19 -3.58
C ASP A 30 -0.70 -7.54 -3.82
N LYS A 31 -0.47 -7.10 -5.05
CA LYS A 31 0.79 -6.46 -5.40
C LYS A 31 0.65 -5.62 -6.67
N LEU A 32 1.55 -4.67 -6.85
CA LEU A 32 1.52 -3.79 -8.01
C LEU A 32 2.54 -4.24 -9.06
N ASN A 33 2.05 -4.81 -10.16
CA ASN A 33 2.92 -5.27 -11.23
C ASN A 33 3.07 -4.21 -12.31
N PHE A 34 4.27 -3.66 -12.44
CA PHE A 34 4.54 -2.63 -13.43
C PHE A 34 5.09 -3.25 -14.70
N SER A 35 4.29 -3.22 -15.77
CA SER A 35 4.70 -3.78 -17.04
C SER A 35 6.05 -3.22 -17.48
N THR A 36 6.53 -3.69 -18.63
CA THR A 36 7.81 -3.24 -19.16
C THR A 36 7.87 -1.71 -19.22
N CYS A 37 8.64 -1.12 -18.31
CA CYS A 37 8.78 0.34 -18.26
C CYS A 37 10.22 0.75 -18.56
N PRO A 38 10.39 1.99 -19.03
CA PRO A 38 11.71 2.54 -19.36
C PRO A 38 12.56 2.79 -18.12
N VAL A 39 13.82 2.39 -18.19
CA VAL A 39 14.75 2.57 -17.07
C VAL A 39 14.93 4.05 -16.74
N LYS A 40 15.40 4.81 -17.73
CA LYS A 40 15.62 6.24 -17.53
C LYS A 40 14.31 6.96 -17.22
N TYR A 41 13.40 6.96 -18.19
CA TYR A 41 12.10 7.61 -18.02
C TYR A 41 11.42 7.12 -16.74
N SER A 42 10.54 7.96 -16.19
CA SER A 42 9.82 7.63 -14.97
C SER A 42 8.51 6.92 -15.29
N THR A 43 8.00 6.15 -14.35
CA THR A 43 6.75 5.42 -14.54
C THR A 43 5.69 5.88 -13.53
N GLN A 44 4.45 5.97 -14.00
CA GLN A 44 3.36 6.40 -13.13
C GLN A 44 2.16 5.46 -13.27
N LYS A 45 1.33 5.41 -12.23
CA LYS A 45 0.16 4.55 -12.24
C LYS A 45 -0.84 4.98 -11.15
N ILE A 46 -2.11 4.65 -11.35
CA ILE A 46 -3.14 4.99 -10.39
C ILE A 46 -3.82 3.75 -9.83
N LEU A 47 -4.36 3.85 -8.62
CA LEU A 47 -5.03 2.74 -7.98
C LEU A 47 -6.32 3.19 -7.32
N LEU A 48 -7.45 2.72 -7.85
CA LEU A 48 -8.76 3.07 -7.32
C LEU A 48 -9.03 2.35 -6.00
N VAL A 49 -9.21 3.12 -4.93
CA VAL A 49 -9.48 2.55 -3.62
C VAL A 49 -10.92 2.84 -3.17
N ARG A 50 -11.61 1.80 -2.71
CA ARG A 50 -12.98 1.95 -2.26
C ARG A 50 -13.12 1.51 -0.80
N ASN A 51 -13.46 2.45 0.07
CA ASN A 51 -13.63 2.17 1.49
C ASN A 51 -14.76 1.18 1.71
N ILE A 52 -14.41 -0.08 1.97
CA ILE A 52 -15.39 -1.12 2.21
C ILE A 52 -15.64 -1.31 3.70
N GLY A 53 -15.15 -0.37 4.50
CA GLY A 53 -15.34 -0.46 5.94
C GLY A 53 -16.68 0.09 6.39
N ASN A 54 -16.87 0.18 7.69
CA ASN A 54 -18.12 0.68 8.25
C ASN A 54 -18.01 2.18 8.55
N LYS A 55 -16.95 2.57 9.26
CA LYS A 55 -16.73 3.96 9.61
C LYS A 55 -15.56 4.54 8.82
N ASN A 56 -15.29 5.83 9.02
CA ASN A 56 -14.20 6.50 8.33
C ASN A 56 -12.90 5.73 8.49
N ALA A 57 -12.12 5.65 7.41
CA ALA A 57 -10.85 4.95 7.43
C ALA A 57 -9.69 5.91 7.22
N VAL A 58 -8.69 5.84 8.10
CA VAL A 58 -7.53 6.70 8.01
C VAL A 58 -6.25 5.89 7.77
N PHE A 59 -5.65 6.08 6.60
CA PHE A 59 -4.42 5.37 6.25
C PHE A 59 -3.29 6.34 5.96
N HIS A 60 -2.06 5.92 6.25
CA HIS A 60 -0.88 6.75 6.02
C HIS A 60 0.25 5.93 5.42
N ILE A 61 0.44 6.06 4.11
CA ILE A 61 1.50 5.34 3.41
C ILE A 61 2.77 6.18 3.32
N LYS A 62 3.92 5.51 3.31
CA LYS A 62 5.20 6.19 3.23
C LYS A 62 6.26 5.29 2.58
N THR A 63 7.04 5.86 1.68
CA THR A 63 8.09 5.11 0.99
C THR A 63 9.23 6.02 0.54
N CYS A 64 10.30 5.42 0.06
CA CYS A 64 11.46 6.18 -0.41
C CYS A 64 11.78 5.85 -1.86
N ARG A 65 12.34 6.83 -2.57
CA ARG A 65 12.70 6.64 -3.97
C ARG A 65 13.56 5.38 -4.14
N PRO A 66 13.64 4.89 -5.40
CA PRO A 66 12.95 5.50 -6.53
C PRO A 66 11.45 5.32 -6.46
N PHE A 67 10.97 4.73 -5.37
CA PHE A 67 9.54 4.49 -5.18
C PHE A 67 8.92 5.62 -4.35
N SER A 68 7.89 6.25 -4.90
CA SER A 68 7.20 7.34 -4.23
C SER A 68 5.78 7.50 -4.74
N ILE A 69 4.83 7.60 -3.82
CA ILE A 69 3.42 7.76 -4.18
C ILE A 69 2.79 8.92 -3.44
N GLU A 70 1.63 9.37 -3.92
CA GLU A 70 0.92 10.47 -3.30
C GLU A 70 -0.56 10.45 -3.67
N PRO A 71 -1.40 10.99 -2.77
CA PRO A 71 -0.95 11.56 -1.50
C PRO A 71 -0.42 10.50 -0.53
N ALA A 72 0.71 10.78 0.08
CA ALA A 72 1.31 9.85 1.03
C ALA A 72 0.33 9.46 2.12
N ILE A 73 -0.61 10.36 2.42
CA ILE A 73 -1.62 10.11 3.43
C ILE A 73 -2.95 10.75 3.07
N GLY A 74 -4.04 10.14 3.51
CA GLY A 74 -5.36 10.67 3.22
C GLY A 74 -6.46 9.89 3.89
N THR A 75 -7.66 10.48 3.96
CA THR A 75 -8.80 9.83 4.58
C THR A 75 -9.90 9.54 3.57
N LEU A 76 -10.44 8.33 3.62
CA LEU A 76 -11.51 7.94 2.70
C LEU A 76 -12.75 7.50 3.47
N ASN A 77 -13.92 7.84 2.93
CA ASN A 77 -15.19 7.49 3.56
C ASN A 77 -15.80 6.26 2.88
N VAL A 78 -16.61 5.52 3.64
CA VAL A 78 -17.27 4.33 3.11
C VAL A 78 -18.14 4.66 1.92
N GLY A 79 -18.32 3.69 1.03
CA GLY A 79 -19.13 3.90 -0.15
C GLY A 79 -18.40 4.65 -1.24
N GLU A 80 -17.63 5.67 -0.84
CA GLU A 80 -16.89 6.47 -1.79
C GLU A 80 -15.55 5.81 -2.12
N SER A 81 -14.83 6.38 -3.08
CA SER A 81 -13.53 5.85 -3.50
C SER A 81 -12.56 6.97 -3.83
N MET A 82 -11.33 6.60 -4.18
CA MET A 82 -10.31 7.58 -4.52
C MET A 82 -9.27 6.96 -5.44
N GLN A 83 -8.35 7.80 -5.93
CA GLN A 83 -7.29 7.33 -6.83
C GLN A 83 -5.92 7.66 -6.26
N LEU A 84 -5.10 6.64 -6.05
CA LEU A 84 -3.76 6.83 -5.51
C LEU A 84 -2.71 6.70 -6.62
N GLU A 85 -1.94 7.76 -6.81
CA GLU A 85 -0.90 7.77 -7.83
C GLU A 85 0.42 7.23 -7.27
N VAL A 86 1.09 6.39 -8.06
CA VAL A 86 2.36 5.80 -7.65
C VAL A 86 3.45 6.09 -8.67
N GLU A 87 4.42 6.92 -8.27
CA GLU A 87 5.53 7.28 -9.15
C GLU A 87 6.76 6.42 -8.84
N PHE A 88 7.38 5.89 -9.89
CA PHE A 88 8.57 5.06 -9.73
C PHE A 88 9.41 5.08 -11.00
N GLU A 89 10.64 5.60 -10.89
CA GLU A 89 11.54 5.69 -12.03
C GLU A 89 12.83 4.90 -11.75
N PRO A 90 12.92 3.69 -12.33
CA PRO A 90 14.09 2.82 -12.16
C PRO A 90 15.32 3.37 -12.88
N GLN A 91 16.06 4.22 -12.19
CA GLN A 91 17.28 4.81 -12.75
C GLN A 91 18.18 3.74 -13.36
N SER A 92 18.27 2.61 -12.68
CA SER A 92 19.10 1.50 -13.15
C SER A 92 18.26 0.46 -13.88
N VAL A 93 18.91 -0.32 -14.74
CA VAL A 93 18.22 -1.36 -15.50
C VAL A 93 18.19 -2.67 -14.75
N GLY A 94 17.03 -3.31 -14.72
CA GLY A 94 16.88 -4.58 -14.02
C GLY A 94 15.59 -4.66 -13.24
N ASP A 95 15.28 -5.86 -12.75
CA ASP A 95 14.05 -6.08 -11.98
C ASP A 95 14.06 -5.24 -10.71
N HIS A 96 12.98 -4.51 -10.48
CA HIS A 96 12.86 -3.68 -9.29
C HIS A 96 11.63 -4.06 -8.47
N SER A 97 11.87 -4.68 -7.32
CA SER A 97 10.77 -5.10 -6.44
C SER A 97 10.94 -4.49 -5.05
N GLY A 98 9.81 -4.22 -4.40
CA GLY A 98 9.83 -3.64 -3.07
C GLY A 98 8.64 -4.05 -2.23
N ARG A 99 8.22 -3.18 -1.34
CA ARG A 99 7.08 -3.46 -0.46
C ARG A 99 6.47 -2.16 0.06
N LEU A 100 5.16 -2.02 -0.09
CA LEU A 100 4.45 -0.84 0.37
C LEU A 100 3.68 -1.13 1.65
N ILE A 101 4.14 -0.54 2.76
CA ILE A 101 3.48 -0.74 4.04
C ILE A 101 2.53 0.41 4.35
N VAL A 102 1.28 0.07 4.66
CA VAL A 102 0.27 1.06 4.98
C VAL A 102 -0.06 1.06 6.47
N CYS A 103 0.23 2.17 7.13
CA CYS A 103 -0.03 2.30 8.56
C CYS A 103 -1.40 2.94 8.81
N TYR A 104 -2.27 2.20 9.48
CA TYR A 104 -3.61 2.69 9.78
C TYR A 104 -3.65 3.42 11.12
N ASP A 105 -4.66 4.25 11.31
CA ASP A 105 -4.80 5.01 12.55
C ASP A 105 -5.17 4.10 13.72
N THR A 106 -5.87 3.02 13.41
CA THR A 106 -6.28 2.06 14.44
C THR A 106 -5.13 1.12 14.80
N GLY A 107 -4.28 0.83 13.83
CA GLY A 107 -3.14 -0.04 14.07
C GLY A 107 -2.92 -1.03 12.95
N GLU A 108 -3.99 -1.33 12.21
CA GLU A 108 -3.91 -2.27 11.10
C GLU A 108 -2.77 -1.88 10.14
N LYS A 109 -2.16 -2.89 9.54
CA LYS A 109 -1.06 -2.66 8.61
C LYS A 109 -1.12 -3.65 7.44
N VAL A 110 -1.02 -3.12 6.22
CA VAL A 110 -1.06 -3.96 5.03
C VAL A 110 0.25 -3.88 4.26
N PHE A 111 0.58 -4.94 3.53
CA PHE A 111 1.80 -4.99 2.75
C PHE A 111 1.49 -5.25 1.27
N VAL A 112 1.89 -4.32 0.41
CA VAL A 112 1.66 -4.45 -1.02
C VAL A 112 2.97 -4.46 -1.79
N SER A 113 3.34 -5.64 -2.29
CA SER A 113 4.58 -5.80 -3.05
C SER A 113 4.66 -4.77 -4.18
N LEU A 114 5.85 -4.61 -4.74
CA LEU A 114 6.06 -3.67 -5.84
C LEU A 114 6.74 -4.36 -7.02
N TYR A 115 6.75 -3.67 -8.16
CA TYR A 115 7.36 -4.21 -9.37
C TYR A 115 7.65 -3.10 -10.38
N GLY A 116 8.40 -3.44 -11.42
CA GLY A 116 8.72 -2.47 -12.44
C GLY A 116 9.95 -2.86 -13.25
N ALA A 117 9.86 -4.00 -13.94
CA ALA A 117 10.97 -4.48 -14.75
C ALA A 117 11.46 -3.41 -15.71
N ALA A 118 12.61 -2.83 -15.40
CA ALA A 118 13.19 -1.78 -16.24
C ALA A 118 14.12 -2.37 -17.29
N ILE A 119 14.21 -1.71 -18.43
CA ILE A 119 15.07 -2.17 -19.52
C ILE A 119 15.96 -1.05 -20.03
N ASP A 120 17.19 -1.41 -20.42
CA ASP A 120 18.14 -0.43 -20.94
C ASP A 120 17.52 0.40 -22.05
N MET A 121 16.59 -0.19 -22.78
CA MET A 121 15.92 0.50 -23.87
C MET A 121 16.93 1.00 -24.90
N ASN A 122 18.02 0.25 -25.07
CA ASN A 122 19.06 0.62 -26.02
C ASN A 122 18.70 0.15 -27.43
N GLY A 1 14.69 11.74 39.98
CA GLY A 1 14.29 11.14 38.72
C GLY A 1 13.99 9.66 38.84
N SER A 2 12.84 9.25 38.31
CA SER A 2 12.44 7.85 38.36
C SER A 2 12.13 7.31 36.98
N SER A 3 12.03 5.99 36.87
CA SER A 3 11.75 5.35 35.59
C SER A 3 10.83 4.15 35.77
N GLY A 4 9.94 3.93 34.82
CA GLY A 4 9.01 2.81 34.89
C GLY A 4 9.40 1.68 33.97
N SER A 5 8.40 0.98 33.45
CA SER A 5 8.64 -0.15 32.55
C SER A 5 8.11 0.14 31.15
N SER A 6 8.64 -0.56 30.15
CA SER A 6 8.22 -0.37 28.78
C SER A 6 7.03 -1.26 28.44
N GLY A 7 7.16 -2.55 28.73
CA GLY A 7 6.08 -3.49 28.46
C GLY A 7 6.58 -4.91 28.25
N THR A 8 5.66 -5.84 28.06
CA THR A 8 6.00 -7.24 27.86
C THR A 8 5.00 -7.93 26.95
N GLU A 9 5.49 -8.87 26.14
CA GLU A 9 4.64 -9.61 25.23
C GLU A 9 3.96 -10.78 25.92
N ARG A 10 2.76 -11.12 25.47
CA ARG A 10 2.00 -12.22 26.05
C ARG A 10 1.46 -13.14 24.97
N GLU A 11 0.98 -14.31 25.38
CA GLU A 11 0.44 -15.29 24.44
C GLU A 11 -0.85 -14.77 23.80
N LYS A 12 -1.14 -15.25 22.59
CA LYS A 12 -2.33 -14.83 21.88
C LYS A 12 -3.56 -15.60 22.36
N PHE A 13 -4.50 -14.88 22.95
CA PHE A 13 -5.73 -15.50 23.46
C PHE A 13 -6.94 -15.04 22.66
N ILE A 14 -8.10 -15.58 22.98
CA ILE A 14 -9.34 -15.23 22.30
C ILE A 14 -9.83 -13.85 22.73
N VAL A 15 -10.15 -13.00 21.75
CA VAL A 15 -10.63 -11.66 22.03
C VAL A 15 -12.10 -11.68 22.43
N PRO A 16 -12.48 -10.77 23.34
CA PRO A 16 -13.87 -10.65 23.82
C PRO A 16 -14.81 -10.12 22.74
N ILE A 17 -16.10 -10.38 22.92
CA ILE A 17 -17.10 -9.92 21.97
C ILE A 17 -17.46 -8.46 22.20
N LYS A 18 -17.69 -7.73 21.12
CA LYS A 18 -18.04 -6.32 21.20
C LYS A 18 -16.92 -5.51 21.85
N ALA A 19 -15.69 -5.75 21.40
CA ALA A 19 -14.53 -5.03 21.94
C ALA A 19 -14.19 -3.82 21.08
N ARG A 20 -14.26 -3.99 19.76
CA ARG A 20 -13.95 -2.92 18.83
C ARG A 20 -15.10 -2.69 17.86
N GLY A 21 -15.21 -1.46 17.36
CA GLY A 21 -16.27 -1.13 16.43
C GLY A 21 -15.78 -1.06 14.99
N ALA A 22 -15.75 0.15 14.45
CA ALA A 22 -15.30 0.36 13.08
C ALA A 22 -13.86 -0.10 12.90
N ARG A 23 -13.57 -0.70 11.74
CA ARG A 23 -12.24 -1.19 11.45
C ARG A 23 -11.60 -0.40 10.31
N ALA A 24 -12.43 0.36 9.61
CA ALA A 24 -11.95 1.17 8.48
C ALA A 24 -11.28 0.29 7.43
N ILE A 25 -11.95 -0.79 7.05
CA ILE A 25 -11.42 -1.70 6.05
C ILE A 25 -11.29 -1.01 4.70
N LEU A 26 -10.28 -1.41 3.93
CA LEU A 26 -10.03 -0.84 2.62
C LEU A 26 -9.88 -1.93 1.57
N ASP A 27 -9.71 -1.51 0.31
CA ASP A 27 -9.55 -2.46 -0.79
C ASP A 27 -8.23 -2.24 -1.51
N PHE A 28 -7.25 -3.10 -1.23
CA PHE A 28 -5.94 -2.99 -1.84
C PHE A 28 -5.51 -4.32 -2.45
N PRO A 29 -4.87 -4.26 -3.62
CA PRO A 29 -4.40 -5.46 -4.33
C PRO A 29 -3.23 -6.13 -3.61
N ASP A 30 -3.05 -7.42 -3.88
CA ASP A 30 -1.97 -8.18 -3.26
C ASP A 30 -0.61 -7.54 -3.55
N LYS A 31 -0.44 -7.06 -4.78
CA LYS A 31 0.81 -6.42 -5.18
C LYS A 31 0.58 -5.51 -6.39
N LEU A 32 1.55 -4.63 -6.65
CA LEU A 32 1.46 -3.71 -7.77
C LEU A 32 2.30 -4.21 -8.96
N ASN A 33 1.66 -4.28 -10.13
CA ASN A 33 2.35 -4.75 -11.33
C ASN A 33 2.60 -3.58 -12.29
N PHE A 34 3.86 -3.16 -12.39
CA PHE A 34 4.23 -2.06 -13.26
C PHE A 34 4.67 -2.57 -14.63
N SER A 35 3.86 -2.32 -15.65
CA SER A 35 4.16 -2.77 -17.00
C SER A 35 5.56 -2.33 -17.42
N THR A 36 6.02 -2.85 -18.55
CA THR A 36 7.35 -2.51 -19.06
C THR A 36 7.54 -1.01 -19.14
N CYS A 37 8.58 -0.51 -18.45
CA CYS A 37 8.87 0.91 -18.44
C CYS A 37 10.37 1.16 -18.53
N PRO A 38 10.75 2.41 -18.84
CA PRO A 38 12.16 2.80 -18.97
C PRO A 38 12.89 2.80 -17.62
N VAL A 39 14.17 2.45 -17.65
CA VAL A 39 14.98 2.41 -16.43
C VAL A 39 15.31 3.82 -15.95
N LYS A 40 15.80 4.65 -16.87
CA LYS A 40 16.16 6.03 -16.54
C LYS A 40 14.91 6.86 -16.27
N TYR A 41 14.04 6.98 -17.26
CA TYR A 41 12.81 7.75 -17.12
C TYR A 41 12.04 7.31 -15.88
N SER A 42 10.98 8.05 -15.57
CA SER A 42 10.15 7.75 -14.41
C SER A 42 8.84 7.10 -14.84
N THR A 43 8.25 6.33 -13.93
CA THR A 43 6.99 5.65 -14.21
C THR A 43 5.92 6.04 -13.20
N GLN A 44 4.69 6.24 -13.69
CA GLN A 44 3.58 6.62 -12.84
C GLN A 44 2.34 5.78 -13.14
N LYS A 45 1.50 5.59 -12.13
CA LYS A 45 0.27 4.82 -12.29
C LYS A 45 -0.77 5.22 -11.25
N ILE A 46 -2.03 4.88 -11.53
CA ILE A 46 -3.12 5.21 -10.61
C ILE A 46 -3.65 3.95 -9.94
N LEU A 47 -4.01 4.07 -8.66
CA LEU A 47 -4.54 2.95 -7.91
C LEU A 47 -5.84 3.33 -7.20
N LEU A 48 -6.95 2.77 -7.67
CA LEU A 48 -8.25 3.06 -7.09
C LEU A 48 -8.42 2.34 -5.75
N VAL A 49 -9.16 2.96 -4.84
CA VAL A 49 -9.40 2.38 -3.52
C VAL A 49 -10.79 2.72 -3.02
N ARG A 50 -11.52 1.70 -2.58
CA ARG A 50 -12.88 1.88 -2.07
C ARG A 50 -12.99 1.42 -0.63
N ASN A 51 -13.30 2.34 0.27
CA ASN A 51 -13.44 2.03 1.68
C ASN A 51 -14.60 1.07 1.92
N ILE A 52 -14.28 -0.20 2.12
CA ILE A 52 -15.30 -1.22 2.37
C ILE A 52 -15.57 -1.38 3.86
N GLY A 53 -15.06 -0.45 4.66
CA GLY A 53 -15.26 -0.50 6.09
C GLY A 53 -16.62 0.03 6.51
N ASN A 54 -16.78 0.27 7.80
CA ASN A 54 -18.04 0.78 8.33
C ASN A 54 -17.86 2.17 8.92
N LYS A 55 -16.76 2.83 8.56
CA LYS A 55 -16.47 4.17 9.04
C LYS A 55 -15.32 4.80 8.27
N ASN A 56 -15.13 6.10 8.45
CA ASN A 56 -14.06 6.81 7.75
C ASN A 56 -12.72 6.12 7.97
N ALA A 57 -12.17 5.56 6.89
CA ALA A 57 -10.89 4.86 6.96
C ALA A 57 -9.73 5.84 6.83
N VAL A 58 -8.70 5.63 7.64
CA VAL A 58 -7.52 6.50 7.61
C VAL A 58 -6.24 5.69 7.47
N PHE A 59 -5.70 5.66 6.26
CA PHE A 59 -4.47 4.92 5.99
C PHE A 59 -3.30 5.87 5.72
N HIS A 60 -2.11 5.44 6.11
CA HIS A 60 -0.91 6.26 5.92
C HIS A 60 0.24 5.41 5.38
N ILE A 61 0.49 5.53 4.08
CA ILE A 61 1.56 4.78 3.44
C ILE A 61 2.93 5.40 3.73
N LYS A 62 3.95 4.56 3.80
CA LYS A 62 5.31 5.03 4.07
C LYS A 62 6.31 4.34 3.16
N THR A 63 7.08 5.12 2.41
CA THR A 63 8.08 4.58 1.51
C THR A 63 9.06 5.66 1.05
N CYS A 64 10.15 5.24 0.42
CA CYS A 64 11.15 6.17 -0.06
C CYS A 64 11.62 5.79 -1.46
N ARG A 65 12.22 6.75 -2.16
CA ARG A 65 12.70 6.52 -3.52
C ARG A 65 13.60 5.28 -3.57
N PRO A 66 13.72 4.69 -4.76
CA PRO A 66 13.04 5.19 -5.97
C PRO A 66 11.53 4.98 -5.91
N PHE A 67 11.07 4.37 -4.82
CA PHE A 67 9.64 4.12 -4.64
C PHE A 67 8.98 5.23 -3.83
N SER A 68 7.99 5.88 -4.42
CA SER A 68 7.27 6.96 -3.76
C SER A 68 5.87 7.12 -4.33
N ILE A 69 4.93 7.52 -3.47
CA ILE A 69 3.56 7.71 -3.89
C ILE A 69 2.97 8.97 -3.29
N GLU A 70 1.87 9.45 -3.87
CA GLU A 70 1.21 10.66 -3.39
C GLU A 70 -0.25 10.69 -3.82
N PRO A 71 -1.13 11.12 -2.90
CA PRO A 71 -0.73 11.55 -1.56
C PRO A 71 -0.26 10.38 -0.70
N ALA A 72 0.74 10.63 0.14
CA ALA A 72 1.27 9.60 1.02
C ALA A 72 0.23 9.14 2.03
N ILE A 73 -0.69 10.04 2.37
CA ILE A 73 -1.74 9.72 3.33
C ILE A 73 -3.07 10.38 2.93
N GLY A 74 -4.16 9.70 3.23
CA GLY A 74 -5.48 10.23 2.90
C GLY A 74 -6.59 9.51 3.62
N THR A 75 -7.80 10.07 3.56
CA THR A 75 -8.95 9.49 4.22
C THR A 75 -10.06 9.18 3.22
N LEU A 76 -10.62 7.98 3.29
CA LEU A 76 -11.68 7.57 2.39
C LEU A 76 -12.93 7.16 3.17
N ASN A 77 -14.09 7.54 2.66
CA ASN A 77 -15.36 7.21 3.31
C ASN A 77 -15.97 5.95 2.69
N VAL A 78 -16.76 5.24 3.48
CA VAL A 78 -17.42 4.02 3.02
C VAL A 78 -18.35 4.31 1.85
N GLY A 79 -18.45 3.35 0.93
CA GLY A 79 -19.32 3.54 -0.23
C GLY A 79 -18.68 4.38 -1.30
N GLU A 80 -17.67 5.17 -0.92
CA GLU A 80 -16.98 6.04 -1.87
C GLU A 80 -15.62 5.47 -2.24
N SER A 81 -15.05 5.95 -3.34
CA SER A 81 -13.75 5.48 -3.80
C SER A 81 -12.79 6.65 -3.97
N MET A 82 -11.56 6.34 -4.37
CA MET A 82 -10.53 7.36 -4.55
C MET A 82 -9.44 6.85 -5.50
N GLN A 83 -8.65 7.78 -6.02
CA GLN A 83 -7.56 7.43 -6.92
C GLN A 83 -6.21 7.88 -6.37
N LEU A 84 -5.29 6.94 -6.20
CA LEU A 84 -3.97 7.23 -5.67
C LEU A 84 -2.92 7.22 -6.79
N GLU A 85 -1.81 7.89 -6.54
CA GLU A 85 -0.73 7.96 -7.52
C GLU A 85 0.56 7.38 -6.95
N VAL A 86 1.14 6.43 -7.69
CA VAL A 86 2.39 5.79 -7.26
C VAL A 86 3.51 6.04 -8.26
N GLU A 87 4.54 6.77 -7.82
CA GLU A 87 5.68 7.07 -8.68
C GLU A 87 6.86 6.17 -8.37
N PHE A 88 7.55 5.72 -9.41
CA PHE A 88 8.70 4.85 -9.23
C PHE A 88 9.65 4.97 -10.43
N GLU A 89 10.81 5.60 -10.21
CA GLU A 89 11.79 5.77 -11.26
C GLU A 89 13.10 5.09 -10.90
N PRO A 90 13.35 3.91 -11.49
CA PRO A 90 14.56 3.13 -11.24
C PRO A 90 15.79 3.79 -11.83
N GLN A 91 16.97 3.26 -11.49
CA GLN A 91 18.23 3.79 -11.99
C GLN A 91 18.98 2.74 -12.81
N SER A 92 18.88 1.49 -12.39
CA SER A 92 19.55 0.40 -13.08
C SER A 92 18.55 -0.48 -13.81
N VAL A 93 18.99 -1.15 -14.86
CA VAL A 93 18.14 -2.02 -15.65
C VAL A 93 17.96 -3.38 -14.96
N GLY A 94 16.76 -3.92 -15.03
CA GLY A 94 16.48 -5.21 -14.42
C GLY A 94 15.15 -5.24 -13.71
N ASP A 95 14.95 -6.26 -12.88
CA ASP A 95 13.69 -6.40 -12.14
C ASP A 95 13.75 -5.66 -10.81
N HIS A 96 12.74 -4.83 -10.55
CA HIS A 96 12.68 -4.06 -9.32
C HIS A 96 11.44 -4.43 -8.51
N SER A 97 11.66 -4.98 -7.31
CA SER A 97 10.55 -5.37 -6.44
C SER A 97 10.70 -4.73 -5.06
N GLY A 98 9.57 -4.25 -4.53
CA GLY A 98 9.60 -3.62 -3.22
C GLY A 98 8.43 -4.05 -2.36
N ARG A 99 8.02 -3.18 -1.44
CA ARG A 99 6.91 -3.47 -0.54
C ARG A 99 6.30 -2.19 0.00
N LEU A 100 4.97 -2.10 -0.03
CA LEU A 100 4.26 -0.93 0.46
C LEU A 100 3.60 -1.22 1.80
N ILE A 101 4.03 -0.50 2.83
CA ILE A 101 3.48 -0.67 4.17
C ILE A 101 2.45 0.41 4.48
N VAL A 102 1.20 -0.01 4.63
CA VAL A 102 0.12 0.92 4.94
C VAL A 102 -0.28 0.85 6.41
N CYS A 103 0.01 1.91 7.14
CA CYS A 103 -0.31 1.97 8.57
C CYS A 103 -1.63 2.68 8.80
N TYR A 104 -2.57 2.00 9.45
CA TYR A 104 -3.88 2.57 9.72
C TYR A 104 -3.87 3.32 11.06
N ASP A 105 -4.76 4.30 11.18
CA ASP A 105 -4.87 5.08 12.40
C ASP A 105 -5.33 4.22 13.57
N THR A 106 -6.30 3.35 13.30
CA THR A 106 -6.84 2.47 14.32
C THR A 106 -5.75 1.62 14.95
N GLY A 107 -4.91 1.03 14.11
CA GLY A 107 -3.82 0.20 14.61
C GLY A 107 -3.61 -1.04 13.77
N GLU A 108 -3.47 -0.87 12.47
CA GLU A 108 -3.27 -1.99 11.55
C GLU A 108 -2.12 -1.70 10.59
N LYS A 109 -1.72 -2.71 9.84
CA LYS A 109 -0.63 -2.58 8.87
C LYS A 109 -0.82 -3.53 7.70
N VAL A 110 -0.75 -3.00 6.49
CA VAL A 110 -0.91 -3.80 5.28
C VAL A 110 0.35 -3.75 4.42
N PHE A 111 0.69 -4.88 3.82
CA PHE A 111 1.87 -4.97 2.96
C PHE A 111 1.47 -5.30 1.53
N VAL A 112 2.08 -4.60 0.58
CA VAL A 112 1.79 -4.82 -0.84
C VAL A 112 3.07 -4.80 -1.67
N SER A 113 3.48 -5.96 -2.16
CA SER A 113 4.68 -6.09 -2.96
C SER A 113 4.67 -5.08 -4.11
N LEU A 114 5.86 -4.73 -4.60
CA LEU A 114 5.98 -3.79 -5.70
C LEU A 114 6.70 -4.43 -6.88
N TYR A 115 6.59 -3.79 -8.05
CA TYR A 115 7.24 -4.30 -9.26
C TYR A 115 7.49 -3.17 -10.25
N GLY A 116 8.28 -3.45 -11.28
CA GLY A 116 8.59 -2.46 -12.28
C GLY A 116 9.73 -2.88 -13.20
N ALA A 117 9.53 -3.96 -13.93
CA ALA A 117 10.54 -4.47 -14.84
C ALA A 117 11.04 -3.37 -15.78
N ALA A 118 12.23 -2.87 -15.50
CA ALA A 118 12.83 -1.81 -16.31
C ALA A 118 13.49 -2.39 -17.56
N ILE A 119 13.94 -1.51 -18.45
CA ILE A 119 14.59 -1.93 -19.69
C ILE A 119 15.51 -0.84 -20.21
N ASP A 120 16.69 -1.23 -20.67
CA ASP A 120 17.65 -0.29 -21.21
C ASP A 120 17.28 0.12 -22.64
N MET A 121 16.09 -0.29 -23.06
CA MET A 121 15.61 0.04 -24.40
C MET A 121 16.56 -0.51 -25.47
N ASN A 122 17.18 -1.64 -25.17
CA ASN A 122 18.11 -2.26 -26.10
C ASN A 122 17.66 -2.08 -27.54
N GLY A 1 -5.56 26.15 34.71
CA GLY A 1 -4.21 26.31 34.21
C GLY A 1 -4.16 26.51 32.70
N SER A 2 -4.03 27.77 32.28
CA SER A 2 -3.97 28.09 30.87
C SER A 2 -2.60 27.77 30.28
N SER A 3 -1.56 28.36 30.87
CA SER A 3 -0.20 28.13 30.41
C SER A 3 0.24 26.70 30.69
N GLY A 4 0.84 26.06 29.69
CA GLY A 4 1.30 24.69 29.85
C GLY A 4 0.25 23.68 29.44
N SER A 5 0.71 22.51 28.98
CA SER A 5 -0.20 21.46 28.55
C SER A 5 -0.95 20.87 29.73
N SER A 6 -0.24 20.68 30.85
CA SER A 6 -0.83 20.12 32.05
C SER A 6 -1.33 18.70 31.80
N GLY A 7 -0.52 17.90 31.11
CA GLY A 7 -0.90 16.53 30.82
C GLY A 7 -0.27 15.55 31.78
N THR A 8 -1.00 15.19 32.83
CA THR A 8 -0.52 14.26 33.83
C THR A 8 -0.76 12.82 33.39
N GLU A 9 -2.01 12.49 33.10
CA GLU A 9 -2.37 11.15 32.67
C GLU A 9 -2.05 10.12 33.75
N ARG A 10 -2.35 10.47 35.00
CA ARG A 10 -2.10 9.58 36.13
C ARG A 10 -3.31 8.72 36.44
N GLU A 11 -4.23 8.64 35.48
CA GLU A 11 -5.45 7.85 35.64
C GLU A 11 -5.52 6.73 34.61
N LYS A 12 -5.46 5.48 35.08
CA LYS A 12 -5.51 4.33 34.20
C LYS A 12 -6.92 4.13 33.64
N PHE A 13 -7.03 4.21 32.33
CA PHE A 13 -8.32 4.04 31.66
C PHE A 13 -8.72 2.57 31.59
N ILE A 14 -9.96 2.28 31.94
CA ILE A 14 -10.46 0.91 31.91
C ILE A 14 -11.37 0.67 30.71
N VAL A 15 -11.18 -0.45 30.04
CA VAL A 15 -11.99 -0.79 28.87
C VAL A 15 -12.95 -1.93 29.18
N PRO A 16 -14.12 -1.91 28.53
CA PRO A 16 -15.15 -2.94 28.72
C PRO A 16 -14.74 -4.29 28.15
N ILE A 17 -15.59 -5.29 28.34
CA ILE A 17 -15.31 -6.63 27.85
C ILE A 17 -15.18 -6.65 26.33
N LYS A 18 -16.25 -6.25 25.65
CA LYS A 18 -16.27 -6.21 24.20
C LYS A 18 -16.29 -4.77 23.69
N ALA A 19 -15.20 -4.37 23.04
CA ALA A 19 -15.09 -3.02 22.50
C ALA A 19 -14.06 -2.95 21.37
N ARG A 20 -14.55 -2.87 20.14
CA ARG A 20 -13.68 -2.80 18.98
C ARG A 20 -13.87 -1.49 18.23
N GLY A 21 -12.79 -0.72 18.09
CA GLY A 21 -12.86 0.54 17.39
C GLY A 21 -13.44 0.40 16.00
N ALA A 22 -13.44 1.51 15.25
CA ALA A 22 -13.98 1.50 13.89
C ALA A 22 -13.11 0.66 12.97
N ARG A 23 -13.73 -0.27 12.25
CA ARG A 23 -13.01 -1.13 11.33
C ARG A 23 -12.06 -0.33 10.44
N ALA A 24 -12.63 0.46 9.54
CA ALA A 24 -11.84 1.29 8.64
C ALA A 24 -11.04 0.43 7.66
N ILE A 25 -11.71 -0.55 7.06
CA ILE A 25 -11.05 -1.44 6.11
C ILE A 25 -11.00 -0.82 4.72
N LEU A 26 -9.94 -1.13 3.98
CA LEU A 26 -9.76 -0.60 2.63
C LEU A 26 -9.65 -1.73 1.61
N ASP A 27 -9.63 -1.37 0.33
CA ASP A 27 -9.53 -2.35 -0.74
C ASP A 27 -8.23 -2.17 -1.53
N PHE A 28 -7.25 -3.02 -1.24
CA PHE A 28 -5.96 -2.95 -1.92
C PHE A 28 -5.57 -4.31 -2.50
N PRO A 29 -4.96 -4.30 -3.68
CA PRO A 29 -4.53 -5.51 -4.37
C PRO A 29 -3.36 -6.19 -3.66
N ASP A 30 -3.17 -7.48 -3.93
CA ASP A 30 -2.08 -8.23 -3.32
C ASP A 30 -0.75 -7.53 -3.52
N LYS A 31 -0.52 -7.03 -4.73
CA LYS A 31 0.71 -6.33 -5.05
C LYS A 31 0.53 -5.44 -6.28
N LEU A 32 1.54 -4.62 -6.57
CA LEU A 32 1.50 -3.72 -7.72
C LEU A 32 2.28 -4.30 -8.88
N ASN A 33 1.65 -4.34 -10.06
CA ASN A 33 2.29 -4.86 -11.26
C ASN A 33 2.57 -3.75 -12.25
N PHE A 34 3.86 -3.47 -12.48
CA PHE A 34 4.27 -2.42 -13.41
C PHE A 34 4.82 -3.03 -14.69
N SER A 35 4.03 -2.93 -15.77
CA SER A 35 4.44 -3.48 -17.05
C SER A 35 5.82 -2.96 -17.45
N THR A 36 6.34 -3.47 -18.56
CA THR A 36 7.66 -3.07 -19.05
C THR A 36 7.76 -1.56 -19.16
N CYS A 37 8.50 -0.96 -18.22
CA CYS A 37 8.68 0.50 -18.21
C CYS A 37 10.15 0.86 -18.28
N PRO A 38 10.44 2.11 -18.67
CA PRO A 38 11.81 2.62 -18.78
C PRO A 38 12.49 2.78 -17.43
N VAL A 39 13.75 2.38 -17.34
CA VAL A 39 14.50 2.49 -16.09
C VAL A 39 14.83 3.94 -15.77
N LYS A 40 15.34 4.66 -16.76
CA LYS A 40 15.70 6.06 -16.59
C LYS A 40 14.45 6.93 -16.47
N TYR A 41 13.65 6.94 -17.53
CA TYR A 41 12.41 7.73 -17.54
C TYR A 41 11.56 7.43 -16.32
N SER A 42 10.79 8.42 -15.87
CA SER A 42 9.93 8.26 -14.71
C SER A 42 8.63 7.55 -15.09
N THR A 43 8.10 6.76 -14.16
CA THR A 43 6.86 6.03 -14.41
C THR A 43 5.75 6.53 -13.50
N GLN A 44 4.52 6.52 -14.01
CA GLN A 44 3.36 6.97 -13.24
C GLN A 44 2.19 6.00 -13.41
N LYS A 45 1.47 5.78 -12.32
CA LYS A 45 0.32 4.88 -12.34
C LYS A 45 -0.70 5.28 -11.27
N ILE A 46 -1.95 4.89 -11.49
CA ILE A 46 -3.02 5.19 -10.55
C ILE A 46 -3.64 3.92 -9.98
N LEU A 47 -4.00 3.97 -8.70
CA LEU A 47 -4.62 2.82 -8.04
C LEU A 47 -5.94 3.21 -7.39
N LEU A 48 -7.04 2.72 -7.94
CA LEU A 48 -8.37 3.01 -7.41
C LEU A 48 -8.61 2.24 -6.12
N VAL A 49 -8.88 2.97 -5.04
CA VAL A 49 -9.13 2.36 -3.74
C VAL A 49 -10.56 2.63 -3.28
N ARG A 50 -11.22 1.59 -2.79
CA ARG A 50 -12.60 1.71 -2.32
C ARG A 50 -12.69 1.34 -0.84
N ASN A 51 -13.24 2.25 -0.04
CA ASN A 51 -13.39 2.02 1.39
C ASN A 51 -14.56 1.08 1.67
N ILE A 52 -14.26 -0.08 2.24
CA ILE A 52 -15.29 -1.06 2.56
C ILE A 52 -15.51 -1.14 4.08
N GLY A 53 -15.00 -0.17 4.81
CA GLY A 53 -15.16 -0.14 6.25
C GLY A 53 -16.60 0.10 6.66
N ASN A 54 -16.79 0.51 7.91
CA ASN A 54 -18.12 0.78 8.43
C ASN A 54 -18.44 2.27 8.38
N LYS A 55 -17.70 3.05 9.16
CA LYS A 55 -17.90 4.50 9.20
C LYS A 55 -16.89 5.21 8.31
N ASN A 56 -15.62 5.17 8.70
CA ASN A 56 -14.57 5.82 7.93
C ASN A 56 -13.27 5.03 8.03
N ALA A 57 -12.28 5.42 7.21
CA ALA A 57 -10.99 4.74 7.21
C ALA A 57 -9.85 5.75 7.10
N VAL A 58 -8.79 5.54 7.88
CA VAL A 58 -7.64 6.42 7.86
C VAL A 58 -6.35 5.64 7.69
N PHE A 59 -5.76 5.71 6.50
CA PHE A 59 -4.51 5.02 6.22
C PHE A 59 -3.38 6.00 5.92
N HIS A 60 -2.17 5.64 6.34
CA HIS A 60 -1.01 6.50 6.12
C HIS A 60 0.14 5.70 5.53
N ILE A 61 0.35 5.84 4.23
CA ILE A 61 1.43 5.14 3.54
C ILE A 61 2.75 5.89 3.66
N LYS A 62 3.84 5.15 3.80
CA LYS A 62 5.17 5.74 3.93
C LYS A 62 6.21 4.91 3.19
N THR A 63 6.82 5.50 2.17
CA THR A 63 7.84 4.82 1.39
C THR A 63 8.92 5.78 0.92
N CYS A 64 10.07 5.24 0.56
CA CYS A 64 11.19 6.06 0.09
C CYS A 64 11.61 5.65 -1.32
N ARG A 65 12.17 6.60 -2.05
CA ARG A 65 12.62 6.35 -3.43
C ARG A 65 13.53 5.13 -3.48
N PRO A 66 13.68 4.56 -4.69
CA PRO A 66 13.03 5.08 -5.89
C PRO A 66 11.53 4.85 -5.88
N PHE A 67 11.04 4.22 -4.81
CA PHE A 67 9.61 3.94 -4.68
C PHE A 67 8.92 5.02 -3.85
N SER A 68 7.98 5.73 -4.47
CA SER A 68 7.24 6.79 -3.79
C SER A 68 5.85 6.94 -4.38
N ILE A 69 4.94 7.53 -3.60
CA ILE A 69 3.57 7.74 -4.03
C ILE A 69 2.97 8.98 -3.39
N GLU A 70 1.86 9.46 -3.95
CA GLU A 70 1.18 10.64 -3.42
C GLU A 70 -0.28 10.66 -3.84
N PRO A 71 -1.15 11.08 -2.92
CA PRO A 71 -0.75 11.49 -1.58
C PRO A 71 -0.27 10.31 -0.73
N ALA A 72 0.64 10.60 0.19
CA ALA A 72 1.18 9.56 1.07
C ALA A 72 0.15 9.14 2.13
N ILE A 73 -0.78 10.05 2.43
CA ILE A 73 -1.81 9.76 3.42
C ILE A 73 -3.14 10.41 3.02
N GLY A 74 -4.24 9.73 3.33
CA GLY A 74 -5.55 10.24 2.99
C GLY A 74 -6.66 9.48 3.68
N THR A 75 -7.86 10.05 3.66
CA THR A 75 -9.02 9.43 4.30
C THR A 75 -10.10 9.12 3.27
N LEU A 76 -10.65 7.91 3.33
CA LEU A 76 -11.70 7.50 2.40
C LEU A 76 -12.99 7.18 3.15
N ASN A 77 -14.12 7.52 2.55
CA ASN A 77 -15.42 7.27 3.17
C ASN A 77 -16.02 5.97 2.66
N VAL A 78 -16.70 5.25 3.55
CA VAL A 78 -17.32 3.98 3.19
C VAL A 78 -18.19 4.12 1.94
N GLY A 79 -17.99 3.22 0.98
CA GLY A 79 -18.77 3.27 -0.24
C GLY A 79 -18.08 4.06 -1.34
N GLU A 80 -17.41 5.14 -0.95
CA GLU A 80 -16.70 5.99 -1.90
C GLU A 80 -15.34 5.39 -2.26
N SER A 81 -14.66 6.03 -3.20
CA SER A 81 -13.36 5.57 -3.65
C SER A 81 -12.41 6.75 -3.90
N MET A 82 -11.15 6.43 -4.17
CA MET A 82 -10.15 7.46 -4.44
C MET A 82 -9.05 6.93 -5.34
N GLN A 83 -8.27 7.84 -5.91
CA GLN A 83 -7.17 7.46 -6.80
C GLN A 83 -5.83 7.81 -6.18
N LEU A 84 -4.89 6.87 -6.26
CA LEU A 84 -3.56 7.08 -5.70
C LEU A 84 -2.49 6.96 -6.79
N GLU A 85 -1.74 8.03 -7.00
CA GLU A 85 -0.69 8.04 -8.01
C GLU A 85 0.64 7.56 -7.41
N VAL A 86 1.15 6.47 -7.97
CA VAL A 86 2.40 5.90 -7.50
C VAL A 86 3.53 6.15 -8.50
N GLU A 87 4.65 6.67 -8.00
CA GLU A 87 5.80 6.96 -8.84
C GLU A 87 6.97 6.04 -8.51
N PHE A 88 7.60 5.49 -9.55
CA PHE A 88 8.74 4.60 -9.36
C PHE A 88 9.62 4.59 -10.60
N GLU A 89 10.91 4.89 -10.42
CA GLU A 89 11.86 4.91 -11.52
C GLU A 89 13.26 4.60 -11.03
N PRO A 90 13.71 3.36 -11.26
CA PRO A 90 15.04 2.90 -10.84
C PRO A 90 16.16 3.56 -11.66
N GLN A 91 17.39 3.12 -11.43
CA GLN A 91 18.54 3.66 -12.14
C GLN A 91 19.19 2.60 -13.01
N SER A 92 19.19 1.37 -12.52
CA SER A 92 19.80 0.25 -13.25
C SER A 92 18.73 -0.64 -13.86
N VAL A 93 19.05 -1.23 -15.01
CA VAL A 93 18.11 -2.12 -15.69
C VAL A 93 17.94 -3.43 -14.94
N GLY A 94 16.74 -4.01 -15.02
CA GLY A 94 16.46 -5.26 -14.34
C GLY A 94 15.11 -5.26 -13.67
N ASP A 95 14.93 -6.20 -12.73
CA ASP A 95 13.67 -6.30 -12.00
C ASP A 95 13.85 -5.85 -10.55
N HIS A 96 13.05 -4.87 -10.14
CA HIS A 96 13.12 -4.35 -8.77
C HIS A 96 11.76 -4.43 -8.10
N SER A 97 11.72 -5.09 -6.94
CA SER A 97 10.48 -5.25 -6.20
C SER A 97 10.55 -4.51 -4.86
N GLY A 98 9.41 -4.34 -4.21
CA GLY A 98 9.36 -3.66 -2.93
C GLY A 98 8.11 -3.99 -2.14
N ARG A 99 7.75 -3.11 -1.22
CA ARG A 99 6.56 -3.31 -0.39
C ARG A 99 6.06 -1.97 0.17
N LEU A 100 4.74 -1.83 0.22
CA LEU A 100 4.13 -0.60 0.73
C LEU A 100 3.54 -0.84 2.12
N ILE A 101 4.10 -0.17 3.12
CA ILE A 101 3.63 -0.29 4.49
C ILE A 101 2.52 0.72 4.78
N VAL A 102 1.28 0.24 4.83
CA VAL A 102 0.14 1.10 5.10
C VAL A 102 -0.32 0.96 6.55
N CYS A 103 0.03 1.95 7.37
CA CYS A 103 -0.34 1.94 8.78
C CYS A 103 -1.72 2.56 8.99
N TYR A 104 -2.53 1.93 9.83
CA TYR A 104 -3.87 2.41 10.11
C TYR A 104 -3.92 3.15 11.44
N ASP A 105 -4.91 4.03 11.58
CA ASP A 105 -5.06 4.81 12.80
C ASP A 105 -5.26 3.90 14.01
N THR A 106 -5.95 2.78 13.80
CA THR A 106 -6.20 1.83 14.87
C THR A 106 -4.92 1.11 15.29
N GLY A 107 -4.18 0.59 14.31
CA GLY A 107 -2.95 -0.10 14.60
C GLY A 107 -2.73 -1.31 13.71
N GLU A 108 -3.03 -1.14 12.42
CA GLU A 108 -2.87 -2.23 11.46
C GLU A 108 -1.75 -1.91 10.46
N LYS A 109 -1.47 -2.87 9.59
CA LYS A 109 -0.43 -2.69 8.58
C LYS A 109 -0.70 -3.57 7.36
N VAL A 110 -0.60 -2.98 6.17
CA VAL A 110 -0.83 -3.70 4.94
C VAL A 110 0.48 -3.95 4.19
N PHE A 111 0.53 -5.05 3.44
CA PHE A 111 1.72 -5.39 2.67
C PHE A 111 1.38 -5.56 1.19
N VAL A 112 1.97 -4.70 0.36
CA VAL A 112 1.74 -4.76 -1.07
C VAL A 112 3.05 -4.78 -1.85
N SER A 113 3.44 -5.97 -2.31
CA SER A 113 4.67 -6.13 -3.06
C SER A 113 4.72 -5.17 -4.25
N LEU A 114 5.90 -4.61 -4.51
CA LEU A 114 6.08 -3.68 -5.62
C LEU A 114 6.78 -4.35 -6.79
N TYR A 115 6.56 -3.83 -7.99
CA TYR A 115 7.17 -4.38 -9.19
C TYR A 115 7.38 -3.29 -10.24
N GLY A 116 8.11 -3.64 -11.30
CA GLY A 116 8.36 -2.69 -12.37
C GLY A 116 9.61 -3.04 -13.16
N ALA A 117 9.56 -4.17 -13.85
CA ALA A 117 10.69 -4.62 -14.66
C ALA A 117 11.15 -3.52 -15.62
N ALA A 118 12.30 -2.92 -15.31
CA ALA A 118 12.85 -1.86 -16.14
C ALA A 118 13.59 -2.43 -17.35
N ILE A 119 13.85 -1.58 -18.33
CA ILE A 119 14.55 -2.00 -19.54
C ILE A 119 15.37 -0.86 -20.12
N ASP A 120 16.53 -1.20 -20.68
CA ASP A 120 17.41 -0.20 -21.28
C ASP A 120 16.75 0.46 -22.49
N MET A 121 16.66 1.78 -22.45
CA MET A 121 16.04 2.53 -23.54
C MET A 121 17.11 3.21 -24.40
N ASN A 122 18.15 3.71 -23.75
CA ASN A 122 19.25 4.39 -24.45
C ASN A 122 20.10 3.38 -25.22
N GLY A 1 9.78 19.60 12.01
CA GLY A 1 8.39 19.53 12.44
C GLY A 1 8.06 18.24 13.16
N SER A 2 7.72 17.21 12.39
CA SER A 2 7.37 15.91 12.96
C SER A 2 8.11 14.79 12.25
N SER A 3 9.03 14.15 12.96
CA SER A 3 9.81 13.06 12.39
C SER A 3 9.18 11.71 12.70
N GLY A 4 9.46 10.72 11.86
CA GLY A 4 8.91 9.39 12.06
C GLY A 4 9.92 8.30 11.83
N SER A 5 9.76 7.17 12.53
CA SER A 5 10.68 6.05 12.39
C SER A 5 9.92 4.75 12.13
N SER A 6 10.56 3.83 11.43
CA SER A 6 9.94 2.55 11.12
C SER A 6 10.99 1.50 10.76
N GLY A 7 10.67 0.23 10.98
CA GLY A 7 11.59 -0.83 10.68
C GLY A 7 11.20 -2.15 11.34
N THR A 8 10.00 -2.62 11.02
CA THR A 8 9.50 -3.87 11.58
C THR A 8 9.03 -4.82 10.49
N GLU A 9 9.56 -6.03 10.50
CA GLU A 9 9.19 -7.03 9.50
C GLU A 9 8.65 -8.30 10.17
N ARG A 10 7.33 -8.45 10.16
CA ARG A 10 6.69 -9.61 10.77
C ARG A 10 5.34 -9.90 10.11
N GLU A 11 4.92 -11.15 10.18
CA GLU A 11 3.64 -11.56 9.59
C GLU A 11 2.86 -12.44 10.55
N LYS A 12 1.84 -11.85 11.19
CA LYS A 12 1.00 -12.59 12.13
C LYS A 12 -0.41 -12.03 12.14
N PHE A 13 -1.39 -12.92 12.31
CA PHE A 13 -2.79 -12.52 12.34
C PHE A 13 -3.59 -13.42 13.28
N ILE A 14 -4.17 -12.82 14.30
CA ILE A 14 -4.97 -13.56 15.28
C ILE A 14 -5.99 -12.66 15.96
N VAL A 15 -7.25 -13.09 15.96
CA VAL A 15 -8.33 -12.34 16.58
C VAL A 15 -8.91 -13.07 17.77
N PRO A 16 -9.44 -12.32 18.74
CA PRO A 16 -10.04 -12.88 19.95
C PRO A 16 -11.36 -13.60 19.67
N ILE A 17 -11.86 -14.32 20.66
CA ILE A 17 -13.11 -15.06 20.52
C ILE A 17 -14.18 -14.20 19.86
N LYS A 18 -14.41 -13.02 20.43
CA LYS A 18 -15.41 -12.10 19.90
C LYS A 18 -14.79 -10.73 19.62
N ALA A 19 -15.27 -10.07 18.57
CA ALA A 19 -14.77 -8.76 18.21
C ALA A 19 -15.87 -7.90 17.59
N ARG A 20 -16.40 -6.97 18.37
CA ARG A 20 -17.46 -6.08 17.91
C ARG A 20 -16.99 -4.63 17.88
N GLY A 21 -17.55 -3.85 16.96
CA GLY A 21 -17.18 -2.46 16.85
C GLY A 21 -16.79 -2.08 15.43
N ALA A 22 -17.04 -0.82 15.07
CA ALA A 22 -16.71 -0.33 13.74
C ALA A 22 -15.20 -0.34 13.49
N ARG A 23 -14.79 -0.90 12.36
CA ARG A 23 -13.38 -0.98 12.03
C ARG A 23 -13.12 -0.37 10.64
N ALA A 24 -11.85 -0.19 10.32
CA ALA A 24 -11.47 0.39 9.03
C ALA A 24 -10.86 -0.67 8.11
N ILE A 25 -11.30 -0.67 6.85
CA ILE A 25 -10.80 -1.64 5.88
C ILE A 25 -10.85 -1.06 4.47
N LEU A 26 -9.73 -1.15 3.76
CA LEU A 26 -9.65 -0.64 2.39
C LEU A 26 -9.44 -1.78 1.40
N ASP A 27 -9.63 -1.48 0.12
CA ASP A 27 -9.46 -2.48 -0.93
C ASP A 27 -8.16 -2.24 -1.70
N PHE A 28 -7.16 -3.08 -1.42
CA PHE A 28 -5.86 -2.96 -2.09
C PHE A 28 -5.42 -4.30 -2.64
N PRO A 29 -4.77 -4.28 -3.81
CA PRO A 29 -4.27 -5.49 -4.47
C PRO A 29 -3.09 -6.12 -3.74
N ASP A 30 -2.84 -7.39 -4.00
CA ASP A 30 -1.74 -8.10 -3.37
C ASP A 30 -0.41 -7.41 -3.65
N LYS A 31 -0.20 -7.03 -4.91
CA LYS A 31 1.03 -6.36 -5.30
C LYS A 31 0.80 -5.51 -6.56
N LEU A 32 1.74 -4.62 -6.83
CA LEU A 32 1.65 -3.75 -8.00
C LEU A 32 2.54 -4.25 -9.13
N ASN A 33 1.92 -4.68 -10.22
CA ASN A 33 2.65 -5.18 -11.37
C ASN A 33 2.89 -4.08 -12.39
N PHE A 34 4.17 -3.74 -12.61
CA PHE A 34 4.54 -2.70 -13.54
C PHE A 34 5.18 -3.29 -14.79
N SER A 35 4.46 -3.26 -15.90
CA SER A 35 4.96 -3.82 -17.16
C SER A 35 6.34 -3.24 -17.49
N THR A 36 6.91 -3.69 -18.60
CA THR A 36 8.23 -3.23 -19.02
C THR A 36 8.27 -1.70 -19.08
N CYS A 37 8.98 -1.11 -18.12
CA CYS A 37 9.11 0.35 -18.06
C CYS A 37 10.56 0.78 -18.26
N PRO A 38 10.76 2.04 -18.63
CA PRO A 38 12.09 2.61 -18.86
C PRO A 38 12.89 2.76 -17.58
N VAL A 39 14.18 2.45 -17.64
CA VAL A 39 15.04 2.55 -16.47
C VAL A 39 15.21 4.00 -16.04
N LYS A 40 15.73 4.83 -16.95
CA LYS A 40 15.94 6.24 -16.66
C LYS A 40 14.61 6.95 -16.43
N TYR A 41 13.77 6.99 -17.45
CA TYR A 41 12.48 7.65 -17.36
C TYR A 41 11.69 7.13 -16.16
N SER A 42 10.79 7.95 -15.64
CA SER A 42 9.98 7.58 -14.49
C SER A 42 8.64 6.99 -14.93
N THR A 43 8.04 6.17 -14.07
CA THR A 43 6.77 5.55 -14.37
C THR A 43 5.67 6.06 -13.44
N GLN A 44 4.45 6.12 -13.95
CA GLN A 44 3.31 6.59 -13.17
C GLN A 44 2.13 5.64 -13.29
N LYS A 45 1.35 5.53 -12.22
CA LYS A 45 0.19 4.64 -12.20
C LYS A 45 -0.83 5.11 -11.17
N ILE A 46 -2.08 4.75 -11.38
CA ILE A 46 -3.16 5.12 -10.45
C ILE A 46 -3.85 3.89 -9.90
N LEU A 47 -4.32 3.99 -8.66
CA LEU A 47 -5.01 2.88 -8.01
C LEU A 47 -6.25 3.37 -7.26
N LEU A 48 -7.41 2.90 -7.66
CA LEU A 48 -8.67 3.29 -7.03
C LEU A 48 -8.84 2.58 -5.69
N VAL A 49 -9.44 3.28 -4.73
CA VAL A 49 -9.66 2.71 -3.40
C VAL A 49 -11.05 3.08 -2.89
N ARG A 50 -11.82 2.06 -2.51
CA ARG A 50 -13.17 2.27 -2.00
C ARG A 50 -13.29 1.76 -0.56
N ASN A 51 -13.57 2.69 0.35
CA ASN A 51 -13.71 2.34 1.76
C ASN A 51 -14.81 1.30 1.96
N ILE A 52 -14.42 0.11 2.38
CA ILE A 52 -15.39 -0.97 2.61
C ILE A 52 -15.61 -1.19 4.10
N GLY A 53 -15.17 -0.24 4.91
CA GLY A 53 -15.33 -0.34 6.35
C GLY A 53 -16.63 0.28 6.83
N ASN A 54 -16.78 0.38 8.14
CA ASN A 54 -17.99 0.96 8.73
C ASN A 54 -17.76 2.42 9.11
N LYS A 55 -16.61 2.69 9.72
CA LYS A 55 -16.27 4.05 10.13
C LYS A 55 -15.17 4.63 9.24
N ASN A 56 -14.80 5.87 9.52
CA ASN A 56 -13.75 6.54 8.75
C ASN A 56 -12.49 5.69 8.67
N ALA A 57 -12.06 5.38 7.46
CA ALA A 57 -10.86 4.57 7.25
C ALA A 57 -9.69 5.43 6.79
N VAL A 58 -8.66 5.51 7.63
CA VAL A 58 -7.47 6.30 7.30
C VAL A 58 -6.31 5.41 6.89
N PHE A 59 -5.40 5.96 6.11
CA PHE A 59 -4.23 5.21 5.64
C PHE A 59 -3.07 6.14 5.34
N HIS A 60 -1.88 5.75 5.78
CA HIS A 60 -0.67 6.56 5.56
C HIS A 60 0.47 5.70 5.02
N ILE A 61 0.72 5.80 3.72
CA ILE A 61 1.78 5.04 3.08
C ILE A 61 3.13 5.72 3.26
N LYS A 62 4.16 4.92 3.48
CA LYS A 62 5.51 5.44 3.66
C LYS A 62 6.50 4.72 2.76
N THR A 63 7.26 5.49 1.98
CA THR A 63 8.24 4.92 1.07
C THR A 63 9.19 6.00 0.54
N CYS A 64 10.31 5.56 -0.03
CA CYS A 64 11.29 6.49 -0.58
C CYS A 64 11.72 6.07 -1.98
N ARG A 65 12.28 7.00 -2.73
CA ARG A 65 12.74 6.73 -4.09
C ARG A 65 13.65 5.51 -4.13
N PRO A 66 13.74 4.87 -5.30
CA PRO A 66 13.01 5.30 -6.49
C PRO A 66 11.51 5.07 -6.38
N PHE A 67 11.10 4.53 -5.24
CA PHE A 67 9.67 4.26 -5.00
C PHE A 67 9.02 5.41 -4.25
N SER A 68 7.87 5.86 -4.74
CA SER A 68 7.14 6.96 -4.12
C SER A 68 5.70 7.01 -4.63
N ILE A 69 4.84 7.65 -3.85
CA ILE A 69 3.43 7.78 -4.21
C ILE A 69 2.82 9.05 -3.65
N GLU A 70 1.65 9.42 -4.16
CA GLU A 70 0.97 10.63 -3.69
C GLU A 70 -0.53 10.56 -4.01
N PRO A 71 -1.35 10.97 -3.03
CA PRO A 71 -0.87 11.47 -1.74
C PRO A 71 -0.25 10.37 -0.88
N ALA A 72 0.75 10.74 -0.09
CA ALA A 72 1.42 9.77 0.78
C ALA A 72 0.49 9.30 1.89
N ILE A 73 -0.47 10.15 2.26
CA ILE A 73 -1.43 9.81 3.30
C ILE A 73 -2.78 10.44 3.03
N GLY A 74 -3.84 9.76 3.46
CA GLY A 74 -5.19 10.27 3.26
C GLY A 74 -6.25 9.32 3.78
N THR A 75 -7.42 9.87 4.10
CA THR A 75 -8.52 9.06 4.61
C THR A 75 -9.61 8.91 3.56
N LEU A 76 -10.38 7.83 3.67
CA LEU A 76 -11.47 7.55 2.73
C LEU A 76 -12.76 7.24 3.47
N ASN A 77 -13.84 7.88 3.06
CA ASN A 77 -15.15 7.68 3.67
C ASN A 77 -15.83 6.45 3.10
N VAL A 78 -16.60 5.76 3.94
CA VAL A 78 -17.30 4.55 3.51
C VAL A 78 -18.18 4.84 2.29
N GLY A 79 -18.23 3.88 1.37
CA GLY A 79 -19.03 4.05 0.17
C GLY A 79 -18.32 4.86 -0.89
N GLU A 80 -17.65 5.94 -0.47
CA GLU A 80 -16.93 6.80 -1.40
C GLU A 80 -15.61 6.17 -1.81
N SER A 81 -15.13 6.55 -2.99
CA SER A 81 -13.87 6.02 -3.50
C SER A 81 -12.89 7.14 -3.80
N MET A 82 -11.68 6.78 -4.24
CA MET A 82 -10.65 7.75 -4.56
C MET A 82 -9.54 7.12 -5.38
N GLN A 83 -8.69 7.96 -5.97
CA GLN A 83 -7.58 7.47 -6.79
C GLN A 83 -6.24 7.74 -6.10
N LEU A 84 -5.34 6.77 -6.18
CA LEU A 84 -4.03 6.90 -5.58
C LEU A 84 -2.93 6.76 -6.62
N GLU A 85 -2.16 7.84 -6.80
CA GLU A 85 -1.07 7.84 -7.77
C GLU A 85 0.20 7.26 -7.16
N VAL A 86 0.93 6.47 -7.95
CA VAL A 86 2.17 5.86 -7.48
C VAL A 86 3.29 6.06 -8.48
N GLU A 87 4.38 6.68 -8.04
CA GLU A 87 5.53 6.93 -8.90
C GLU A 87 6.66 5.97 -8.59
N PHE A 88 7.32 5.49 -9.64
CA PHE A 88 8.43 4.56 -9.49
C PHE A 88 9.37 4.63 -10.69
N GLU A 89 10.55 5.19 -10.48
CA GLU A 89 11.54 5.32 -11.54
C GLU A 89 12.80 4.52 -11.23
N PRO A 90 12.92 3.34 -11.86
CA PRO A 90 14.07 2.45 -11.65
C PRO A 90 15.35 3.02 -12.25
N GLN A 91 16.05 3.83 -11.47
CA GLN A 91 17.30 4.45 -11.92
C GLN A 91 18.22 3.40 -12.54
N SER A 92 18.27 2.22 -11.92
CA SER A 92 19.12 1.14 -12.42
C SER A 92 18.30 0.14 -13.22
N VAL A 93 18.74 -0.14 -14.45
CA VAL A 93 18.06 -1.09 -15.32
C VAL A 93 18.10 -2.49 -14.73
N GLY A 94 16.94 -3.15 -14.70
CA GLY A 94 16.86 -4.50 -14.16
C GLY A 94 15.53 -4.79 -13.51
N ASP A 95 15.57 -5.36 -12.31
CA ASP A 95 14.34 -5.69 -11.59
C ASP A 95 14.30 -4.95 -10.25
N HIS A 96 13.25 -4.15 -10.07
CA HIS A 96 13.08 -3.39 -8.83
C HIS A 96 11.71 -3.65 -8.21
N SER A 97 11.71 -4.28 -7.04
CA SER A 97 10.47 -4.60 -6.35
C SER A 97 10.62 -4.39 -4.84
N GLY A 98 9.50 -4.19 -4.16
CA GLY A 98 9.52 -3.98 -2.72
C GLY A 98 8.18 -4.27 -2.08
N ARG A 99 7.65 -3.28 -1.36
CA ARG A 99 6.37 -3.45 -0.68
C ARG A 99 5.85 -2.09 -0.17
N LEU A 100 4.55 -2.03 0.06
CA LEU A 100 3.93 -0.79 0.54
C LEU A 100 3.24 -1.02 1.89
N ILE A 101 3.74 -0.36 2.92
CA ILE A 101 3.17 -0.48 4.26
C ILE A 101 2.10 0.58 4.50
N VAL A 102 0.84 0.17 4.42
CA VAL A 102 -0.28 1.09 4.63
C VAL A 102 -0.80 0.99 6.06
N CYS A 103 -0.42 1.96 6.89
CA CYS A 103 -0.85 1.98 8.29
C CYS A 103 -2.28 2.51 8.40
N TYR A 104 -3.11 1.80 9.17
CA TYR A 104 -4.49 2.20 9.37
C TYR A 104 -4.65 3.01 10.64
N ASP A 105 -5.73 3.79 10.72
CA ASP A 105 -6.01 4.61 11.88
C ASP A 105 -6.15 3.75 13.14
N THR A 106 -6.54 2.50 12.94
CA THR A 106 -6.71 1.58 14.07
C THR A 106 -5.37 1.04 14.54
N GLY A 107 -4.45 0.87 13.61
CA GLY A 107 -3.12 0.36 13.95
C GLY A 107 -2.60 -0.63 12.94
N GLU A 108 -3.45 -1.56 12.53
CA GLU A 108 -3.05 -2.58 11.55
C GLU A 108 -2.45 -1.92 10.31
N LYS A 109 -1.61 -2.68 9.60
CA LYS A 109 -0.96 -2.18 8.39
C LYS A 109 -1.00 -3.23 7.29
N VAL A 110 -1.04 -2.76 6.05
CA VAL A 110 -1.08 -3.66 4.90
C VAL A 110 0.23 -3.59 4.11
N PHE A 111 0.64 -4.74 3.56
CA PHE A 111 1.87 -4.81 2.78
C PHE A 111 1.58 -5.24 1.35
N VAL A 112 1.89 -4.35 0.41
CA VAL A 112 1.66 -4.64 -1.01
C VAL A 112 2.97 -4.62 -1.79
N SER A 113 3.44 -5.81 -2.18
CA SER A 113 4.68 -5.93 -2.92
C SER A 113 4.68 -5.01 -4.15
N LEU A 114 5.85 -4.52 -4.51
CA LEU A 114 5.99 -3.63 -5.67
C LEU A 114 6.76 -4.31 -6.79
N TYR A 115 6.69 -3.73 -7.98
CA TYR A 115 7.39 -4.27 -9.14
C TYR A 115 7.60 -3.21 -10.21
N GLY A 116 8.42 -3.53 -11.21
CA GLY A 116 8.68 -2.58 -12.28
C GLY A 116 9.94 -2.93 -13.06
N ALA A 117 9.93 -4.08 -13.72
CA ALA A 117 11.07 -4.53 -14.50
C ALA A 117 11.52 -3.45 -15.48
N ALA A 118 12.67 -2.84 -15.20
CA ALA A 118 13.21 -1.80 -16.06
C ALA A 118 14.07 -2.38 -17.18
N ILE A 119 14.33 -1.57 -18.20
CA ILE A 119 15.14 -2.02 -19.34
C ILE A 119 15.96 -0.88 -19.91
N ASP A 120 17.13 -1.20 -20.43
CA ASP A 120 18.02 -0.20 -21.01
C ASP A 120 17.53 0.23 -22.39
N MET A 121 16.95 1.42 -22.48
CA MET A 121 16.44 1.94 -23.73
C MET A 121 17.57 2.50 -24.59
N ASN A 122 18.54 3.13 -23.94
CA ASN A 122 19.68 3.72 -24.63
C ASN A 122 20.48 2.64 -25.37
N GLY A 1 26.56 -20.98 23.46
CA GLY A 1 25.83 -20.33 24.53
C GLY A 1 25.42 -18.91 24.18
N SER A 2 24.41 -18.40 24.87
CA SER A 2 23.92 -17.05 24.62
C SER A 2 23.59 -16.86 23.15
N SER A 3 22.96 -17.86 22.54
CA SER A 3 22.59 -17.80 21.14
C SER A 3 21.29 -17.05 20.95
N GLY A 4 21.00 -16.66 19.71
CA GLY A 4 19.78 -15.93 19.41
C GLY A 4 19.04 -16.50 18.22
N SER A 5 18.24 -17.53 18.45
CA SER A 5 17.48 -18.17 17.38
C SER A 5 16.02 -17.70 17.39
N SER A 6 15.59 -17.10 16.29
CA SER A 6 14.23 -16.60 16.18
C SER A 6 13.24 -17.75 16.04
N GLY A 7 13.50 -18.64 15.08
CA GLY A 7 12.63 -19.77 14.86
C GLY A 7 11.48 -19.45 13.91
N THR A 8 10.60 -20.41 13.72
CA THR A 8 9.44 -20.23 12.85
C THR A 8 8.20 -19.84 13.64
N GLU A 9 7.51 -18.80 13.17
CA GLU A 9 6.30 -18.33 13.83
C GLU A 9 5.34 -17.70 12.83
N ARG A 10 4.08 -17.58 13.22
CA ARG A 10 3.06 -16.99 12.36
C ARG A 10 1.94 -16.36 13.18
N GLU A 11 1.16 -15.50 12.56
CA GLU A 11 0.05 -14.83 13.24
C GLU A 11 -1.22 -14.90 12.40
N LYS A 12 -2.30 -15.38 13.01
CA LYS A 12 -3.58 -15.50 12.32
C LYS A 12 -4.66 -14.71 13.05
N PHE A 13 -5.11 -13.62 12.44
CA PHE A 13 -6.14 -12.78 13.03
C PHE A 13 -7.51 -13.46 12.96
N ILE A 14 -8.33 -13.24 13.98
CA ILE A 14 -9.67 -13.84 14.03
C ILE A 14 -10.71 -12.79 14.38
N VAL A 15 -11.85 -12.85 13.69
CA VAL A 15 -12.94 -11.90 13.92
C VAL A 15 -13.62 -12.18 15.26
N PRO A 16 -14.15 -11.12 15.89
CA PRO A 16 -14.83 -11.21 17.18
C PRO A 16 -16.17 -11.93 17.06
N ILE A 17 -16.86 -12.06 18.20
CA ILE A 17 -18.16 -12.73 18.23
C ILE A 17 -19.27 -11.77 17.83
N LYS A 18 -19.28 -10.59 18.44
CA LYS A 18 -20.30 -9.59 18.14
C LYS A 18 -19.80 -8.62 17.07
N ALA A 19 -18.53 -8.24 17.16
CA ALA A 19 -17.94 -7.31 16.21
C ALA A 19 -18.56 -5.92 16.33
N ARG A 20 -18.74 -5.47 17.57
CA ARG A 20 -19.32 -4.16 17.82
C ARG A 20 -18.35 -3.05 17.44
N GLY A 21 -17.12 -3.17 17.93
CA GLY A 21 -16.10 -2.17 17.64
C GLY A 21 -16.02 -1.85 16.15
N ALA A 22 -16.28 -0.59 15.81
CA ALA A 22 -16.24 -0.15 14.43
C ALA A 22 -14.80 -0.10 13.91
N ARG A 23 -14.54 -0.81 12.82
CA ARG A 23 -13.21 -0.86 12.23
C ARG A 23 -13.25 -0.48 10.76
N ALA A 24 -12.33 0.38 10.34
CA ALA A 24 -12.26 0.82 8.96
C ALA A 24 -11.50 -0.18 8.10
N ILE A 25 -11.96 -0.38 6.86
CA ILE A 25 -11.31 -1.31 5.95
C ILE A 25 -11.13 -0.67 4.57
N LEU A 26 -10.07 -1.10 3.88
CA LEU A 26 -9.78 -0.57 2.55
C LEU A 26 -9.59 -1.71 1.55
N ASP A 27 -9.47 -1.36 0.27
CA ASP A 27 -9.28 -2.35 -0.78
C ASP A 27 -7.95 -2.12 -1.51
N PHE A 28 -6.98 -2.99 -1.25
CA PHE A 28 -5.67 -2.88 -1.88
C PHE A 28 -5.27 -4.20 -2.52
N PRO A 29 -4.68 -4.11 -3.72
CA PRO A 29 -4.24 -5.29 -4.48
C PRO A 29 -3.04 -5.97 -3.84
N ASP A 30 -2.92 -7.27 -4.04
CA ASP A 30 -1.81 -8.04 -3.48
C ASP A 30 -0.48 -7.36 -3.78
N LYS A 31 -0.31 -6.90 -5.02
CA LYS A 31 0.91 -6.24 -5.44
C LYS A 31 0.66 -5.34 -6.65
N LEU A 32 1.61 -4.46 -6.93
CA LEU A 32 1.49 -3.54 -8.06
C LEU A 32 2.33 -4.02 -9.24
N ASN A 33 1.65 -4.49 -10.28
CA ASN A 33 2.33 -4.98 -11.48
C ASN A 33 2.61 -3.84 -12.45
N PHE A 34 3.88 -3.46 -12.56
CA PHE A 34 4.28 -2.37 -13.45
C PHE A 34 4.79 -2.92 -14.78
N SER A 35 4.01 -2.72 -15.83
CA SER A 35 4.39 -3.21 -17.16
C SER A 35 5.79 -2.73 -17.54
N THR A 36 6.29 -3.22 -18.67
CA THR A 36 7.61 -2.85 -19.14
C THR A 36 7.77 -1.33 -19.23
N CYS A 37 8.60 -0.77 -18.37
CA CYS A 37 8.83 0.67 -18.36
C CYS A 37 10.31 0.98 -18.43
N PRO A 38 10.64 2.21 -18.87
CA PRO A 38 12.04 2.66 -19.00
C PRO A 38 12.70 2.86 -17.65
N VAL A 39 13.95 2.40 -17.53
CA VAL A 39 14.70 2.53 -16.29
C VAL A 39 14.93 4.00 -15.94
N LYS A 40 15.67 4.69 -16.80
CA LYS A 40 15.97 6.11 -16.59
C LYS A 40 14.69 6.91 -16.38
N TYR A 41 13.84 6.93 -17.40
CA TYR A 41 12.58 7.67 -17.32
C TYR A 41 11.79 7.27 -16.07
N SER A 42 10.76 8.04 -15.76
CA SER A 42 9.93 7.77 -14.59
C SER A 42 8.67 7.00 -14.99
N THR A 43 8.11 6.28 -14.02
CA THR A 43 6.90 5.49 -14.26
C THR A 43 5.72 6.03 -13.46
N GLN A 44 4.53 5.95 -14.05
CA GLN A 44 3.33 6.44 -13.39
C GLN A 44 2.26 5.35 -13.34
N LYS A 45 1.39 5.42 -12.33
CA LYS A 45 0.33 4.44 -12.16
C LYS A 45 -0.70 4.91 -11.14
N ILE A 46 -1.93 4.42 -11.27
CA ILE A 46 -3.00 4.80 -10.35
C ILE A 46 -3.63 3.57 -9.72
N LEU A 47 -4.15 3.74 -8.51
CA LEU A 47 -4.80 2.64 -7.79
C LEU A 47 -6.08 3.11 -7.13
N LEU A 48 -7.21 2.62 -7.65
CA LEU A 48 -8.52 2.99 -7.11
C LEU A 48 -8.78 2.26 -5.80
N VAL A 49 -9.02 3.03 -4.75
CA VAL A 49 -9.28 2.47 -3.42
C VAL A 49 -10.74 2.69 -3.02
N ARG A 50 -11.40 1.60 -2.63
CA ARG A 50 -12.80 1.67 -2.22
C ARG A 50 -12.95 1.31 -0.75
N ASN A 51 -13.62 2.18 0.00
CA ASN A 51 -13.84 1.96 1.43
C ASN A 51 -14.86 0.85 1.66
N ILE A 52 -14.36 -0.35 1.99
CA ILE A 52 -15.23 -1.48 2.24
C ILE A 52 -15.49 -1.67 3.73
N GLY A 53 -15.20 -0.63 4.51
CA GLY A 53 -15.41 -0.69 5.94
C GLY A 53 -16.75 -0.12 6.36
N ASN A 54 -16.95 0.04 7.66
CA ASN A 54 -18.21 0.57 8.18
C ASN A 54 -18.08 2.06 8.46
N LYS A 55 -16.99 2.45 9.13
CA LYS A 55 -16.76 3.85 9.46
C LYS A 55 -15.61 4.41 8.64
N ASN A 56 -15.40 5.72 8.75
CA ASN A 56 -14.32 6.39 8.02
C ASN A 56 -12.99 5.68 8.25
N ALA A 57 -12.24 5.49 7.17
CA ALA A 57 -10.93 4.82 7.25
C ALA A 57 -9.80 5.83 7.07
N VAL A 58 -8.79 5.73 7.94
CA VAL A 58 -7.64 6.63 7.86
C VAL A 58 -6.34 5.85 7.68
N PHE A 59 -5.76 5.94 6.50
CA PHE A 59 -4.52 5.24 6.18
C PHE A 59 -3.41 6.24 5.87
N HIS A 60 -2.17 5.82 6.07
CA HIS A 60 -1.01 6.66 5.80
C HIS A 60 0.18 5.83 5.31
N ILE A 61 0.52 5.98 4.04
CA ILE A 61 1.63 5.25 3.46
C ILE A 61 2.90 6.08 3.46
N LYS A 62 4.04 5.42 3.67
CA LYS A 62 5.32 6.10 3.70
C LYS A 62 6.39 5.28 2.96
N THR A 63 7.10 5.93 2.05
CA THR A 63 8.15 5.27 1.28
C THR A 63 9.15 6.27 0.73
N CYS A 64 10.29 5.77 0.26
CA CYS A 64 11.33 6.62 -0.29
C CYS A 64 11.73 6.16 -1.69
N ARG A 65 12.32 7.06 -2.46
CA ARG A 65 12.75 6.75 -3.82
C ARG A 65 13.61 5.49 -3.84
N PRO A 66 13.76 4.89 -5.03
CA PRO A 66 13.13 5.40 -6.26
C PRO A 66 11.62 5.23 -6.24
N PHE A 67 11.10 4.63 -5.17
CA PHE A 67 9.67 4.40 -5.04
C PHE A 67 9.01 5.52 -4.23
N SER A 68 7.91 6.04 -4.74
CA SER A 68 7.19 7.12 -4.07
C SER A 68 5.73 7.17 -4.53
N ILE A 69 4.87 7.70 -3.67
CA ILE A 69 3.45 7.80 -3.98
C ILE A 69 2.83 9.02 -3.30
N GLU A 70 1.62 9.38 -3.74
CA GLU A 70 0.92 10.53 -3.18
C GLU A 70 -0.55 10.53 -3.60
N PRO A 71 -1.41 11.05 -2.72
CA PRO A 71 -0.99 11.59 -1.43
C PRO A 71 -0.52 10.50 -0.46
N ALA A 72 0.62 10.73 0.16
CA ALA A 72 1.18 9.76 1.11
C ALA A 72 0.14 9.37 2.16
N ILE A 73 -0.81 10.26 2.40
CA ILE A 73 -1.85 10.00 3.39
C ILE A 73 -3.18 10.60 2.94
N GLY A 74 -4.28 9.93 3.30
CA GLY A 74 -5.60 10.42 2.94
C GLY A 74 -6.70 9.77 3.74
N THR A 75 -7.94 10.16 3.47
CA THR A 75 -9.09 9.60 4.18
C THR A 75 -10.21 9.24 3.22
N LEU A 76 -10.69 8.01 3.31
CA LEU A 76 -11.76 7.54 2.44
C LEU A 76 -13.00 7.16 3.26
N ASN A 77 -14.16 7.55 2.77
CA ASN A 77 -15.42 7.26 3.45
C ASN A 77 -16.10 6.04 2.83
N VAL A 78 -16.89 5.34 3.65
CA VAL A 78 -17.60 4.15 3.17
C VAL A 78 -18.54 4.49 2.02
N GLY A 79 -18.49 3.69 0.96
CA GLY A 79 -19.35 3.92 -0.19
C GLY A 79 -18.65 4.70 -1.28
N GLU A 80 -17.65 5.49 -0.90
CA GLU A 80 -16.89 6.29 -1.86
C GLU A 80 -15.54 5.65 -2.15
N SER A 81 -14.84 6.19 -3.13
CA SER A 81 -13.53 5.68 -3.52
C SER A 81 -12.58 6.82 -3.88
N MET A 82 -11.33 6.47 -4.15
CA MET A 82 -10.32 7.47 -4.51
C MET A 82 -9.22 6.84 -5.36
N GLN A 83 -8.28 7.67 -5.81
CA GLN A 83 -7.18 7.19 -6.65
C GLN A 83 -5.84 7.51 -6.00
N LEU A 84 -4.85 6.66 -6.23
CA LEU A 84 -3.52 6.85 -5.67
C LEU A 84 -2.45 6.80 -6.76
N GLU A 85 -1.79 7.93 -6.99
CA GLU A 85 -0.75 8.01 -8.00
C GLU A 85 0.59 7.56 -7.44
N VAL A 86 1.02 6.35 -7.80
CA VAL A 86 2.29 5.80 -7.32
C VAL A 86 3.40 6.03 -8.35
N GLU A 87 4.35 6.88 -7.99
CA GLU A 87 5.47 7.18 -8.88
C GLU A 87 6.71 6.39 -8.48
N PHE A 88 7.37 5.78 -9.46
CA PHE A 88 8.57 4.99 -9.21
C PHE A 88 9.52 5.06 -10.40
N GLU A 89 10.61 5.81 -10.23
CA GLU A 89 11.61 5.96 -11.30
C GLU A 89 12.95 5.38 -10.87
N PRO A 90 13.25 4.17 -11.36
CA PRO A 90 14.50 3.47 -11.05
C PRO A 90 15.71 4.14 -11.69
N GLN A 91 16.90 3.69 -11.32
CA GLN A 91 18.14 4.25 -11.85
C GLN A 91 18.93 3.19 -12.61
N SER A 92 18.91 1.96 -12.11
CA SER A 92 19.62 0.86 -12.74
C SER A 92 18.65 -0.11 -13.40
N VAL A 93 18.85 -0.33 -14.71
CA VAL A 93 17.99 -1.23 -15.47
C VAL A 93 17.99 -2.62 -14.85
N GLY A 94 16.79 -3.18 -14.68
CA GLY A 94 16.67 -4.51 -14.10
C GLY A 94 15.36 -4.71 -13.37
N ASP A 95 15.07 -5.95 -13.01
CA ASP A 95 13.83 -6.27 -12.31
C ASP A 95 13.78 -5.56 -10.95
N HIS A 96 12.82 -4.64 -10.82
CA HIS A 96 12.67 -3.89 -9.58
C HIS A 96 11.42 -4.33 -8.83
N SER A 97 11.59 -4.67 -7.55
CA SER A 97 10.48 -5.12 -6.72
C SER A 97 10.65 -4.66 -5.28
N GLY A 98 9.53 -4.44 -4.59
CA GLY A 98 9.58 -3.99 -3.21
C GLY A 98 8.34 -4.36 -2.44
N ARG A 99 8.00 -3.55 -1.44
CA ARG A 99 6.82 -3.79 -0.62
C ARG A 99 6.31 -2.49 0.01
N LEU A 100 5.00 -2.29 -0.03
CA LEU A 100 4.39 -1.10 0.54
C LEU A 100 3.69 -1.41 1.86
N ILE A 101 4.21 -0.85 2.94
CA ILE A 101 3.62 -1.07 4.26
C ILE A 101 2.77 0.12 4.69
N VAL A 102 1.45 -0.08 4.68
CA VAL A 102 0.52 0.98 5.07
C VAL A 102 0.31 1.00 6.58
N CYS A 103 0.39 2.18 7.17
CA CYS A 103 0.21 2.33 8.61
C CYS A 103 -1.15 2.95 8.92
N TYR A 104 -2.07 2.11 9.39
CA TYR A 104 -3.42 2.57 9.72
C TYR A 104 -3.40 3.42 10.98
N ASP A 105 -4.49 4.16 11.20
CA ASP A 105 -4.60 5.02 12.38
C ASP A 105 -5.16 4.25 13.57
N THR A 106 -5.36 2.94 13.38
CA THR A 106 -5.90 2.09 14.43
C THR A 106 -4.84 1.11 14.93
N GLY A 107 -4.04 0.60 14.00
CA GLY A 107 -3.00 -0.36 14.36
C GLY A 107 -2.75 -1.38 13.27
N GLU A 108 -3.74 -1.56 12.40
CA GLU A 108 -3.62 -2.52 11.30
C GLU A 108 -2.47 -2.15 10.37
N LYS A 109 -2.02 -3.12 9.58
CA LYS A 109 -0.91 -2.89 8.64
C LYS A 109 -1.04 -3.81 7.43
N VAL A 110 -1.05 -3.22 6.24
CA VAL A 110 -1.17 -3.98 5.00
C VAL A 110 0.12 -3.91 4.20
N PHE A 111 0.40 -4.97 3.44
CA PHE A 111 1.61 -5.02 2.63
C PHE A 111 1.25 -5.20 1.15
N VAL A 112 1.89 -4.39 0.30
CA VAL A 112 1.65 -4.46 -1.13
C VAL A 112 2.96 -4.49 -1.92
N SER A 113 3.33 -5.68 -2.38
CA SER A 113 4.56 -5.85 -3.14
C SER A 113 4.61 -4.89 -4.32
N LEU A 114 5.82 -4.46 -4.67
CA LEU A 114 6.01 -3.53 -5.79
C LEU A 114 6.74 -4.21 -6.94
N TYR A 115 6.57 -3.68 -8.14
CA TYR A 115 7.22 -4.23 -9.33
C TYR A 115 7.45 -3.15 -10.38
N GLY A 116 8.20 -3.49 -11.41
CA GLY A 116 8.48 -2.53 -12.47
C GLY A 116 9.70 -2.91 -13.28
N ALA A 117 9.63 -4.04 -13.98
CA ALA A 117 10.75 -4.51 -14.79
C ALA A 117 11.21 -3.42 -15.75
N ALA A 118 12.36 -2.81 -15.42
CA ALA A 118 12.92 -1.75 -16.25
C ALA A 118 13.70 -2.33 -17.43
N ILE A 119 13.99 -1.49 -18.41
CA ILE A 119 14.73 -1.92 -19.59
C ILE A 119 15.74 -0.86 -20.02
N ASP A 120 16.93 -1.31 -20.41
CA ASP A 120 17.99 -0.41 -20.85
C ASP A 120 17.51 0.50 -21.98
N MET A 121 17.33 1.78 -21.66
CA MET A 121 16.87 2.74 -22.65
C MET A 121 18.03 3.25 -23.51
N ASN A 122 19.07 3.74 -22.84
CA ASN A 122 20.25 4.25 -23.54
C ASN A 122 20.75 3.25 -24.57
N GLY A 1 26.45 -29.59 14.69
CA GLY A 1 25.19 -28.95 14.38
C GLY A 1 25.23 -27.45 14.57
N SER A 2 25.62 -26.73 13.52
CA SER A 2 25.71 -25.28 13.59
C SER A 2 24.33 -24.65 13.73
N SER A 3 23.41 -25.07 12.86
CA SER A 3 22.05 -24.54 12.88
C SER A 3 21.03 -25.68 12.90
N GLY A 4 19.76 -25.33 12.99
CA GLY A 4 18.70 -26.33 13.02
C GLY A 4 17.64 -26.07 11.98
N SER A 5 16.37 -26.11 12.41
CA SER A 5 15.25 -25.89 11.50
C SER A 5 14.01 -25.46 12.26
N SER A 6 13.06 -24.84 11.57
CA SER A 6 11.83 -24.38 12.18
C SER A 6 10.67 -25.29 11.81
N GLY A 7 9.64 -25.30 12.66
CA GLY A 7 8.48 -26.14 12.41
C GLY A 7 7.61 -25.61 11.29
N THR A 8 6.32 -25.46 11.57
CA THR A 8 5.37 -24.95 10.59
C THR A 8 4.55 -23.79 11.15
N GLU A 9 4.24 -22.82 10.31
CA GLU A 9 3.46 -21.67 10.72
C GLU A 9 2.00 -22.04 10.92
N ARG A 10 1.28 -21.26 11.73
CA ARG A 10 -0.12 -21.51 11.99
C ARG A 10 -0.95 -20.24 11.82
N GLU A 11 -2.20 -20.39 11.37
CA GLU A 11 -3.08 -19.26 11.17
C GLU A 11 -3.43 -18.59 12.50
N LYS A 12 -4.18 -17.49 12.42
CA LYS A 12 -4.59 -16.76 13.62
C LYS A 12 -5.85 -17.37 14.22
N PHE A 13 -6.13 -17.02 15.47
CA PHE A 13 -7.31 -17.53 16.16
C PHE A 13 -8.56 -16.75 15.75
N ILE A 14 -9.73 -17.28 16.10
CA ILE A 14 -10.99 -16.64 15.77
C ILE A 14 -11.33 -15.55 16.78
N VAL A 15 -11.77 -14.40 16.28
CA VAL A 15 -12.14 -13.28 17.14
C VAL A 15 -13.19 -13.70 18.17
N PRO A 16 -13.14 -13.07 19.35
CA PRO A 16 -14.07 -13.36 20.44
C PRO A 16 -15.49 -12.89 20.13
N ILE A 17 -16.48 -13.55 20.71
CA ILE A 17 -17.87 -13.20 20.50
C ILE A 17 -18.20 -11.85 21.13
N LYS A 18 -17.23 -11.29 21.86
CA LYS A 18 -17.41 -10.00 22.52
C LYS A 18 -16.65 -8.91 21.78
N ALA A 19 -16.27 -9.18 20.54
CA ALA A 19 -15.55 -8.22 19.73
C ALA A 19 -16.36 -7.80 18.50
N ARG A 20 -16.74 -6.53 18.46
CA ARG A 20 -17.53 -6.01 17.35
C ARG A 20 -17.36 -4.50 17.23
N GLY A 21 -17.33 -4.00 15.99
CA GLY A 21 -17.17 -2.58 15.76
C GLY A 21 -16.72 -2.26 14.35
N ALA A 22 -16.48 -0.98 14.08
CA ALA A 22 -16.05 -0.55 12.76
C ALA A 22 -14.53 -0.63 12.62
N ARG A 23 -14.07 -1.28 11.57
CA ARG A 23 -12.63 -1.43 11.33
C ARG A 23 -12.18 -0.53 10.18
N ALA A 24 -13.14 0.05 9.48
CA ALA A 24 -12.84 0.94 8.36
C ALA A 24 -11.90 0.26 7.36
N ILE A 25 -12.23 -0.97 7.00
CA ILE A 25 -11.41 -1.73 6.05
C ILE A 25 -11.32 -1.01 4.71
N LEU A 26 -10.30 -1.37 3.93
CA LEU A 26 -10.10 -0.76 2.62
C LEU A 26 -9.96 -1.82 1.54
N ASP A 27 -9.81 -1.37 0.30
CA ASP A 27 -9.67 -2.29 -0.83
C ASP A 27 -8.31 -2.11 -1.50
N PHE A 28 -7.38 -3.01 -1.22
CA PHE A 28 -6.05 -2.94 -1.80
C PHE A 28 -5.64 -4.29 -2.39
N PRO A 29 -5.02 -4.26 -3.59
CA PRO A 29 -4.57 -5.47 -4.27
C PRO A 29 -3.39 -6.12 -3.57
N ASP A 30 -3.20 -7.42 -3.84
CA ASP A 30 -2.10 -8.17 -3.23
C ASP A 30 -0.76 -7.57 -3.62
N LYS A 31 -0.62 -7.21 -4.89
CA LYS A 31 0.62 -6.63 -5.40
C LYS A 31 0.38 -5.87 -6.69
N LEU A 32 1.25 -4.90 -6.98
CA LEU A 32 1.12 -4.09 -8.19
C LEU A 32 2.24 -4.42 -9.18
N ASN A 33 1.87 -5.05 -10.29
CA ASN A 33 2.83 -5.42 -11.32
C ASN A 33 2.97 -4.31 -12.37
N PHE A 34 4.07 -3.58 -12.31
CA PHE A 34 4.32 -2.50 -13.25
C PHE A 34 4.83 -3.04 -14.58
N SER A 35 4.00 -2.94 -15.62
CA SER A 35 4.37 -3.43 -16.94
C SER A 35 5.72 -2.85 -17.37
N THR A 36 6.18 -3.28 -18.54
CA THR A 36 7.46 -2.81 -19.07
C THR A 36 7.54 -1.29 -19.07
N CYS A 37 8.56 -0.75 -18.42
CA CYS A 37 8.75 0.70 -18.35
C CYS A 37 10.22 1.07 -18.51
N PRO A 38 10.48 2.33 -18.88
CA PRO A 38 11.84 2.83 -19.09
C PRO A 38 12.61 2.96 -17.77
N VAL A 39 13.87 2.52 -17.77
CA VAL A 39 14.70 2.60 -16.58
C VAL A 39 14.91 4.05 -16.14
N LYS A 40 15.56 4.83 -16.99
CA LYS A 40 15.82 6.23 -16.70
C LYS A 40 14.53 6.99 -16.46
N TYR A 41 13.70 7.09 -17.50
CA TYR A 41 12.43 7.79 -17.41
C TYR A 41 11.61 7.28 -16.23
N SER A 42 10.85 8.18 -15.61
CA SER A 42 10.03 7.82 -14.47
C SER A 42 8.72 7.17 -14.92
N THR A 43 8.13 6.37 -14.04
CA THR A 43 6.88 5.69 -14.35
C THR A 43 5.79 6.06 -13.35
N GLN A 44 4.56 6.16 -13.85
CA GLN A 44 3.42 6.52 -12.99
C GLN A 44 2.30 5.49 -13.13
N LYS A 45 1.49 5.37 -12.09
CA LYS A 45 0.38 4.44 -12.09
C LYS A 45 -0.73 4.89 -11.15
N ILE A 46 -1.96 4.49 -11.45
CA ILE A 46 -3.10 4.86 -10.62
C ILE A 46 -3.65 3.65 -9.86
N LEU A 47 -4.12 3.89 -8.65
CA LEU A 47 -4.67 2.83 -7.81
C LEU A 47 -6.00 3.25 -7.20
N LEU A 48 -7.09 2.74 -7.78
CA LEU A 48 -8.43 3.05 -7.29
C LEU A 48 -8.73 2.30 -6.00
N VAL A 49 -8.95 3.04 -4.91
CA VAL A 49 -9.25 2.44 -3.62
C VAL A 49 -10.71 2.66 -3.25
N ARG A 50 -11.38 1.58 -2.84
CA ARG A 50 -12.78 1.65 -2.46
C ARG A 50 -12.95 1.27 -0.99
N ASN A 51 -13.56 2.17 -0.22
CA ASN A 51 -13.79 1.93 1.20
C ASN A 51 -14.81 0.81 1.41
N ILE A 52 -14.34 -0.34 1.87
CA ILE A 52 -15.21 -1.48 2.10
C ILE A 52 -15.44 -1.70 3.60
N GLY A 53 -15.12 -0.68 4.39
CA GLY A 53 -15.30 -0.77 5.84
C GLY A 53 -16.66 -0.26 6.28
N ASN A 54 -16.83 -0.10 7.58
CA ASN A 54 -18.09 0.38 8.14
C ASN A 54 -18.05 1.88 8.37
N LYS A 55 -16.91 2.36 8.87
CA LYS A 55 -16.73 3.78 9.14
C LYS A 55 -15.53 4.34 8.38
N ASN A 56 -15.34 5.65 8.46
CA ASN A 56 -14.23 6.30 7.78
C ASN A 56 -12.90 5.63 8.13
N ALA A 57 -12.08 5.41 7.11
CA ALA A 57 -10.78 4.77 7.31
C ALA A 57 -9.64 5.78 7.19
N VAL A 58 -8.64 5.64 8.04
CA VAL A 58 -7.49 6.54 8.02
C VAL A 58 -6.18 5.77 7.84
N PHE A 59 -5.58 5.92 6.66
CA PHE A 59 -4.33 5.23 6.36
C PHE A 59 -3.22 6.24 6.05
N HIS A 60 -1.98 5.80 6.15
CA HIS A 60 -0.83 6.65 5.89
C HIS A 60 0.32 5.85 5.28
N ILE A 61 0.52 6.02 3.98
CA ILE A 61 1.59 5.32 3.28
C ILE A 61 2.93 6.04 3.42
N LYS A 62 4.00 5.26 3.52
CA LYS A 62 5.34 5.83 3.66
C LYS A 62 6.36 5.02 2.87
N THR A 63 7.19 5.72 2.09
CA THR A 63 8.21 5.07 1.29
C THR A 63 9.19 6.07 0.73
N CYS A 64 10.32 5.59 0.23
CA CYS A 64 11.35 6.45 -0.35
C CYS A 64 11.76 5.96 -1.73
N ARG A 65 12.38 6.84 -2.51
CA ARG A 65 12.83 6.50 -3.86
C ARG A 65 13.68 5.23 -3.84
N PRO A 66 13.76 4.56 -5.00
CA PRO A 66 13.08 5.01 -6.23
C PRO A 66 11.57 4.87 -6.14
N PHE A 67 11.09 4.34 -5.01
CA PHE A 67 9.67 4.15 -4.80
C PHE A 67 9.06 5.32 -4.04
N SER A 68 7.88 5.77 -4.49
CA SER A 68 7.21 6.89 -3.86
C SER A 68 5.74 6.96 -4.29
N ILE A 69 4.92 7.61 -3.48
CA ILE A 69 3.50 7.75 -3.78
C ILE A 69 2.95 9.06 -3.23
N GLU A 70 1.83 9.50 -3.80
CA GLU A 70 1.19 10.74 -3.36
C GLU A 70 -0.28 10.77 -3.76
N PRO A 71 -1.13 11.21 -2.82
CA PRO A 71 -0.69 11.67 -1.50
C PRO A 71 -0.20 10.51 -0.64
N ALA A 72 0.82 10.78 0.19
CA ALA A 72 1.38 9.77 1.07
C ALA A 72 0.38 9.36 2.15
N ILE A 73 -0.52 10.28 2.49
CA ILE A 73 -1.53 10.02 3.50
C ILE A 73 -2.88 10.59 3.10
N GLY A 74 -3.95 9.93 3.54
CA GLY A 74 -5.29 10.39 3.22
C GLY A 74 -6.36 9.60 3.93
N THR A 75 -7.60 10.07 3.84
CA THR A 75 -8.73 9.40 4.49
C THR A 75 -9.89 9.21 3.52
N LEU A 76 -10.23 7.95 3.26
CA LEU A 76 -11.33 7.63 2.36
C LEU A 76 -12.61 7.37 3.12
N ASN A 77 -13.73 7.81 2.55
CA ASN A 77 -15.04 7.62 3.19
C ASN A 77 -15.66 6.29 2.76
N VAL A 78 -16.52 5.76 3.62
CA VAL A 78 -17.20 4.49 3.35
C VAL A 78 -18.04 4.59 2.07
N GLY A 79 -17.90 3.59 1.20
CA GLY A 79 -18.65 3.59 -0.04
C GLY A 79 -17.95 4.33 -1.16
N GLU A 80 -17.46 5.53 -0.85
CA GLU A 80 -16.77 6.35 -1.83
C GLU A 80 -15.36 5.79 -2.10
N SER A 81 -14.85 6.06 -3.30
CA SER A 81 -13.52 5.60 -3.68
C SER A 81 -12.60 6.77 -3.98
N MET A 82 -11.34 6.45 -4.29
CA MET A 82 -10.35 7.49 -4.61
C MET A 82 -9.23 6.92 -5.46
N GLN A 83 -8.44 7.81 -6.05
CA GLN A 83 -7.31 7.39 -6.89
C GLN A 83 -5.98 7.80 -6.27
N LEU A 84 -5.02 6.88 -6.28
CA LEU A 84 -3.71 7.15 -5.72
C LEU A 84 -2.63 7.04 -6.80
N GLU A 85 -1.82 8.10 -6.94
CA GLU A 85 -0.75 8.13 -7.92
C GLU A 85 0.57 7.66 -7.31
N VAL A 86 1.08 6.55 -7.80
CA VAL A 86 2.34 5.99 -7.31
C VAL A 86 3.47 6.22 -8.30
N GLU A 87 4.55 6.85 -7.84
CA GLU A 87 5.69 7.13 -8.68
C GLU A 87 6.85 6.16 -8.38
N PHE A 88 7.46 5.65 -9.44
CA PHE A 88 8.57 4.71 -9.29
C PHE A 88 9.49 4.75 -10.51
N GLU A 89 10.67 5.33 -10.33
CA GLU A 89 11.64 5.43 -11.42
C GLU A 89 12.92 4.66 -11.08
N PRO A 90 13.06 3.46 -11.67
CA PRO A 90 14.23 2.60 -11.46
C PRO A 90 15.49 3.18 -12.10
N GLN A 91 16.46 3.52 -11.25
CA GLN A 91 17.72 4.08 -11.74
C GLN A 91 18.68 2.97 -12.16
N SER A 92 18.15 1.77 -12.34
CA SER A 92 18.96 0.63 -12.74
C SER A 92 18.13 -0.37 -13.54
N VAL A 93 18.44 -0.49 -14.83
CA VAL A 93 17.73 -1.41 -15.70
C VAL A 93 17.70 -2.82 -15.12
N GLY A 94 16.52 -3.42 -15.11
CA GLY A 94 16.38 -4.76 -14.57
C GLY A 94 15.06 -4.96 -13.85
N ASP A 95 14.88 -6.14 -13.28
CA ASP A 95 13.66 -6.45 -12.55
C ASP A 95 13.72 -5.93 -11.12
N HIS A 96 12.86 -4.95 -10.81
CA HIS A 96 12.82 -4.36 -9.48
C HIS A 96 11.49 -4.66 -8.79
N SER A 97 11.55 -4.86 -7.48
CA SER A 97 10.35 -5.17 -6.70
C SER A 97 10.50 -4.68 -5.26
N GLY A 98 9.39 -4.65 -4.53
CA GLY A 98 9.41 -4.21 -3.15
C GLY A 98 8.10 -4.45 -2.43
N ARG A 99 7.68 -3.48 -1.63
CA ARG A 99 6.43 -3.60 -0.89
C ARG A 99 6.03 -2.26 -0.28
N LEU A 100 4.73 -2.08 -0.08
CA LEU A 100 4.21 -0.84 0.50
C LEU A 100 3.61 -1.09 1.88
N ILE A 101 4.06 -0.32 2.87
CA ILE A 101 3.56 -0.45 4.23
C ILE A 101 2.57 0.65 4.56
N VAL A 102 1.29 0.29 4.65
CA VAL A 102 0.24 1.25 4.96
C VAL A 102 -0.05 1.28 6.46
N CYS A 103 0.24 2.41 7.09
CA CYS A 103 0.01 2.56 8.52
C CYS A 103 -1.41 3.07 8.79
N TYR A 104 -2.15 2.31 9.60
CA TYR A 104 -3.51 2.68 9.94
C TYR A 104 -3.57 3.47 11.24
N ASP A 105 -4.63 4.24 11.42
CA ASP A 105 -4.80 5.04 12.62
C ASP A 105 -4.78 4.17 13.87
N THR A 106 -5.33 2.96 13.75
CA THR A 106 -5.37 2.03 14.87
C THR A 106 -4.02 1.35 15.07
N GLY A 107 -3.30 1.15 13.98
CA GLY A 107 -1.99 0.51 14.07
C GLY A 107 -1.82 -0.60 13.04
N GLU A 108 -2.94 -1.03 12.44
CA GLU A 108 -2.91 -2.09 11.45
C GLU A 108 -1.89 -1.77 10.35
N LYS A 109 -1.18 -2.79 9.89
CA LYS A 109 -0.18 -2.62 8.84
C LYS A 109 -0.50 -3.52 7.65
N VAL A 110 -0.38 -2.94 6.45
CA VAL A 110 -0.66 -3.68 5.22
C VAL A 110 0.59 -3.75 4.34
N PHE A 111 0.81 -4.91 3.74
CA PHE A 111 1.96 -5.11 2.86
C PHE A 111 1.52 -5.39 1.43
N VAL A 112 2.02 -4.59 0.50
CA VAL A 112 1.67 -4.76 -0.92
C VAL A 112 2.93 -4.79 -1.78
N SER A 113 3.30 -5.98 -2.22
CA SER A 113 4.48 -6.14 -3.07
C SER A 113 4.44 -5.20 -4.27
N LEU A 114 5.58 -4.63 -4.61
CA LEU A 114 5.67 -3.71 -5.75
C LEU A 114 6.41 -4.35 -6.91
N TYR A 115 6.47 -3.64 -8.03
CA TYR A 115 7.14 -4.13 -9.22
C TYR A 115 7.43 -3.00 -10.21
N GLY A 116 8.23 -3.29 -11.22
CA GLY A 116 8.57 -2.29 -12.21
C GLY A 116 9.74 -2.70 -13.08
N ALA A 117 9.58 -3.81 -13.81
CA ALA A 117 10.62 -4.31 -14.69
C ALA A 117 11.13 -3.22 -15.63
N ALA A 118 12.29 -2.66 -15.30
CA ALA A 118 12.88 -1.61 -16.11
C ALA A 118 13.55 -2.18 -17.35
N ILE A 119 13.99 -1.30 -18.25
CA ILE A 119 14.65 -1.73 -19.47
C ILE A 119 15.58 -0.65 -20.00
N ASP A 120 16.65 -1.07 -20.66
CA ASP A 120 17.63 -0.12 -21.22
C ASP A 120 17.23 0.31 -22.62
N MET A 121 16.97 1.60 -22.79
CA MET A 121 16.58 2.14 -24.09
C MET A 121 17.81 2.52 -24.90
N ASN A 122 18.79 3.11 -24.25
CA ASN A 122 20.02 3.52 -24.92
C ASN A 122 20.67 2.34 -25.62
N GLY A 1 -17.70 15.40 39.07
CA GLY A 1 -16.52 14.55 39.17
C GLY A 1 -16.18 13.89 37.86
N SER A 2 -15.47 12.76 37.94
CA SER A 2 -15.07 12.03 36.74
C SER A 2 -14.79 10.57 37.07
N SER A 3 -15.12 9.68 36.14
CA SER A 3 -14.89 8.25 36.33
C SER A 3 -14.63 7.55 34.99
N GLY A 4 -14.29 6.27 35.07
CA GLY A 4 -14.02 5.52 33.86
C GLY A 4 -12.93 4.48 34.05
N SER A 5 -11.93 4.51 33.18
CA SER A 5 -10.82 3.57 33.25
C SER A 5 -11.29 2.15 33.03
N SER A 6 -12.19 1.97 32.06
CA SER A 6 -12.73 0.65 31.74
C SER A 6 -11.63 -0.39 31.70
N GLY A 7 -10.61 -0.14 30.88
CA GLY A 7 -9.50 -1.07 30.78
C GLY A 7 -9.96 -2.49 30.47
N THR A 8 -9.01 -3.42 30.41
CA THR A 8 -9.32 -4.82 30.13
C THR A 8 -8.45 -5.75 30.96
N GLU A 9 -8.87 -7.01 31.05
CA GLU A 9 -8.12 -8.01 31.81
C GLU A 9 -7.19 -8.81 30.91
N ARG A 10 -6.94 -8.28 29.71
CA ARG A 10 -6.08 -8.95 28.74
C ARG A 10 -6.44 -10.43 28.62
N GLU A 11 -7.72 -10.74 28.79
CA GLU A 11 -8.19 -12.11 28.69
C GLU A 11 -8.77 -12.40 27.31
N LYS A 12 -8.28 -13.45 26.68
CA LYS A 12 -8.74 -13.84 25.35
C LYS A 12 -10.23 -14.12 25.36
N PHE A 13 -10.97 -13.35 24.56
CA PHE A 13 -12.42 -13.53 24.48
C PHE A 13 -12.92 -13.28 23.04
N ILE A 14 -13.49 -14.30 22.44
CA ILE A 14 -14.01 -14.19 21.08
C ILE A 14 -15.01 -13.06 20.96
N VAL A 15 -15.01 -12.38 19.81
CA VAL A 15 -15.92 -11.26 19.57
C VAL A 15 -17.37 -11.71 19.68
N PRO A 16 -18.25 -10.77 20.05
CA PRO A 16 -19.69 -11.05 20.20
C PRO A 16 -20.37 -11.31 18.86
N ILE A 17 -21.69 -11.46 18.89
CA ILE A 17 -22.46 -11.70 17.68
C ILE A 17 -22.03 -10.76 16.55
N LYS A 18 -22.15 -9.46 16.81
CA LYS A 18 -21.76 -8.46 15.81
C LYS A 18 -20.52 -7.72 16.25
N ALA A 19 -19.40 -7.99 15.58
CA ALA A 19 -18.13 -7.34 15.89
C ALA A 19 -17.94 -6.08 15.06
N ARG A 20 -18.31 -6.16 13.78
CA ARG A 20 -18.18 -5.02 12.88
C ARG A 20 -18.85 -3.78 13.47
N GLY A 21 -18.05 -2.74 13.73
CA GLY A 21 -18.59 -1.52 14.28
C GLY A 21 -18.05 -0.28 13.58
N ALA A 22 -16.97 0.28 14.12
CA ALA A 22 -16.36 1.47 13.54
C ALA A 22 -15.01 1.15 12.92
N ARG A 23 -14.76 -0.14 12.67
CA ARG A 23 -13.51 -0.57 12.08
C ARG A 23 -13.45 -0.23 10.59
N ALA A 24 -12.37 0.41 10.18
CA ALA A 24 -12.19 0.79 8.78
C ALA A 24 -11.38 -0.25 8.02
N ILE A 25 -11.74 -0.48 6.77
CA ILE A 25 -11.05 -1.45 5.94
C ILE A 25 -11.08 -1.04 4.47
N LEU A 26 -9.90 -1.00 3.86
CA LEU A 26 -9.78 -0.63 2.44
C LEU A 26 -9.59 -1.86 1.56
N ASP A 27 -9.50 -1.64 0.25
CA ASP A 27 -9.31 -2.73 -0.69
C ASP A 27 -8.07 -2.49 -1.54
N PHE A 28 -6.98 -3.19 -1.22
CA PHE A 28 -5.74 -3.06 -1.96
C PHE A 28 -5.33 -4.39 -2.58
N PRO A 29 -4.72 -4.32 -3.78
CA PRO A 29 -4.27 -5.50 -4.50
C PRO A 29 -3.08 -6.19 -3.83
N ASP A 30 -2.92 -7.48 -4.09
CA ASP A 30 -1.83 -8.24 -3.51
C ASP A 30 -0.49 -7.54 -3.72
N LYS A 31 -0.29 -7.02 -4.93
CA LYS A 31 0.94 -6.31 -5.26
C LYS A 31 0.73 -5.39 -6.46
N LEU A 32 1.71 -4.54 -6.72
CA LEU A 32 1.64 -3.60 -7.84
C LEU A 32 2.45 -4.11 -9.03
N ASN A 33 1.75 -4.49 -10.09
CA ASN A 33 2.40 -5.00 -11.29
C ASN A 33 2.63 -3.87 -12.30
N PHE A 34 3.88 -3.53 -12.52
CA PHE A 34 4.23 -2.46 -13.46
C PHE A 34 4.74 -3.04 -14.78
N SER A 35 3.92 -2.94 -15.82
CA SER A 35 4.28 -3.46 -17.13
C SER A 35 5.64 -2.94 -17.57
N THR A 36 6.08 -3.36 -18.74
CA THR A 36 7.37 -2.94 -19.28
C THR A 36 7.50 -1.42 -19.27
N CYS A 37 8.46 -0.92 -18.51
CA CYS A 37 8.68 0.53 -18.41
C CYS A 37 10.17 0.85 -18.51
N PRO A 38 10.47 2.09 -18.92
CA PRO A 38 11.86 2.55 -19.08
C PRO A 38 12.57 2.71 -17.73
N VAL A 39 13.83 2.31 -17.69
CA VAL A 39 14.62 2.41 -16.47
C VAL A 39 14.89 3.87 -16.11
N LYS A 40 15.60 4.57 -16.99
CA LYS A 40 15.93 5.96 -16.76
C LYS A 40 14.66 6.79 -16.56
N TYR A 41 13.83 6.84 -17.59
CA TYR A 41 12.58 7.61 -17.53
C TYR A 41 11.78 7.22 -16.29
N SER A 42 10.93 8.14 -15.83
CA SER A 42 10.10 7.90 -14.66
C SER A 42 8.79 7.23 -15.05
N THR A 43 8.19 6.51 -14.10
CA THR A 43 6.94 5.82 -14.33
C THR A 43 5.85 6.31 -13.39
N GLN A 44 4.60 6.28 -13.86
CA GLN A 44 3.47 6.72 -13.06
C GLN A 44 2.27 5.81 -13.27
N LYS A 45 1.40 5.73 -12.26
CA LYS A 45 0.21 4.90 -12.33
C LYS A 45 -0.80 5.30 -11.26
N ILE A 46 -2.05 4.90 -11.46
CA ILE A 46 -3.11 5.22 -10.52
C ILE A 46 -3.74 3.95 -9.95
N LEU A 47 -4.13 4.00 -8.69
CA LEU A 47 -4.75 2.86 -8.02
C LEU A 47 -6.06 3.25 -7.35
N LEU A 48 -7.16 2.74 -7.87
CA LEU A 48 -8.48 3.05 -7.31
C LEU A 48 -8.70 2.30 -6.00
N VAL A 49 -8.93 3.04 -4.93
CA VAL A 49 -9.16 2.45 -3.62
C VAL A 49 -10.58 2.71 -3.14
N ARG A 50 -11.28 1.64 -2.77
CA ARG A 50 -12.65 1.75 -2.29
C ARG A 50 -12.76 1.32 -0.84
N ASN A 51 -13.37 2.17 -0.01
CA ASN A 51 -13.54 1.87 1.40
C ASN A 51 -14.61 0.81 1.62
N ILE A 52 -14.20 -0.35 2.10
CA ILE A 52 -15.13 -1.44 2.36
C ILE A 52 -15.45 -1.56 3.84
N GLY A 53 -15.16 -0.51 4.59
CA GLY A 53 -15.42 -0.52 6.02
C GLY A 53 -16.81 0.00 6.36
N ASN A 54 -16.98 0.44 7.60
CA ASN A 54 -18.27 0.95 8.05
C ASN A 54 -18.18 2.45 8.35
N LYS A 55 -17.00 2.88 8.78
CA LYS A 55 -16.77 4.29 9.10
C LYS A 55 -15.60 4.85 8.31
N ASN A 56 -15.39 6.16 8.42
CA ASN A 56 -14.31 6.83 7.70
C ASN A 56 -12.98 6.11 7.94
N ALA A 57 -12.39 5.59 6.87
CA ALA A 57 -11.12 4.89 6.97
C ALA A 57 -9.95 5.86 6.90
N VAL A 58 -8.91 5.59 7.68
CA VAL A 58 -7.72 6.44 7.71
C VAL A 58 -6.45 5.62 7.54
N PHE A 59 -5.86 5.69 6.35
CA PHE A 59 -4.63 4.95 6.06
C PHE A 59 -3.47 5.90 5.83
N HIS A 60 -2.26 5.44 6.15
CA HIS A 60 -1.06 6.25 5.99
C HIS A 60 0.09 5.41 5.43
N ILE A 61 0.34 5.56 4.13
CA ILE A 61 1.41 4.81 3.49
C ILE A 61 2.75 5.54 3.61
N LYS A 62 3.83 4.78 3.69
CA LYS A 62 5.17 5.35 3.81
C LYS A 62 6.18 4.54 3.00
N THR A 63 7.04 5.25 2.28
CA THR A 63 8.06 4.60 1.47
C THR A 63 9.18 5.57 1.10
N CYS A 64 10.21 5.06 0.44
CA CYS A 64 11.35 5.89 0.03
C CYS A 64 11.77 5.56 -1.39
N ARG A 65 12.35 6.55 -2.07
CA ARG A 65 12.81 6.36 -3.45
C ARG A 65 13.69 5.13 -3.57
N PRO A 66 13.81 4.60 -4.80
CA PRO A 66 13.13 5.17 -5.97
C PRO A 66 11.63 4.97 -5.93
N PHE A 67 11.16 4.30 -4.87
CA PHE A 67 9.74 4.04 -4.70
C PHE A 67 9.07 5.12 -3.85
N SER A 68 8.03 5.74 -4.41
CA SER A 68 7.32 6.80 -3.70
C SER A 68 5.91 6.97 -4.26
N ILE A 69 4.99 7.40 -3.40
CA ILE A 69 3.60 7.61 -3.81
C ILE A 69 3.03 8.89 -3.20
N GLU A 70 1.93 9.36 -3.76
CA GLU A 70 1.28 10.57 -3.28
C GLU A 70 -0.18 10.61 -3.69
N PRO A 71 -1.05 11.06 -2.76
CA PRO A 71 -0.63 11.50 -1.43
C PRO A 71 -0.15 10.33 -0.57
N ALA A 72 0.85 10.60 0.29
CA ALA A 72 1.38 9.58 1.17
C ALA A 72 0.34 9.13 2.18
N ILE A 73 -0.60 10.01 2.51
CA ILE A 73 -1.65 9.70 3.46
C ILE A 73 -2.97 10.32 3.05
N GLY A 74 -4.08 9.63 3.35
CA GLY A 74 -5.39 10.14 3.00
C GLY A 74 -6.50 9.39 3.69
N THR A 75 -7.69 9.99 3.73
CA THR A 75 -8.84 9.36 4.37
C THR A 75 -9.96 9.12 3.37
N LEU A 76 -10.43 7.88 3.30
CA LEU A 76 -11.50 7.51 2.38
C LEU A 76 -12.78 7.18 3.15
N ASN A 77 -13.91 7.66 2.63
CA ASN A 77 -15.20 7.41 3.27
C ASN A 77 -15.83 6.12 2.74
N VAL A 78 -16.71 5.53 3.54
CA VAL A 78 -17.38 4.30 3.16
C VAL A 78 -18.28 4.52 1.95
N GLY A 79 -18.40 3.49 1.11
CA GLY A 79 -19.24 3.59 -0.08
C GLY A 79 -18.55 4.31 -1.21
N GLU A 80 -17.75 5.32 -0.86
CA GLU A 80 -17.04 6.10 -1.87
C GLU A 80 -15.65 5.52 -2.13
N SER A 81 -14.96 6.06 -3.13
CA SER A 81 -13.63 5.60 -3.48
C SER A 81 -12.71 6.76 -3.82
N MET A 82 -11.44 6.46 -4.08
CA MET A 82 -10.46 7.48 -4.41
C MET A 82 -9.34 6.90 -5.28
N GLN A 83 -8.45 7.78 -5.74
CA GLN A 83 -7.34 7.36 -6.57
C GLN A 83 -6.00 7.69 -5.91
N LEU A 84 -5.02 6.82 -6.10
CA LEU A 84 -3.70 7.01 -5.52
C LEU A 84 -2.62 6.85 -6.58
N GLU A 85 -1.88 7.92 -6.85
CA GLU A 85 -0.81 7.88 -7.84
C GLU A 85 0.50 7.42 -7.21
N VAL A 86 1.24 6.59 -7.93
CA VAL A 86 2.50 6.07 -7.44
C VAL A 86 3.63 6.35 -8.43
N GLU A 87 4.75 6.85 -7.91
CA GLU A 87 5.90 7.16 -8.74
C GLU A 87 7.08 6.25 -8.43
N PHE A 88 7.72 5.72 -9.47
CA PHE A 88 8.86 4.83 -9.31
C PHE A 88 9.79 4.91 -10.52
N GLU A 89 10.98 5.47 -10.30
CA GLU A 89 11.96 5.60 -11.37
C GLU A 89 13.29 4.99 -10.96
N PRO A 90 13.56 3.78 -11.47
CA PRO A 90 14.80 3.05 -11.18
C PRO A 90 16.02 3.71 -11.82
N GLN A 91 17.20 3.15 -11.55
CA GLN A 91 18.44 3.68 -12.10
C GLN A 91 19.12 2.65 -13.00
N SER A 92 19.04 1.38 -12.60
CA SER A 92 19.66 0.30 -13.36
C SER A 92 18.58 -0.61 -13.97
N VAL A 93 18.89 -1.18 -15.12
CA VAL A 93 17.96 -2.08 -15.81
C VAL A 93 17.76 -3.36 -15.02
N GLY A 94 16.53 -3.86 -15.02
CA GLY A 94 16.22 -5.09 -14.30
C GLY A 94 14.97 -4.96 -13.45
N ASP A 95 14.36 -6.10 -13.13
CA ASP A 95 13.14 -6.12 -12.32
C ASP A 95 13.43 -5.60 -10.92
N HIS A 96 12.55 -4.72 -10.43
CA HIS A 96 12.70 -4.14 -9.11
C HIS A 96 11.44 -4.34 -8.28
N SER A 97 11.52 -5.16 -7.25
CA SER A 97 10.38 -5.43 -6.39
C SER A 97 10.54 -4.75 -5.03
N GLY A 98 9.42 -4.44 -4.39
CA GLY A 98 9.45 -3.79 -3.10
C GLY A 98 8.30 -4.20 -2.21
N ARG A 99 7.95 -3.33 -1.27
CA ARG A 99 6.85 -3.60 -0.34
C ARG A 99 6.30 -2.31 0.25
N LEU A 100 5.01 -2.07 0.04
CA LEU A 100 4.35 -0.87 0.55
C LEU A 100 3.62 -1.16 1.85
N ILE A 101 4.03 -0.47 2.92
CA ILE A 101 3.41 -0.66 4.23
C ILE A 101 2.42 0.47 4.53
N VAL A 102 1.19 0.09 4.87
CA VAL A 102 0.16 1.08 5.19
C VAL A 102 -0.18 1.05 6.67
N CYS A 103 -0.47 2.22 7.23
CA CYS A 103 -0.81 2.33 8.65
C CYS A 103 -2.25 2.80 8.81
N TYR A 104 -2.98 2.15 9.72
CA TYR A 104 -4.37 2.50 9.97
C TYR A 104 -4.53 3.14 11.35
N ASP A 105 -5.56 3.98 11.49
CA ASP A 105 -5.81 4.66 12.75
C ASP A 105 -6.23 3.67 13.83
N THR A 106 -7.02 2.67 13.44
CA THR A 106 -7.49 1.66 14.37
C THR A 106 -6.34 0.80 14.89
N GLY A 107 -5.36 0.57 14.04
CA GLY A 107 -4.20 -0.23 14.43
C GLY A 107 -3.99 -1.43 13.53
N GLU A 108 -3.87 -1.18 12.24
CA GLU A 108 -3.66 -2.24 11.27
C GLU A 108 -2.50 -1.92 10.32
N LYS A 109 -1.79 -2.95 9.88
CA LYS A 109 -0.66 -2.77 8.98
C LYS A 109 -0.75 -3.73 7.80
N VAL A 110 -0.75 -3.17 6.59
CA VAL A 110 -0.82 -3.97 5.37
C VAL A 110 0.45 -3.84 4.54
N PHE A 111 0.78 -4.90 3.82
CA PHE A 111 1.97 -4.89 2.97
C PHE A 111 1.63 -5.29 1.54
N VAL A 112 2.09 -4.47 0.59
CA VAL A 112 1.83 -4.74 -0.83
C VAL A 112 3.12 -4.72 -1.63
N SER A 113 3.51 -5.89 -2.14
CA SER A 113 4.73 -6.01 -2.93
C SER A 113 4.75 -5.00 -4.07
N LEU A 114 5.93 -4.73 -4.61
CA LEU A 114 6.08 -3.79 -5.70
C LEU A 114 6.75 -4.45 -6.91
N TYR A 115 6.63 -3.80 -8.06
CA TYR A 115 7.22 -4.33 -9.29
C TYR A 115 7.41 -3.22 -10.32
N GLY A 116 8.15 -3.53 -11.39
CA GLY A 116 8.40 -2.55 -12.43
C GLY A 116 9.59 -2.92 -13.29
N ALA A 117 9.45 -3.99 -14.06
CA ALA A 117 10.53 -4.45 -14.93
C ALA A 117 11.04 -3.30 -15.82
N ALA A 118 12.31 -2.95 -15.66
CA ALA A 118 12.91 -1.88 -16.45
C ALA A 118 13.67 -2.44 -17.65
N ILE A 119 13.93 -1.59 -18.63
CA ILE A 119 14.65 -1.99 -19.82
C ILE A 119 15.50 -0.85 -20.37
N ASP A 120 16.61 -1.19 -21.00
CA ASP A 120 17.51 -0.19 -21.57
C ASP A 120 16.97 0.32 -22.91
N MET A 121 16.73 1.62 -22.98
CA MET A 121 16.20 2.23 -24.20
C MET A 121 17.30 2.99 -24.94
N ASN A 122 18.17 3.64 -24.19
CA ASN A 122 19.27 4.42 -24.77
C ASN A 122 19.82 3.71 -26.00
N GLY A 1 5.43 -9.89 32.76
CA GLY A 1 6.59 -9.03 32.64
C GLY A 1 7.73 -9.69 31.88
N SER A 2 7.61 -9.73 30.56
CA SER A 2 8.62 -10.34 29.71
C SER A 2 9.75 -9.36 29.41
N SER A 3 10.98 -9.75 29.72
CA SER A 3 12.14 -8.91 29.49
C SER A 3 12.27 -8.55 28.01
N GLY A 4 12.21 -9.57 27.16
CA GLY A 4 12.32 -9.34 25.73
C GLY A 4 13.11 -10.42 25.03
N SER A 5 12.85 -10.62 23.74
CA SER A 5 13.54 -11.63 22.97
C SER A 5 14.10 -11.04 21.67
N SER A 6 14.94 -11.81 20.99
CA SER A 6 15.55 -11.37 19.74
C SER A 6 15.18 -12.29 18.59
N GLY A 7 14.45 -11.76 17.61
CA GLY A 7 14.04 -12.56 16.47
C GLY A 7 12.57 -12.39 16.14
N THR A 8 11.75 -13.29 16.68
CA THR A 8 10.31 -13.24 16.44
C THR A 8 9.56 -12.84 17.70
N GLU A 9 8.64 -11.89 17.55
CA GLU A 9 7.85 -11.41 18.69
C GLU A 9 6.39 -11.23 18.28
N ARG A 10 5.53 -12.14 18.72
CA ARG A 10 4.11 -12.08 18.41
C ARG A 10 3.28 -12.69 19.53
N GLU A 11 2.23 -11.98 19.93
CA GLU A 11 1.35 -12.46 21.00
C GLU A 11 -0.10 -12.49 20.54
N LYS A 12 -0.77 -13.61 20.78
CA LYS A 12 -2.17 -13.77 20.39
C LYS A 12 -3.10 -13.29 21.50
N PHE A 13 -4.04 -12.41 21.15
CA PHE A 13 -4.98 -11.87 22.11
C PHE A 13 -6.42 -12.22 21.71
N ILE A 14 -7.13 -12.91 22.60
CA ILE A 14 -8.51 -13.29 22.34
C ILE A 14 -9.43 -12.08 22.33
N VAL A 15 -10.15 -11.90 21.23
CA VAL A 15 -11.08 -10.78 21.09
C VAL A 15 -12.52 -11.21 21.37
N PRO A 16 -13.34 -10.27 21.86
CA PRO A 16 -14.74 -10.52 22.17
C PRO A 16 -15.59 -10.75 20.92
N ILE A 17 -16.67 -11.50 21.07
CA ILE A 17 -17.56 -11.80 19.96
C ILE A 17 -18.52 -10.64 19.70
N LYS A 18 -18.69 -10.30 18.43
CA LYS A 18 -19.59 -9.21 18.04
C LYS A 18 -19.32 -7.97 18.89
N ALA A 19 -18.05 -7.68 19.14
CA ALA A 19 -17.67 -6.52 19.93
C ALA A 19 -16.85 -5.54 19.11
N ARG A 20 -16.73 -5.81 17.82
CA ARG A 20 -15.96 -4.95 16.92
C ARG A 20 -16.55 -4.96 15.51
N GLY A 21 -16.88 -3.77 15.01
CA GLY A 21 -17.46 -3.66 13.69
C GLY A 21 -17.33 -2.26 13.12
N ALA A 22 -17.14 -1.28 13.99
CA ALA A 22 -17.00 0.10 13.56
C ALA A 22 -15.61 0.38 13.02
N ARG A 23 -14.89 -0.68 12.68
CA ARG A 23 -13.54 -0.56 12.14
C ARG A 23 -13.57 -0.23 10.65
N ALA A 24 -12.56 0.49 10.19
CA ALA A 24 -12.46 0.87 8.78
C ALA A 24 -11.55 -0.09 8.02
N ILE A 25 -11.91 -0.35 6.76
CA ILE A 25 -11.12 -1.24 5.92
C ILE A 25 -11.06 -0.73 4.48
N LEU A 26 -9.91 -0.92 3.84
CA LEU A 26 -9.73 -0.48 2.47
C LEU A 26 -9.54 -1.68 1.53
N ASP A 27 -9.51 -1.41 0.24
CA ASP A 27 -9.33 -2.46 -0.77
C ASP A 27 -8.04 -2.26 -1.55
N PHE A 28 -7.02 -3.03 -1.21
CA PHE A 28 -5.74 -2.94 -1.89
C PHE A 28 -5.34 -4.28 -2.50
N PRO A 29 -4.74 -4.22 -3.71
CA PRO A 29 -4.30 -5.42 -4.43
C PRO A 29 -3.11 -6.11 -3.76
N ASP A 30 -2.99 -7.41 -3.98
CA ASP A 30 -1.89 -8.17 -3.39
C ASP A 30 -0.55 -7.54 -3.73
N LYS A 31 -0.40 -7.09 -4.96
CA LYS A 31 0.83 -6.46 -5.41
C LYS A 31 0.59 -5.55 -6.61
N LEU A 32 1.55 -4.67 -6.88
CA LEU A 32 1.43 -3.74 -8.00
C LEU A 32 2.24 -4.23 -9.20
N ASN A 33 1.55 -4.50 -10.30
CA ASN A 33 2.20 -4.98 -11.52
C ASN A 33 2.49 -3.81 -12.47
N PHE A 34 3.76 -3.46 -12.61
CA PHE A 34 4.15 -2.37 -13.49
C PHE A 34 4.69 -2.91 -14.82
N SER A 35 3.93 -2.69 -15.89
CA SER A 35 4.33 -3.15 -17.21
C SER A 35 5.74 -2.70 -17.54
N THR A 36 6.23 -3.11 -18.71
CA THR A 36 7.58 -2.75 -19.15
C THR A 36 7.78 -1.24 -19.11
N CYS A 37 8.57 -0.77 -18.16
CA CYS A 37 8.84 0.66 -18.02
C CYS A 37 10.33 0.94 -18.19
N PRO A 38 10.65 2.18 -18.59
CA PRO A 38 12.04 2.61 -18.79
C PRO A 38 12.82 2.73 -17.49
N VAL A 39 14.10 2.38 -17.54
CA VAL A 39 14.96 2.45 -16.36
C VAL A 39 15.19 3.90 -15.93
N LYS A 40 15.74 4.69 -16.83
CA LYS A 40 16.02 6.10 -16.56
C LYS A 40 14.73 6.87 -16.28
N TYR A 41 13.86 6.93 -17.29
CA TYR A 41 12.59 7.64 -17.15
C TYR A 41 11.83 7.16 -15.93
N SER A 42 10.91 7.99 -15.45
CA SER A 42 10.11 7.65 -14.28
C SER A 42 8.81 6.97 -14.68
N THR A 43 8.25 6.17 -13.78
CA THR A 43 7.01 5.46 -14.03
C THR A 43 5.90 5.90 -13.07
N GLN A 44 4.67 5.91 -13.56
CA GLN A 44 3.54 6.31 -12.74
C GLN A 44 2.31 5.46 -13.06
N LYS A 45 1.44 5.28 -12.07
CA LYS A 45 0.23 4.49 -12.26
C LYS A 45 -0.85 4.91 -11.26
N ILE A 46 -2.10 4.66 -11.60
CA ILE A 46 -3.22 5.01 -10.73
C ILE A 46 -3.77 3.77 -10.02
N LEU A 47 -4.14 3.95 -8.76
CA LEU A 47 -4.68 2.85 -7.97
C LEU A 47 -6.01 3.24 -7.32
N LEU A 48 -7.09 2.68 -7.82
CA LEU A 48 -8.42 2.97 -7.29
C LEU A 48 -8.64 2.26 -5.95
N VAL A 49 -8.94 3.04 -4.92
CA VAL A 49 -9.18 2.48 -3.59
C VAL A 49 -10.60 2.78 -3.12
N ARG A 50 -11.29 1.73 -2.66
CA ARG A 50 -12.65 1.87 -2.18
C ARG A 50 -12.77 1.43 -0.72
N ASN A 51 -13.43 2.25 0.08
CA ASN A 51 -13.61 1.95 1.50
C ASN A 51 -14.71 0.90 1.70
N ILE A 52 -14.32 -0.26 2.19
CA ILE A 52 -15.26 -1.34 2.42
C ILE A 52 -15.62 -1.45 3.90
N GLY A 53 -15.28 -0.41 4.66
CA GLY A 53 -15.57 -0.40 6.09
C GLY A 53 -16.94 0.17 6.39
N ASN A 54 -17.19 0.46 7.67
CA ASN A 54 -18.47 1.02 8.10
C ASN A 54 -18.34 2.51 8.38
N LYS A 55 -17.22 2.90 8.96
CA LYS A 55 -16.98 4.31 9.30
C LYS A 55 -15.80 4.85 8.48
N ASN A 56 -15.52 6.14 8.67
CA ASN A 56 -14.43 6.79 7.96
C ASN A 56 -13.12 6.01 8.11
N ALA A 57 -12.46 5.76 7.00
CA ALA A 57 -11.20 5.02 7.00
C ALA A 57 -10.01 5.96 6.90
N VAL A 58 -8.96 5.67 7.66
CA VAL A 58 -7.75 6.50 7.66
C VAL A 58 -6.51 5.65 7.42
N PHE A 59 -5.95 5.74 6.23
CA PHE A 59 -4.76 4.98 5.87
C PHE A 59 -3.57 5.91 5.63
N HIS A 60 -2.38 5.44 5.97
CA HIS A 60 -1.16 6.23 5.79
C HIS A 60 -0.02 5.36 5.26
N ILE A 61 0.30 5.54 3.98
CA ILE A 61 1.36 4.77 3.33
C ILE A 61 2.71 5.46 3.53
N LYS A 62 3.76 4.65 3.66
CA LYS A 62 5.11 5.17 3.84
C LYS A 62 6.11 4.41 2.98
N THR A 63 6.92 5.15 2.23
CA THR A 63 7.92 4.54 1.36
C THR A 63 9.00 5.54 0.99
N CYS A 64 10.06 5.05 0.33
CA CYS A 64 11.17 5.90 -0.08
C CYS A 64 11.62 5.57 -1.49
N ARG A 65 12.22 6.54 -2.17
CA ARG A 65 12.71 6.34 -3.53
C ARG A 65 13.59 5.10 -3.62
N PRO A 66 13.70 4.55 -4.83
CA PRO A 66 13.02 5.08 -6.02
C PRO A 66 11.51 4.87 -5.95
N PHE A 67 11.05 4.25 -4.88
CA PHE A 67 9.62 3.99 -4.69
C PHE A 67 8.98 5.09 -3.86
N SER A 68 7.96 5.74 -4.42
CA SER A 68 7.26 6.81 -3.72
C SER A 68 5.85 6.99 -4.28
N ILE A 69 4.96 7.52 -3.45
CA ILE A 69 3.57 7.75 -3.87
C ILE A 69 3.01 9.00 -3.23
N GLU A 70 1.91 9.50 -3.78
CA GLU A 70 1.26 10.70 -3.26
C GLU A 70 -0.21 10.76 -3.67
N PRO A 71 -1.07 11.20 -2.74
CA PRO A 71 -0.64 11.62 -1.40
C PRO A 71 -0.17 10.44 -0.55
N ALA A 72 0.79 10.69 0.32
CA ALA A 72 1.33 9.65 1.19
C ALA A 72 0.28 9.19 2.20
N ILE A 73 -0.65 10.08 2.52
CA ILE A 73 -1.72 9.76 3.46
C ILE A 73 -3.03 10.43 3.07
N GLY A 74 -4.14 9.75 3.34
CA GLY A 74 -5.44 10.30 3.00
C GLY A 74 -6.56 9.64 3.78
N THR A 75 -7.79 10.08 3.53
CA THR A 75 -8.96 9.53 4.22
C THR A 75 -10.07 9.23 3.23
N LEU A 76 -10.58 7.99 3.26
CA LEU A 76 -11.65 7.58 2.37
C LEU A 76 -12.87 7.12 3.17
N ASN A 77 -14.05 7.51 2.70
CA ASN A 77 -15.30 7.14 3.36
C ASN A 77 -15.95 5.95 2.68
N VAL A 78 -16.89 5.31 3.37
CA VAL A 78 -17.59 4.16 2.83
C VAL A 78 -18.44 4.54 1.62
N GLY A 79 -18.62 3.59 0.70
CA GLY A 79 -19.42 3.86 -0.48
C GLY A 79 -18.65 4.63 -1.54
N GLU A 80 -17.82 5.56 -1.09
CA GLU A 80 -17.02 6.38 -2.01
C GLU A 80 -15.66 5.73 -2.28
N SER A 81 -14.94 6.26 -3.26
CA SER A 81 -13.63 5.73 -3.62
C SER A 81 -12.66 6.86 -3.94
N MET A 82 -11.40 6.51 -4.12
CA MET A 82 -10.36 7.50 -4.44
C MET A 82 -9.27 6.87 -5.30
N GLN A 83 -8.31 7.70 -5.70
CA GLN A 83 -7.21 7.24 -6.54
C GLN A 83 -5.86 7.64 -5.93
N LEU A 84 -4.86 6.79 -6.13
CA LEU A 84 -3.52 7.06 -5.61
C LEU A 84 -2.47 7.00 -6.72
N GLU A 85 -1.75 8.10 -6.92
CA GLU A 85 -0.72 8.17 -7.95
C GLU A 85 0.63 7.69 -7.40
N VAL A 86 0.99 6.46 -7.74
CA VAL A 86 2.25 5.88 -7.28
C VAL A 86 3.37 6.18 -8.27
N GLU A 87 4.46 6.77 -7.77
CA GLU A 87 5.59 7.10 -8.61
C GLU A 87 6.79 6.20 -8.29
N PHE A 88 7.44 5.71 -9.34
CA PHE A 88 8.59 4.83 -9.18
C PHE A 88 9.54 4.95 -10.38
N GLU A 89 10.70 5.54 -10.14
CA GLU A 89 11.69 5.71 -11.20
C GLU A 89 13.00 5.03 -10.84
N PRO A 90 13.24 3.86 -11.43
CA PRO A 90 14.46 3.07 -11.18
C PRO A 90 15.70 3.73 -11.77
N GLN A 91 16.87 3.20 -11.43
CA GLN A 91 18.12 3.74 -11.92
C GLN A 91 18.87 2.69 -12.75
N SER A 92 18.81 1.44 -12.31
CA SER A 92 19.48 0.35 -13.00
C SER A 92 18.47 -0.55 -13.71
N VAL A 93 18.68 -0.77 -15.00
CA VAL A 93 17.80 -1.61 -15.80
C VAL A 93 17.65 -2.99 -15.17
N GLY A 94 16.40 -3.46 -15.06
CA GLY A 94 16.15 -4.77 -14.48
C GLY A 94 14.88 -4.79 -13.65
N ASP A 95 14.61 -5.93 -13.03
CA ASP A 95 13.43 -6.09 -12.19
C ASP A 95 13.65 -5.48 -10.82
N HIS A 96 12.67 -4.72 -10.34
CA HIS A 96 12.76 -4.09 -9.04
C HIS A 96 11.51 -4.37 -8.20
N SER A 97 11.65 -5.25 -7.21
CA SER A 97 10.53 -5.62 -6.35
C SER A 97 10.70 -4.99 -4.96
N GLY A 98 9.66 -4.31 -4.50
CA GLY A 98 9.70 -3.67 -3.20
C GLY A 98 8.50 -4.03 -2.34
N ARG A 99 8.04 -3.07 -1.54
CA ARG A 99 6.89 -3.30 -0.67
C ARG A 99 6.37 -1.96 -0.12
N LEU A 100 5.07 -1.93 0.18
CA LEU A 100 4.45 -0.72 0.71
C LEU A 100 3.94 -0.96 2.12
N ILE A 101 4.29 -0.05 3.03
CA ILE A 101 3.87 -0.15 4.42
C ILE A 101 2.71 0.79 4.71
N VAL A 102 1.50 0.24 4.77
CA VAL A 102 0.30 1.03 5.04
C VAL A 102 -0.06 0.97 6.53
N CYS A 103 -0.09 2.14 7.17
CA CYS A 103 -0.43 2.22 8.58
C CYS A 103 -1.82 2.81 8.78
N TYR A 104 -2.67 2.08 9.49
CA TYR A 104 -4.04 2.52 9.74
C TYR A 104 -4.14 3.23 11.08
N ASP A 105 -5.20 4.01 11.26
CA ASP A 105 -5.43 4.75 12.49
C ASP A 105 -5.46 3.81 13.69
N THR A 106 -6.03 2.63 13.50
CA THR A 106 -6.13 1.64 14.56
C THR A 106 -4.77 1.06 14.91
N GLY A 107 -4.03 0.64 13.89
CA GLY A 107 -2.71 0.08 14.11
C GLY A 107 -2.46 -1.16 13.27
N GLU A 108 -2.96 -1.14 12.03
CA GLU A 108 -2.78 -2.28 11.13
C GLU A 108 -1.70 -1.98 10.09
N LYS A 109 -1.06 -3.03 9.61
CA LYS A 109 0.00 -2.89 8.61
C LYS A 109 -0.26 -3.81 7.42
N VAL A 110 -0.17 -3.25 6.22
CA VAL A 110 -0.38 -4.02 5.00
C VAL A 110 0.89 -4.12 4.17
N PHE A 111 1.10 -5.27 3.54
CA PHE A 111 2.29 -5.49 2.73
C PHE A 111 1.89 -5.78 1.28
N VAL A 112 2.18 -4.83 0.39
CA VAL A 112 1.86 -4.99 -1.02
C VAL A 112 3.13 -5.01 -1.86
N SER A 113 3.50 -6.20 -2.33
CA SER A 113 4.70 -6.36 -3.15
C SER A 113 4.67 -5.40 -4.34
N LEU A 114 5.81 -4.78 -4.62
CA LEU A 114 5.92 -3.85 -5.73
C LEU A 114 6.66 -4.48 -6.91
N TYR A 115 6.44 -3.93 -8.10
CA TYR A 115 7.08 -4.44 -9.31
C TYR A 115 7.31 -3.32 -10.31
N GLY A 116 8.10 -3.61 -11.34
CA GLY A 116 8.38 -2.62 -12.37
C GLY A 116 9.59 -2.98 -13.21
N ALA A 117 9.47 -4.05 -13.98
CA ALA A 117 10.56 -4.51 -14.84
C ALA A 117 11.08 -3.37 -15.72
N ALA A 118 12.22 -2.80 -15.32
CA ALA A 118 12.81 -1.70 -16.07
C ALA A 118 13.49 -2.21 -17.34
N ILE A 119 13.77 -1.29 -18.26
CA ILE A 119 14.42 -1.65 -19.51
C ILE A 119 15.40 -0.56 -19.96
N ASP A 120 16.51 -0.98 -20.54
CA ASP A 120 17.53 -0.05 -21.02
C ASP A 120 17.06 0.68 -22.26
N MET A 121 17.06 2.00 -22.21
CA MET A 121 16.62 2.83 -23.33
C MET A 121 17.83 3.32 -24.14
N ASN A 122 18.98 2.70 -23.91
CA ASN A 122 20.20 3.08 -24.61
C ASN A 122 20.38 2.24 -25.88
N GLY A 1 2.69 -29.90 -12.97
CA GLY A 1 2.90 -30.42 -11.63
C GLY A 1 2.36 -29.49 -10.56
N SER A 2 1.44 -30.00 -9.74
CA SER A 2 0.83 -29.19 -8.68
C SER A 2 1.68 -29.24 -7.42
N SER A 3 2.14 -30.44 -7.05
CA SER A 3 2.96 -30.62 -5.87
C SER A 3 2.19 -30.25 -4.61
N GLY A 4 0.91 -30.65 -4.55
CA GLY A 4 0.09 -30.35 -3.41
C GLY A 4 -0.11 -28.86 -3.21
N SER A 5 -1.19 -28.49 -2.51
CA SER A 5 -1.49 -27.09 -2.27
C SER A 5 -0.69 -26.56 -1.08
N SER A 6 0.16 -25.57 -1.34
CA SER A 6 1.00 -24.99 -0.31
C SER A 6 0.64 -23.52 -0.09
N GLY A 7 0.28 -22.85 -1.17
CA GLY A 7 -0.08 -21.44 -1.09
C GLY A 7 -0.92 -21.13 0.15
N THR A 8 -0.28 -20.53 1.15
CA THR A 8 -0.96 -20.18 2.38
C THR A 8 -1.23 -18.68 2.46
N GLU A 9 -1.17 -18.01 1.32
CA GLU A 9 -1.40 -16.58 1.26
C GLU A 9 -2.89 -16.26 1.20
N ARG A 10 -3.71 -17.30 1.40
CA ARG A 10 -5.16 -17.13 1.36
C ARG A 10 -5.61 -16.07 2.35
N GLU A 11 -6.72 -15.40 2.03
CA GLU A 11 -7.26 -14.36 2.90
C GLU A 11 -8.78 -14.29 2.78
N LYS A 12 -9.45 -14.25 3.94
CA LYS A 12 -10.90 -14.18 3.97
C LYS A 12 -11.38 -13.42 5.20
N PHE A 13 -11.94 -12.23 4.97
CA PHE A 13 -12.44 -11.41 6.06
C PHE A 13 -13.92 -11.68 6.32
N ILE A 14 -14.18 -12.40 7.41
CA ILE A 14 -15.56 -12.74 7.78
C ILE A 14 -15.83 -12.39 9.23
N VAL A 15 -16.99 -11.78 9.47
CA VAL A 15 -17.39 -11.39 10.82
C VAL A 15 -18.60 -12.18 11.29
N PRO A 16 -18.66 -12.46 12.61
CA PRO A 16 -19.75 -13.21 13.21
C PRO A 16 -21.06 -12.42 13.22
N ILE A 17 -22.17 -13.13 13.40
CA ILE A 17 -23.49 -12.49 13.42
C ILE A 17 -23.40 -11.10 14.06
N LYS A 18 -22.86 -11.05 15.28
CA LYS A 18 -22.72 -9.79 16.00
C LYS A 18 -21.26 -9.53 16.37
N ALA A 19 -20.66 -8.51 15.74
CA ALA A 19 -19.28 -8.15 16.01
C ALA A 19 -19.18 -7.17 17.17
N ARG A 20 -20.05 -6.18 17.18
CA ARG A 20 -20.07 -5.17 18.23
C ARG A 20 -18.78 -4.35 18.20
N GLY A 21 -18.34 -3.99 17.00
CA GLY A 21 -17.13 -3.21 16.87
C GLY A 21 -16.82 -2.86 15.42
N ALA A 22 -16.92 -1.59 15.08
CA ALA A 22 -16.65 -1.13 13.72
C ALA A 22 -15.16 -0.93 13.50
N ARG A 23 -14.67 -1.39 12.35
CA ARG A 23 -13.26 -1.26 12.01
C ARG A 23 -13.08 -0.81 10.57
N ALA A 24 -12.26 0.22 10.37
CA ALA A 24 -12.00 0.76 9.04
C ALA A 24 -11.17 -0.22 8.21
N ILE A 25 -11.58 -0.43 6.96
CA ILE A 25 -10.88 -1.33 6.06
C ILE A 25 -10.90 -0.81 4.64
N LEU A 26 -9.81 -1.05 3.91
CA LEU A 26 -9.70 -0.61 2.53
C LEU A 26 -9.57 -1.80 1.58
N ASP A 27 -9.50 -1.51 0.29
CA ASP A 27 -9.36 -2.56 -0.72
C ASP A 27 -8.10 -2.36 -1.55
N PHE A 28 -7.07 -3.14 -1.24
CA PHE A 28 -5.80 -3.04 -1.96
C PHE A 28 -5.41 -4.39 -2.56
N PRO A 29 -4.79 -4.35 -3.75
CA PRO A 29 -4.35 -5.55 -4.45
C PRO A 29 -3.19 -6.25 -3.76
N ASP A 30 -2.96 -7.51 -4.11
CA ASP A 30 -1.87 -8.28 -3.51
C ASP A 30 -0.53 -7.62 -3.79
N LYS A 31 -0.35 -7.13 -5.00
CA LYS A 31 0.90 -6.47 -5.39
C LYS A 31 0.68 -5.57 -6.61
N LEU A 32 1.63 -4.68 -6.86
CA LEU A 32 1.55 -3.76 -7.98
C LEU A 32 2.42 -4.24 -9.14
N ASN A 33 1.79 -4.71 -10.20
CA ASN A 33 2.51 -5.19 -11.38
C ASN A 33 2.75 -4.06 -12.37
N PHE A 34 3.99 -3.58 -12.43
CA PHE A 34 4.35 -2.49 -13.34
C PHE A 34 4.84 -3.04 -14.67
N SER A 35 4.06 -2.83 -15.72
CA SER A 35 4.40 -3.31 -17.05
C SER A 35 5.82 -2.88 -17.43
N THR A 36 6.31 -3.39 -18.56
CA THR A 36 7.65 -3.06 -19.02
C THR A 36 7.85 -1.54 -19.09
N CYS A 37 8.59 -1.01 -18.13
CA CYS A 37 8.85 0.43 -18.07
C CYS A 37 10.35 0.70 -18.12
N PRO A 38 10.72 1.96 -18.42
CA PRO A 38 12.11 2.38 -18.51
C PRO A 38 12.80 2.40 -17.15
N VAL A 39 14.12 2.59 -17.16
CA VAL A 39 14.89 2.63 -15.92
C VAL A 39 15.09 4.06 -15.45
N LYS A 40 15.72 4.88 -16.27
CA LYS A 40 15.97 6.28 -15.94
C LYS A 40 14.66 7.08 -15.93
N TYR A 41 13.91 6.98 -17.03
CA TYR A 41 12.65 7.69 -17.15
C TYR A 41 11.75 7.42 -15.94
N SER A 42 10.85 8.35 -15.67
CA SER A 42 9.92 8.22 -14.54
C SER A 42 8.65 7.50 -14.97
N THR A 43 8.05 6.77 -14.04
CA THR A 43 6.82 6.03 -14.31
C THR A 43 5.68 6.52 -13.44
N GLN A 44 4.47 6.51 -13.99
CA GLN A 44 3.29 6.96 -13.26
C GLN A 44 2.14 5.98 -13.43
N LYS A 45 1.35 5.80 -12.37
CA LYS A 45 0.21 4.90 -12.41
C LYS A 45 -0.82 5.28 -11.36
N ILE A 46 -2.08 4.90 -11.59
CA ILE A 46 -3.16 5.21 -10.67
C ILE A 46 -3.75 3.93 -10.08
N LEU A 47 -4.09 3.97 -8.80
CA LEU A 47 -4.67 2.82 -8.12
C LEU A 47 -5.97 3.20 -7.42
N LEU A 48 -7.08 2.63 -7.90
CA LEU A 48 -8.39 2.91 -7.32
C LEU A 48 -8.55 2.21 -5.97
N VAL A 49 -9.02 2.96 -4.97
CA VAL A 49 -9.22 2.41 -3.64
C VAL A 49 -10.66 2.63 -3.17
N ARG A 50 -11.23 1.61 -2.54
CA ARG A 50 -12.60 1.69 -2.04
C ARG A 50 -12.67 1.27 -0.57
N ASN A 51 -13.20 2.15 0.27
CA ASN A 51 -13.32 1.86 1.70
C ASN A 51 -14.43 0.84 1.95
N ILE A 52 -14.03 -0.38 2.28
CA ILE A 52 -14.99 -1.45 2.56
C ILE A 52 -15.30 -1.55 4.04
N GLY A 53 -14.97 -0.49 4.78
CA GLY A 53 -15.21 -0.47 6.21
C GLY A 53 -16.61 0.02 6.55
N ASN A 54 -16.81 0.37 7.81
CA ASN A 54 -18.12 0.87 8.26
C ASN A 54 -18.08 2.37 8.52
N LYS A 55 -16.93 2.84 9.01
CA LYS A 55 -16.76 4.27 9.29
C LYS A 55 -15.61 4.85 8.48
N ASN A 56 -15.38 6.15 8.65
CA ASN A 56 -14.30 6.82 7.93
C ASN A 56 -12.97 6.08 8.10
N ALA A 57 -12.44 5.58 6.99
CA ALA A 57 -11.18 4.85 7.01
C ALA A 57 -10.00 5.79 6.78
N VAL A 58 -8.86 5.43 7.34
CA VAL A 58 -7.65 6.24 7.19
C VAL A 58 -6.46 5.38 6.78
N PHE A 59 -5.43 6.03 6.23
CA PHE A 59 -4.24 5.33 5.78
C PHE A 59 -3.05 6.28 5.71
N HIS A 60 -1.90 5.83 6.19
CA HIS A 60 -0.69 6.64 6.18
C HIS A 60 0.50 5.83 5.66
N ILE A 61 0.87 6.05 4.40
CA ILE A 61 1.99 5.35 3.79
C ILE A 61 3.25 6.21 3.79
N LYS A 62 4.41 5.55 3.84
CA LYS A 62 5.68 6.26 3.84
C LYS A 62 6.75 5.43 3.15
N THR A 63 7.55 6.09 2.30
CA THR A 63 8.60 5.41 1.58
C THR A 63 9.54 6.42 0.91
N CYS A 64 10.63 5.92 0.33
CA CYS A 64 11.60 6.77 -0.34
C CYS A 64 11.94 6.23 -1.72
N ARG A 65 12.50 7.10 -2.57
CA ARG A 65 12.85 6.71 -3.93
C ARG A 65 13.72 5.46 -3.92
N PRO A 66 13.83 4.81 -5.09
CA PRO A 66 13.14 5.24 -6.30
C PRO A 66 11.62 5.07 -6.22
N PHE A 67 11.17 4.49 -5.10
CA PHE A 67 9.74 4.27 -4.90
C PHE A 67 9.13 5.39 -4.07
N SER A 68 8.06 5.98 -4.58
CA SER A 68 7.37 7.07 -3.88
C SER A 68 5.93 7.19 -4.35
N ILE A 69 5.06 7.63 -3.46
CA ILE A 69 3.64 7.80 -3.78
C ILE A 69 3.05 8.98 -3.03
N GLU A 70 1.83 9.36 -3.40
CA GLU A 70 1.14 10.49 -2.77
C GLU A 70 -0.33 10.50 -3.14
N PRO A 71 -1.16 11.05 -2.24
CA PRO A 71 -0.68 11.62 -0.97
C PRO A 71 -0.20 10.55 0.00
N ALA A 72 0.98 10.78 0.57
CA ALA A 72 1.56 9.84 1.53
C ALA A 72 0.53 9.40 2.56
N ILE A 73 -0.44 10.26 2.82
CA ILE A 73 -1.49 9.97 3.80
C ILE A 73 -2.84 10.49 3.32
N GLY A 74 -3.91 9.82 3.74
CA GLY A 74 -5.25 10.22 3.35
C GLY A 74 -6.33 9.35 3.96
N THR A 75 -7.53 9.89 4.09
CA THR A 75 -8.64 9.15 4.66
C THR A 75 -9.75 8.95 3.63
N LEU A 76 -10.35 7.76 3.63
CA LEU A 76 -11.43 7.45 2.71
C LEU A 76 -12.69 7.01 3.45
N ASN A 77 -13.85 7.37 2.91
CA ASN A 77 -15.12 7.02 3.52
C ASN A 77 -15.73 5.80 2.83
N VAL A 78 -16.59 5.09 3.56
CA VAL A 78 -17.24 3.90 3.03
C VAL A 78 -18.19 4.26 1.89
N GLY A 79 -18.38 3.33 0.96
CA GLY A 79 -19.25 3.56 -0.17
C GLY A 79 -18.58 4.36 -1.27
N GLU A 80 -17.67 5.25 -0.88
CA GLU A 80 -16.95 6.08 -1.84
C GLU A 80 -15.59 5.46 -2.19
N SER A 81 -14.90 6.08 -3.13
CA SER A 81 -13.60 5.59 -3.57
C SER A 81 -12.69 6.75 -3.96
N MET A 82 -11.42 6.44 -4.22
CA MET A 82 -10.45 7.46 -4.60
C MET A 82 -9.32 6.85 -5.42
N GLN A 83 -8.44 7.70 -5.95
CA GLN A 83 -7.31 7.24 -6.75
C GLN A 83 -5.99 7.63 -6.10
N LEU A 84 -5.01 6.74 -6.20
CA LEU A 84 -3.69 6.99 -5.61
C LEU A 84 -2.60 6.86 -6.67
N GLU A 85 -1.89 7.97 -6.92
CA GLU A 85 -0.82 7.98 -7.90
C GLU A 85 0.49 7.51 -7.29
N VAL A 86 1.08 6.46 -7.88
CA VAL A 86 2.34 5.92 -7.39
C VAL A 86 3.45 6.13 -8.40
N GLU A 87 4.55 6.73 -7.95
CA GLU A 87 5.69 6.99 -8.81
C GLU A 87 6.86 6.08 -8.46
N PHE A 88 7.48 5.50 -9.48
CA PHE A 88 8.61 4.61 -9.28
C PHE A 88 9.52 4.58 -10.51
N GLU A 89 10.80 4.82 -10.29
CA GLU A 89 11.77 4.82 -11.39
C GLU A 89 13.18 4.58 -10.86
N PRO A 90 13.68 3.35 -11.04
CA PRO A 90 15.02 2.95 -10.60
C PRO A 90 16.12 3.62 -11.41
N GLN A 91 17.36 3.23 -11.15
CA GLN A 91 18.50 3.79 -11.87
C GLN A 91 19.24 2.71 -12.65
N SER A 92 19.25 1.50 -12.09
CA SER A 92 19.92 0.37 -12.74
C SER A 92 18.93 -0.54 -13.44
N VAL A 93 19.01 -0.60 -14.76
CA VAL A 93 18.11 -1.43 -15.55
C VAL A 93 18.10 -2.87 -15.03
N GLY A 94 16.90 -3.36 -14.69
CA GLY A 94 16.78 -4.71 -14.19
C GLY A 94 15.44 -4.96 -13.52
N ASP A 95 15.40 -5.94 -12.63
CA ASP A 95 14.16 -6.29 -11.93
C ASP A 95 14.24 -5.89 -10.45
N HIS A 96 13.21 -5.22 -9.98
CA HIS A 96 13.16 -4.78 -8.58
C HIS A 96 11.82 -5.13 -7.95
N SER A 97 11.85 -5.44 -6.66
CA SER A 97 10.63 -5.80 -5.93
C SER A 97 10.68 -5.30 -4.49
N GLY A 98 9.64 -4.58 -4.08
CA GLY A 98 9.59 -4.05 -2.74
C GLY A 98 8.29 -4.38 -2.03
N ARG A 99 7.91 -3.53 -1.08
CA ARG A 99 6.68 -3.74 -0.32
C ARG A 99 6.13 -2.42 0.18
N LEU A 100 4.83 -2.21 -0.02
CA LEU A 100 4.17 -0.97 0.41
C LEU A 100 3.47 -1.18 1.75
N ILE A 101 4.02 -0.57 2.80
CA ILE A 101 3.44 -0.69 4.14
C ILE A 101 2.51 0.48 4.43
N VAL A 102 1.22 0.23 4.36
CA VAL A 102 0.22 1.26 4.62
C VAL A 102 -0.29 1.18 6.06
N CYS A 103 0.20 2.08 6.90
CA CYS A 103 -0.20 2.12 8.31
C CYS A 103 -1.32 3.13 8.53
N TYR A 104 -2.42 2.69 9.09
CA TYR A 104 -3.56 3.56 9.36
C TYR A 104 -3.25 4.52 10.51
N ASP A 105 -4.19 5.42 10.78
CA ASP A 105 -4.02 6.39 11.86
C ASP A 105 -4.28 5.75 13.21
N THR A 106 -4.97 4.62 13.20
CA THR A 106 -5.30 3.91 14.43
C THR A 106 -4.19 2.94 14.81
N GLY A 107 -3.57 2.31 13.81
CA GLY A 107 -2.50 1.37 14.07
C GLY A 107 -2.45 0.26 13.03
N GLU A 108 -3.54 0.07 12.31
CA GLU A 108 -3.62 -0.97 11.29
C GLU A 108 -2.47 -0.84 10.31
N LYS A 109 -2.22 -1.91 9.55
CA LYS A 109 -1.14 -1.92 8.57
C LYS A 109 -1.51 -2.80 7.37
N VAL A 110 -0.83 -2.58 6.25
CA VAL A 110 -1.08 -3.36 5.04
C VAL A 110 0.22 -3.72 4.34
N PHE A 111 0.18 -4.78 3.53
CA PHE A 111 1.36 -5.22 2.80
C PHE A 111 1.04 -5.44 1.33
N VAL A 112 1.72 -4.68 0.47
CA VAL A 112 1.50 -4.79 -0.97
C VAL A 112 2.83 -4.77 -1.73
N SER A 113 3.24 -5.95 -2.20
CA SER A 113 4.49 -6.07 -2.94
C SER A 113 4.54 -5.08 -4.11
N LEU A 114 5.75 -4.76 -4.55
CA LEU A 114 5.93 -3.83 -5.66
C LEU A 114 6.67 -4.49 -6.81
N TYR A 115 6.60 -3.88 -7.99
CA TYR A 115 7.27 -4.41 -9.17
C TYR A 115 7.50 -3.31 -10.20
N GLY A 116 8.30 -3.62 -11.22
CA GLY A 116 8.59 -2.66 -12.26
C GLY A 116 9.82 -3.02 -13.07
N ALA A 117 9.73 -4.12 -13.80
CA ALA A 117 10.85 -4.58 -14.63
C ALA A 117 11.36 -3.46 -15.53
N ALA A 118 12.48 -2.85 -15.14
CA ALA A 118 13.07 -1.77 -15.92
C ALA A 118 13.82 -2.31 -17.13
N ILE A 119 13.94 -1.48 -18.16
CA ILE A 119 14.65 -1.88 -19.38
C ILE A 119 15.33 -0.69 -20.03
N ASP A 120 16.53 -0.92 -20.57
CA ASP A 120 17.29 0.14 -21.23
C ASP A 120 16.62 0.56 -22.53
N MET A 121 16.39 1.86 -22.67
CA MET A 121 15.75 2.40 -23.87
C MET A 121 16.77 3.12 -24.75
N ASN A 122 17.70 3.83 -24.11
CA ASN A 122 18.73 4.56 -24.84
C ASN A 122 20.07 3.84 -24.76
N GLY A 1 5.78 -48.30 -3.31
CA GLY A 1 6.43 -47.15 -2.69
C GLY A 1 5.48 -45.98 -2.50
N SER A 2 4.32 -46.26 -1.92
CA SER A 2 3.31 -45.23 -1.69
C SER A 2 3.42 -44.68 -0.27
N SER A 3 2.80 -43.52 -0.04
CA SER A 3 2.83 -42.89 1.28
C SER A 3 1.55 -42.10 1.53
N GLY A 4 1.18 -41.96 2.80
CA GLY A 4 -0.02 -41.23 3.14
C GLY A 4 0.22 -39.73 3.25
N SER A 5 -0.85 -38.98 3.47
CA SER A 5 -0.75 -37.53 3.59
C SER A 5 -1.90 -36.97 4.43
N SER A 6 -1.66 -35.83 5.06
CA SER A 6 -2.68 -35.19 5.90
C SER A 6 -2.89 -33.74 5.48
N GLY A 7 -4.03 -33.19 5.87
CA GLY A 7 -4.34 -31.81 5.53
C GLY A 7 -4.55 -30.94 6.75
N THR A 8 -4.26 -29.65 6.62
CA THR A 8 -4.41 -28.71 7.73
C THR A 8 -5.56 -27.75 7.47
N GLU A 9 -6.26 -27.34 8.53
CA GLU A 9 -7.37 -26.41 8.41
C GLU A 9 -7.79 -25.90 9.78
N ARG A 10 -8.43 -24.74 9.80
CA ARG A 10 -8.89 -24.14 11.04
C ARG A 10 -9.86 -25.07 11.78
N GLU A 11 -9.40 -25.61 12.90
CA GLU A 11 -10.22 -26.52 13.69
C GLU A 11 -11.16 -25.74 14.61
N LYS A 12 -11.35 -24.46 14.30
CA LYS A 12 -12.22 -23.61 15.10
C LYS A 12 -12.93 -22.59 14.23
N PHE A 13 -14.24 -22.77 14.05
CA PHE A 13 -15.03 -21.85 13.24
C PHE A 13 -16.05 -21.11 14.08
N ILE A 14 -15.83 -21.10 15.40
CA ILE A 14 -16.72 -20.42 16.32
C ILE A 14 -16.80 -18.92 16.02
N VAL A 15 -17.98 -18.35 16.22
CA VAL A 15 -18.19 -16.92 15.96
C VAL A 15 -17.14 -16.08 16.68
N PRO A 16 -16.75 -14.97 16.06
CA PRO A 16 -15.76 -14.05 16.61
C PRO A 16 -16.28 -13.30 17.83
N ILE A 17 -15.54 -13.38 18.93
CA ILE A 17 -15.93 -12.71 20.16
C ILE A 17 -15.77 -11.20 20.05
N LYS A 18 -16.80 -10.47 20.43
CA LYS A 18 -16.78 -9.01 20.38
C LYS A 18 -16.43 -8.54 18.97
N ALA A 19 -17.08 -9.12 17.96
CA ALA A 19 -16.83 -8.75 16.57
C ALA A 19 -17.66 -7.54 16.17
N ARG A 20 -18.18 -6.83 17.17
CA ARG A 20 -18.99 -5.64 16.92
C ARG A 20 -18.11 -4.41 16.72
N GLY A 21 -17.07 -4.29 17.54
CA GLY A 21 -16.17 -3.17 17.44
C GLY A 21 -15.96 -2.72 16.00
N ALA A 22 -16.02 -1.41 15.78
CA ALA A 22 -15.83 -0.86 14.44
C ALA A 22 -14.37 -0.96 14.01
N ARG A 23 -14.16 -1.32 12.75
CA ARG A 23 -12.80 -1.46 12.21
C ARG A 23 -12.74 -0.95 10.78
N ALA A 24 -11.96 0.10 10.57
CA ALA A 24 -11.81 0.69 9.23
C ALA A 24 -10.96 -0.21 8.34
N ILE A 25 -11.48 -0.49 7.14
CA ILE A 25 -10.77 -1.34 6.19
C ILE A 25 -10.78 -0.72 4.79
N LEU A 26 -9.79 -1.09 3.98
CA LEU A 26 -9.68 -0.57 2.62
C LEU A 26 -9.58 -1.72 1.62
N ASP A 27 -9.53 -1.36 0.33
CA ASP A 27 -9.42 -2.36 -0.72
C ASP A 27 -8.15 -2.15 -1.54
N PHE A 28 -7.18 -3.04 -1.36
CA PHE A 28 -5.90 -2.95 -2.07
C PHE A 28 -5.51 -4.30 -2.65
N PRO A 29 -4.93 -4.27 -3.85
CA PRO A 29 -4.49 -5.49 -4.55
C PRO A 29 -3.29 -6.15 -3.87
N ASP A 30 -3.10 -7.43 -4.14
CA ASP A 30 -1.99 -8.18 -3.55
C ASP A 30 -0.67 -7.43 -3.74
N LYS A 31 -0.46 -6.93 -4.96
CA LYS A 31 0.76 -6.20 -5.28
C LYS A 31 0.55 -5.32 -6.51
N LEU A 32 1.53 -4.46 -6.78
CA LEU A 32 1.46 -3.56 -7.93
C LEU A 32 2.31 -4.07 -9.08
N ASN A 33 1.65 -4.50 -10.15
CA ASN A 33 2.35 -5.02 -11.33
C ASN A 33 2.60 -3.91 -12.35
N PHE A 34 3.87 -3.60 -12.59
CA PHE A 34 4.24 -2.57 -13.53
C PHE A 34 4.76 -3.18 -14.83
N SER A 35 3.96 -3.08 -15.88
CA SER A 35 4.33 -3.63 -17.19
C SER A 35 5.70 -3.11 -17.62
N THR A 36 6.16 -3.57 -18.78
CA THR A 36 7.45 -3.16 -19.30
C THR A 36 7.58 -1.64 -19.33
N CYS A 37 8.61 -1.12 -18.66
CA CYS A 37 8.84 0.31 -18.61
C CYS A 37 10.33 0.62 -18.60
N PRO A 38 10.68 1.86 -19.00
CA PRO A 38 12.07 2.31 -19.05
C PRO A 38 12.68 2.48 -17.67
N VAL A 39 13.99 2.27 -17.55
CA VAL A 39 14.69 2.40 -16.29
C VAL A 39 14.90 3.88 -15.93
N LYS A 40 15.55 4.61 -16.83
CA LYS A 40 15.82 6.02 -16.61
C LYS A 40 14.53 6.81 -16.50
N TYR A 41 13.69 6.71 -17.53
CA TYR A 41 12.41 7.42 -17.54
C TYR A 41 11.56 7.03 -16.35
N SER A 42 10.78 7.98 -15.85
CA SER A 42 9.92 7.74 -14.69
C SER A 42 8.60 7.10 -15.13
N THR A 43 7.96 6.39 -14.21
CA THR A 43 6.69 5.73 -14.49
C THR A 43 5.60 6.19 -13.54
N GLN A 44 4.45 6.56 -14.09
CA GLN A 44 3.32 7.01 -13.28
C GLN A 44 2.14 6.06 -13.41
N LYS A 45 1.46 5.82 -12.29
CA LYS A 45 0.31 4.93 -12.27
C LYS A 45 -0.66 5.32 -11.16
N ILE A 46 -1.93 4.94 -11.33
CA ILE A 46 -2.95 5.25 -10.33
C ILE A 46 -3.64 3.98 -9.83
N LEU A 47 -3.96 3.95 -8.55
CA LEU A 47 -4.63 2.80 -7.95
C LEU A 47 -5.94 3.21 -7.29
N LEU A 48 -7.05 2.71 -7.83
CA LEU A 48 -8.37 3.02 -7.29
C LEU A 48 -8.62 2.26 -5.99
N VAL A 49 -8.96 2.99 -4.93
CA VAL A 49 -9.24 2.39 -3.64
C VAL A 49 -10.69 2.58 -3.24
N ARG A 50 -11.22 1.63 -2.47
CA ARG A 50 -12.60 1.70 -2.02
C ARG A 50 -12.71 1.30 -0.55
N ASN A 51 -13.35 2.15 0.25
CA ASN A 51 -13.52 1.88 1.67
C ASN A 51 -14.60 0.83 1.90
N ILE A 52 -14.17 -0.39 2.25
CA ILE A 52 -15.10 -1.48 2.50
C ILE A 52 -15.46 -1.57 3.98
N GLY A 53 -14.69 -0.87 4.82
CA GLY A 53 -14.94 -0.88 6.24
C GLY A 53 -16.35 -0.42 6.58
N ASN A 54 -16.58 -0.16 7.87
CA ASN A 54 -17.89 0.29 8.33
C ASN A 54 -17.88 1.79 8.61
N LYS A 55 -16.73 2.29 9.03
CA LYS A 55 -16.58 3.72 9.34
C LYS A 55 -15.42 4.33 8.57
N ASN A 56 -15.22 5.63 8.74
CA ASN A 56 -14.13 6.33 8.06
C ASN A 56 -12.80 5.62 8.30
N ALA A 57 -12.06 5.38 7.22
CA ALA A 57 -10.77 4.72 7.30
C ALA A 57 -9.63 5.71 7.11
N VAL A 58 -8.62 5.62 7.97
CA VAL A 58 -7.47 6.52 7.88
C VAL A 58 -6.18 5.73 7.65
N PHE A 59 -5.65 5.83 6.44
CA PHE A 59 -4.42 5.12 6.09
C PHE A 59 -3.30 6.11 5.77
N HIS A 60 -2.08 5.76 6.15
CA HIS A 60 -0.92 6.61 5.90
C HIS A 60 0.21 5.82 5.27
N ILE A 61 0.37 5.97 3.96
CA ILE A 61 1.42 5.27 3.23
C ILE A 61 2.71 6.08 3.21
N LYS A 62 3.85 5.39 3.19
CA LYS A 62 5.15 6.04 3.16
C LYS A 62 6.20 5.13 2.55
N THR A 63 7.03 5.71 1.68
CA THR A 63 8.08 4.94 1.01
C THR A 63 9.23 5.85 0.58
N CYS A 64 10.29 5.25 0.04
CA CYS A 64 11.45 6.00 -0.41
C CYS A 64 11.85 5.58 -1.82
N ARG A 65 12.47 6.51 -2.56
CA ARG A 65 12.90 6.23 -3.92
C ARG A 65 13.75 4.97 -3.97
N PRO A 66 13.85 4.37 -5.17
CA PRO A 66 13.18 4.89 -6.36
C PRO A 66 11.66 4.72 -6.30
N PHE A 67 11.18 4.17 -5.19
CA PHE A 67 9.75 3.96 -5.00
C PHE A 67 9.13 5.12 -4.22
N SER A 68 8.15 5.78 -4.83
CA SER A 68 7.47 6.90 -4.21
C SER A 68 6.02 6.98 -4.64
N ILE A 69 5.16 7.49 -3.77
CA ILE A 69 3.74 7.61 -4.06
C ILE A 69 3.16 8.90 -3.46
N GLU A 70 2.03 9.34 -4.00
CA GLU A 70 1.38 10.55 -3.52
C GLU A 70 -0.09 10.56 -3.88
N PRO A 71 -0.93 11.03 -2.95
CA PRO A 71 -0.49 11.50 -1.64
C PRO A 71 0.03 10.37 -0.76
N ALA A 72 0.83 10.72 0.24
CA ALA A 72 1.38 9.73 1.16
C ALA A 72 0.35 9.30 2.19
N ILE A 73 -0.72 10.07 2.31
CA ILE A 73 -1.78 9.77 3.25
C ILE A 73 -3.11 10.39 2.82
N GLY A 74 -4.20 9.70 3.11
CA GLY A 74 -5.51 10.20 2.74
C GLY A 74 -6.63 9.54 3.53
N THR A 75 -7.86 9.99 3.30
CA THR A 75 -9.02 9.43 4.00
C THR A 75 -10.14 9.10 3.02
N LEU A 76 -10.73 7.92 3.20
CA LEU A 76 -11.82 7.48 2.33
C LEU A 76 -13.07 7.14 3.15
N ASN A 77 -14.23 7.28 2.54
CA ASN A 77 -15.49 6.98 3.21
C ASN A 77 -16.10 5.68 2.68
N VAL A 78 -16.77 4.95 3.56
CA VAL A 78 -17.40 3.69 3.17
C VAL A 78 -18.29 3.87 1.96
N GLY A 79 -18.06 3.05 0.93
CA GLY A 79 -18.86 3.13 -0.27
C GLY A 79 -18.21 3.99 -1.35
N GLU A 80 -17.52 5.04 -0.91
CA GLU A 80 -16.85 5.94 -1.84
C GLU A 80 -15.49 5.39 -2.26
N SER A 81 -14.93 5.93 -3.33
CA SER A 81 -13.64 5.48 -3.83
C SER A 81 -12.74 6.67 -4.15
N MET A 82 -11.45 6.41 -4.30
CA MET A 82 -10.48 7.45 -4.61
C MET A 82 -9.35 6.91 -5.49
N GLN A 83 -8.46 7.80 -5.90
CA GLN A 83 -7.33 7.41 -6.74
C GLN A 83 -6.01 7.72 -6.06
N LEU A 84 -5.05 6.80 -6.18
CA LEU A 84 -3.74 6.98 -5.57
C LEU A 84 -2.63 6.88 -6.62
N GLU A 85 -1.86 7.95 -6.75
CA GLU A 85 -0.76 7.99 -7.72
C GLU A 85 0.52 7.43 -7.11
N VAL A 86 1.22 6.62 -7.88
CA VAL A 86 2.48 6.01 -7.41
C VAL A 86 3.61 6.25 -8.42
N GLU A 87 4.63 6.97 -7.99
CA GLU A 87 5.77 7.26 -8.84
C GLU A 87 6.95 6.36 -8.52
N PHE A 88 7.47 5.68 -9.54
CA PHE A 88 8.60 4.77 -9.36
C PHE A 88 9.54 4.83 -10.56
N GLU A 89 10.73 5.37 -10.34
CA GLU A 89 11.73 5.49 -11.39
C GLU A 89 13.06 4.87 -10.97
N PRO A 90 13.29 3.63 -11.42
CA PRO A 90 14.53 2.90 -11.10
C PRO A 90 15.76 3.50 -11.79
N GLN A 91 16.93 3.31 -11.18
CA GLN A 91 18.16 3.82 -11.74
C GLN A 91 18.93 2.73 -12.47
N SER A 92 18.75 1.49 -12.04
CA SER A 92 19.42 0.35 -12.65
C SER A 92 18.44 -0.49 -13.47
N VAL A 93 18.98 -1.23 -14.43
CA VAL A 93 18.15 -2.08 -15.29
C VAL A 93 17.90 -3.44 -14.64
N GLY A 94 16.69 -3.97 -14.83
CA GLY A 94 16.36 -5.25 -14.26
C GLY A 94 15.06 -5.21 -13.47
N ASP A 95 14.68 -6.35 -12.90
CA ASP A 95 13.46 -6.44 -12.11
C ASP A 95 13.59 -5.66 -10.81
N HIS A 96 12.62 -4.79 -10.54
CA HIS A 96 12.63 -3.97 -9.34
C HIS A 96 11.30 -4.10 -8.58
N SER A 97 11.33 -4.86 -7.49
CA SER A 97 10.13 -5.06 -6.69
C SER A 97 10.36 -4.62 -5.25
N GLY A 98 9.27 -4.41 -4.51
CA GLY A 98 9.37 -3.99 -3.13
C GLY A 98 8.14 -4.32 -2.32
N ARG A 99 7.81 -3.47 -1.36
CA ARG A 99 6.65 -3.68 -0.51
C ARG A 99 6.13 -2.35 0.04
N LEU A 100 4.81 -2.18 0.00
CA LEU A 100 4.18 -0.95 0.49
C LEU A 100 3.48 -1.21 1.81
N ILE A 101 4.03 -0.66 2.89
CA ILE A 101 3.43 -0.82 4.21
C ILE A 101 2.52 0.35 4.56
N VAL A 102 1.22 0.08 4.63
CA VAL A 102 0.25 1.12 4.95
C VAL A 102 -0.05 1.14 6.45
N CYS A 103 0.16 2.29 7.07
CA CYS A 103 -0.08 2.45 8.51
C CYS A 103 -1.50 2.96 8.76
N TYR A 104 -2.16 2.38 9.76
CA TYR A 104 -3.52 2.77 10.11
C TYR A 104 -3.54 3.54 11.42
N ASP A 105 -4.52 4.44 11.56
CA ASP A 105 -4.67 5.23 12.77
C ASP A 105 -5.50 4.50 13.81
N THR A 106 -5.74 3.21 13.57
CA THR A 106 -6.52 2.40 14.49
C THR A 106 -5.69 1.26 15.06
N GLY A 107 -4.74 0.78 14.27
CA GLY A 107 -3.89 -0.31 14.71
C GLY A 107 -3.83 -1.45 13.72
N GLU A 108 -3.64 -1.11 12.44
CA GLU A 108 -3.58 -2.11 11.39
C GLU A 108 -2.37 -1.86 10.48
N LYS A 109 -2.04 -2.87 9.67
CA LYS A 109 -0.90 -2.76 8.76
C LYS A 109 -1.17 -3.55 7.47
N VAL A 110 -1.00 -2.88 6.34
CA VAL A 110 -1.22 -3.53 5.04
C VAL A 110 0.07 -3.56 4.22
N PHE A 111 0.31 -4.69 3.56
CA PHE A 111 1.51 -4.85 2.74
C PHE A 111 1.14 -5.11 1.28
N VAL A 112 1.79 -4.39 0.38
CA VAL A 112 1.53 -4.53 -1.06
C VAL A 112 2.83 -4.55 -1.84
N SER A 113 3.25 -5.74 -2.26
CA SER A 113 4.48 -5.89 -3.02
C SER A 113 4.50 -4.96 -4.23
N LEU A 114 5.69 -4.59 -4.68
CA LEU A 114 5.84 -3.70 -5.82
C LEU A 114 6.51 -4.41 -6.98
N TYR A 115 6.53 -3.77 -8.15
CA TYR A 115 7.15 -4.34 -9.33
C TYR A 115 7.39 -3.28 -10.39
N GLY A 116 8.14 -3.63 -11.43
CA GLY A 116 8.44 -2.69 -12.49
C GLY A 116 9.68 -3.07 -13.27
N ALA A 117 9.58 -4.15 -14.05
CA ALA A 117 10.71 -4.61 -14.85
C ALA A 117 11.28 -3.49 -15.70
N ALA A 118 12.40 -2.93 -15.27
CA ALA A 118 13.05 -1.84 -16.01
C ALA A 118 13.93 -2.39 -17.12
N ILE A 119 13.99 -1.66 -18.23
CA ILE A 119 14.81 -2.07 -19.37
C ILE A 119 15.82 -1.00 -19.73
N ASP A 120 16.97 -1.42 -20.25
CA ASP A 120 18.02 -0.49 -20.64
C ASP A 120 17.59 0.36 -21.83
N MET A 121 16.38 0.11 -22.32
CA MET A 121 15.84 0.86 -23.46
C MET A 121 16.72 0.67 -24.69
N ASN A 122 17.32 -0.51 -24.81
CA ASN A 122 18.18 -0.81 -25.94
C ASN A 122 17.56 -0.32 -27.25
N GLY A 1 -43.23 -7.71 19.62
CA GLY A 1 -41.85 -7.33 19.40
C GLY A 1 -40.93 -7.76 20.53
N SER A 2 -39.80 -8.39 20.17
CA SER A 2 -38.85 -8.86 21.16
C SER A 2 -37.46 -8.99 20.55
N SER A 3 -36.44 -8.91 21.40
CA SER A 3 -35.05 -9.01 20.94
C SER A 3 -34.12 -9.30 22.11
N GLY A 4 -32.92 -9.77 21.80
CA GLY A 4 -31.95 -10.09 22.82
C GLY A 4 -30.66 -10.65 22.26
N SER A 5 -29.71 -10.94 23.14
CA SER A 5 -28.42 -11.48 22.71
C SER A 5 -28.14 -12.81 23.41
N SER A 6 -27.18 -13.57 22.87
CA SER A 6 -26.82 -14.86 23.43
C SER A 6 -25.31 -15.03 23.46
N GLY A 7 -24.78 -15.34 24.64
CA GLY A 7 -23.34 -15.53 24.78
C GLY A 7 -22.72 -16.22 23.58
N THR A 8 -23.21 -17.42 23.27
CA THR A 8 -22.70 -18.18 22.14
C THR A 8 -21.22 -18.48 22.31
N GLU A 9 -20.82 -18.83 23.53
CA GLU A 9 -19.42 -19.13 23.82
C GLU A 9 -19.32 -20.24 24.86
N ARG A 10 -18.21 -20.99 24.82
CA ARG A 10 -17.99 -22.08 25.75
C ARG A 10 -19.07 -23.16 25.61
N GLU A 11 -19.42 -23.47 24.36
CA GLU A 11 -20.43 -24.48 24.09
C GLU A 11 -20.25 -25.08 22.70
N LYS A 12 -21.08 -26.05 22.36
CA LYS A 12 -21.01 -26.72 21.07
C LYS A 12 -21.69 -25.88 19.99
N PHE A 13 -21.94 -24.61 20.30
CA PHE A 13 -22.58 -23.71 19.36
C PHE A 13 -21.56 -23.07 18.43
N ILE A 14 -21.58 -23.47 17.16
CA ILE A 14 -20.66 -22.93 16.17
C ILE A 14 -20.87 -21.44 15.98
N VAL A 15 -19.78 -20.72 15.72
CA VAL A 15 -19.85 -19.28 15.51
C VAL A 15 -20.82 -18.93 14.40
N PRO A 16 -21.43 -17.73 14.49
CA PRO A 16 -22.39 -17.25 13.50
C PRO A 16 -21.73 -16.92 12.16
N ILE A 17 -22.50 -17.02 11.08
CA ILE A 17 -22.00 -16.73 9.75
C ILE A 17 -21.06 -15.53 9.76
N LYS A 18 -21.52 -14.43 10.34
CA LYS A 18 -20.74 -13.21 10.42
C LYS A 18 -20.71 -12.68 11.86
N ALA A 19 -19.56 -12.16 12.26
CA ALA A 19 -19.41 -11.60 13.61
C ALA A 19 -18.31 -10.54 13.64
N ARG A 20 -18.72 -9.28 13.71
CA ARG A 20 -17.78 -8.18 13.74
C ARG A 20 -18.48 -6.89 14.18
N GLY A 21 -17.68 -5.87 14.50
CA GLY A 21 -18.24 -4.60 14.93
C GLY A 21 -17.90 -3.47 13.99
N ALA A 22 -17.00 -2.59 14.42
CA ALA A 22 -16.60 -1.45 13.60
C ALA A 22 -15.08 -1.47 13.34
N ARG A 23 -14.71 -1.53 12.08
CA ARG A 23 -13.29 -1.55 11.70
C ARG A 23 -13.10 -0.98 10.30
N ALA A 24 -12.31 0.09 10.21
CA ALA A 24 -12.04 0.73 8.93
C ALA A 24 -11.21 -0.17 8.03
N ILE A 25 -11.81 -0.62 6.94
CA ILE A 25 -11.14 -1.49 5.99
C ILE A 25 -11.15 -0.91 4.58
N LEU A 26 -10.05 -1.07 3.86
CA LEU A 26 -9.94 -0.55 2.50
C LEU A 26 -9.74 -1.69 1.50
N ASP A 27 -9.67 -1.35 0.22
CA ASP A 27 -9.48 -2.34 -0.83
C ASP A 27 -8.15 -2.11 -1.56
N PHE A 28 -7.18 -2.97 -1.28
CA PHE A 28 -5.86 -2.86 -1.91
C PHE A 28 -5.45 -4.18 -2.54
N PRO A 29 -4.82 -4.09 -3.73
CA PRO A 29 -4.36 -5.27 -4.46
C PRO A 29 -3.20 -5.98 -3.77
N ASP A 30 -3.00 -7.25 -4.10
CA ASP A 30 -1.92 -8.03 -3.50
C ASP A 30 -0.57 -7.40 -3.77
N LYS A 31 -0.37 -6.96 -5.02
CA LYS A 31 0.88 -6.33 -5.42
C LYS A 31 0.69 -5.45 -6.65
N LEU A 32 1.66 -4.59 -6.92
CA LEU A 32 1.59 -3.69 -8.07
C LEU A 32 2.45 -4.22 -9.21
N ASN A 33 1.80 -4.65 -10.30
CA ASN A 33 2.51 -5.17 -11.45
C ASN A 33 2.73 -4.07 -12.49
N PHE A 34 3.98 -3.62 -12.59
CA PHE A 34 4.34 -2.56 -13.53
C PHE A 34 4.88 -3.16 -14.84
N SER A 35 4.07 -3.06 -15.89
CA SER A 35 4.47 -3.60 -17.19
C SER A 35 5.84 -3.08 -17.60
N THR A 36 6.36 -3.59 -18.72
CA THR A 36 7.66 -3.19 -19.22
C THR A 36 7.74 -1.67 -19.36
N CYS A 37 8.67 -1.06 -18.62
CA CYS A 37 8.85 0.39 -18.68
C CYS A 37 10.33 0.74 -18.77
N PRO A 38 10.60 2.00 -19.17
CA PRO A 38 11.98 2.49 -19.32
C PRO A 38 12.68 2.65 -17.97
N VAL A 39 13.97 2.32 -17.94
CA VAL A 39 14.76 2.43 -16.71
C VAL A 39 14.93 3.89 -16.30
N LYS A 40 15.61 4.65 -17.14
CA LYS A 40 15.83 6.07 -16.86
C LYS A 40 14.52 6.80 -16.64
N TYR A 41 13.68 6.83 -17.67
CA TYR A 41 12.39 7.50 -17.59
C TYR A 41 11.61 7.03 -16.37
N SER A 42 10.84 7.94 -15.78
CA SER A 42 10.04 7.63 -14.60
C SER A 42 8.73 6.95 -15.00
N THR A 43 8.16 6.19 -14.07
CA THR A 43 6.90 5.49 -14.32
C THR A 43 5.80 6.00 -13.40
N GLN A 44 4.58 6.05 -13.92
CA GLN A 44 3.44 6.52 -13.15
C GLN A 44 2.25 5.57 -13.31
N LYS A 45 1.45 5.47 -12.25
CA LYS A 45 0.28 4.60 -12.27
C LYS A 45 -0.76 5.06 -11.25
N ILE A 46 -2.02 4.72 -11.49
CA ILE A 46 -3.11 5.10 -10.59
C ILE A 46 -3.78 3.87 -10.00
N LEU A 47 -4.08 3.92 -8.71
CA LEU A 47 -4.73 2.81 -8.02
C LEU A 47 -6.03 3.26 -7.37
N LEU A 48 -7.15 2.71 -7.82
CA LEU A 48 -8.46 3.06 -7.28
C LEU A 48 -8.72 2.29 -5.98
N VAL A 49 -8.98 3.04 -4.91
CA VAL A 49 -9.26 2.43 -3.60
C VAL A 49 -10.66 2.77 -3.13
N ARG A 50 -11.33 1.79 -2.55
CA ARG A 50 -12.69 1.98 -2.04
C ARG A 50 -12.81 1.49 -0.60
N ASN A 51 -13.46 2.30 0.24
CA ASN A 51 -13.65 1.95 1.64
C ASN A 51 -14.76 0.92 1.80
N ILE A 52 -14.38 -0.31 2.15
CA ILE A 52 -15.35 -1.38 2.34
C ILE A 52 -15.72 -1.53 3.81
N GLY A 53 -15.35 -0.54 4.61
CA GLY A 53 -15.66 -0.58 6.04
C GLY A 53 -17.01 0.03 6.36
N ASN A 54 -17.28 0.22 7.64
CA ASN A 54 -18.55 0.80 8.08
C ASN A 54 -18.36 2.26 8.49
N LYS A 55 -17.23 2.56 9.11
CA LYS A 55 -16.94 3.90 9.57
C LYS A 55 -15.81 4.51 8.74
N ASN A 56 -15.53 5.80 8.97
CA ASN A 56 -14.48 6.50 8.25
C ASN A 56 -13.15 5.78 8.40
N ALA A 57 -12.50 5.48 7.27
CA ALA A 57 -11.21 4.80 7.29
C ALA A 57 -10.07 5.80 7.16
N VAL A 58 -9.07 5.65 8.02
CA VAL A 58 -7.90 6.54 8.00
C VAL A 58 -6.61 5.75 7.83
N PHE A 59 -5.91 6.00 6.72
CA PHE A 59 -4.66 5.32 6.45
C PHE A 59 -3.52 6.31 6.22
N HIS A 60 -2.29 5.82 6.26
CA HIS A 60 -1.13 6.67 6.06
C HIS A 60 0.05 5.88 5.49
N ILE A 61 0.28 6.02 4.19
CA ILE A 61 1.37 5.31 3.53
C ILE A 61 2.61 6.18 3.43
N LYS A 62 3.79 5.56 3.57
CA LYS A 62 5.04 6.28 3.49
C LYS A 62 6.12 5.41 2.86
N THR A 63 6.95 6.02 2.02
CA THR A 63 8.02 5.30 1.34
C THR A 63 9.08 6.26 0.81
N CYS A 64 10.20 5.71 0.33
CA CYS A 64 11.28 6.52 -0.21
C CYS A 64 11.67 6.05 -1.62
N ARG A 65 12.31 6.92 -2.37
CA ARG A 65 12.73 6.60 -3.72
C ARG A 65 13.53 5.31 -3.76
N PRO A 66 13.66 4.71 -4.96
CA PRO A 66 13.07 5.27 -6.18
C PRO A 66 11.55 5.17 -6.18
N PHE A 67 11.00 4.55 -5.14
CA PHE A 67 9.56 4.39 -5.02
C PHE A 67 8.95 5.50 -4.16
N SER A 68 7.94 6.16 -4.69
CA SER A 68 7.27 7.25 -3.96
C SER A 68 5.87 7.48 -4.51
N ILE A 69 4.91 7.60 -3.61
CA ILE A 69 3.52 7.82 -4.00
C ILE A 69 2.92 8.99 -3.22
N GLU A 70 1.71 9.40 -3.62
CA GLU A 70 1.03 10.51 -2.96
C GLU A 70 -0.43 10.59 -3.40
N PRO A 71 -1.30 11.12 -2.53
CA PRO A 71 -0.88 11.59 -1.20
C PRO A 71 -0.47 10.46 -0.27
N ALA A 72 0.71 10.58 0.33
CA ALA A 72 1.20 9.56 1.24
C ALA A 72 0.17 9.24 2.33
N ILE A 73 -0.71 10.19 2.60
CA ILE A 73 -1.74 10.01 3.61
C ILE A 73 -3.06 10.65 3.17
N GLY A 74 -4.17 10.04 3.57
CA GLY A 74 -5.48 10.56 3.22
C GLY A 74 -6.60 9.81 3.88
N THR A 75 -7.83 10.24 3.63
CA THR A 75 -9.00 9.60 4.22
C THR A 75 -10.04 9.26 3.15
N LEU A 76 -10.79 8.19 3.38
CA LEU A 76 -11.82 7.76 2.44
C LEU A 76 -13.14 7.52 3.16
N ASN A 77 -14.25 7.72 2.44
CA ASN A 77 -15.58 7.53 3.00
C ASN A 77 -16.04 6.09 2.81
N VAL A 78 -17.00 5.67 3.63
CA VAL A 78 -17.53 4.32 3.55
C VAL A 78 -18.49 4.16 2.37
N GLY A 79 -18.41 5.09 1.42
CA GLY A 79 -19.26 5.05 0.25
C GLY A 79 -18.68 5.80 -0.92
N GLU A 80 -17.38 6.09 -0.85
CA GLU A 80 -16.69 6.79 -1.93
C GLU A 80 -15.27 6.28 -2.11
N SER A 81 -14.84 6.17 -3.36
CA SER A 81 -13.50 5.69 -3.67
C SER A 81 -12.56 6.85 -3.97
N MET A 82 -11.29 6.53 -4.18
CA MET A 82 -10.29 7.55 -4.49
C MET A 82 -9.21 6.98 -5.41
N GLN A 83 -8.34 7.87 -5.91
CA GLN A 83 -7.27 7.46 -6.80
C GLN A 83 -5.91 7.80 -6.20
N LEU A 84 -5.06 6.77 -6.06
CA LEU A 84 -3.74 6.96 -5.50
C LEU A 84 -2.67 6.76 -6.56
N GLU A 85 -1.92 7.83 -6.85
CA GLU A 85 -0.86 7.77 -7.85
C GLU A 85 0.45 7.27 -7.23
N VAL A 86 1.15 6.41 -7.96
CA VAL A 86 2.42 5.86 -7.49
C VAL A 86 3.55 6.17 -8.47
N GLU A 87 4.55 6.91 -7.99
CA GLU A 87 5.69 7.26 -8.82
C GLU A 87 6.89 6.36 -8.52
N PHE A 88 7.54 5.90 -9.59
CA PHE A 88 8.70 5.01 -9.45
C PHE A 88 9.60 5.11 -10.67
N GLU A 89 10.81 5.63 -10.48
CA GLU A 89 11.77 5.77 -11.57
C GLU A 89 13.08 5.10 -11.23
N PRO A 90 13.30 3.90 -11.79
CA PRO A 90 14.52 3.13 -11.56
C PRO A 90 15.75 3.76 -12.20
N GLN A 91 16.93 3.44 -11.69
CA GLN A 91 18.17 3.98 -12.22
C GLN A 91 18.96 2.90 -12.96
N SER A 92 18.86 1.66 -12.48
CA SER A 92 19.57 0.55 -13.09
C SER A 92 18.59 -0.41 -13.75
N VAL A 93 18.95 -0.89 -14.94
CA VAL A 93 18.11 -1.83 -15.69
C VAL A 93 17.95 -3.14 -14.94
N GLY A 94 16.73 -3.65 -14.91
CA GLY A 94 16.46 -4.90 -14.22
C GLY A 94 15.14 -4.88 -13.47
N ASP A 95 14.73 -6.04 -12.96
CA ASP A 95 13.49 -6.15 -12.22
C ASP A 95 13.67 -5.70 -10.78
N HIS A 96 12.81 -4.80 -10.33
CA HIS A 96 12.87 -4.29 -8.97
C HIS A 96 11.59 -4.57 -8.21
N SER A 97 11.72 -4.99 -6.95
CA SER A 97 10.57 -5.31 -6.12
C SER A 97 10.69 -4.65 -4.75
N GLY A 98 9.57 -4.11 -4.27
CA GLY A 98 9.56 -3.45 -2.97
C GLY A 98 8.41 -3.90 -2.11
N ARG A 99 8.07 -3.07 -1.11
CA ARG A 99 6.97 -3.38 -0.21
C ARG A 99 6.42 -2.11 0.43
N LEU A 100 5.11 -1.92 0.32
CA LEU A 100 4.45 -0.74 0.89
C LEU A 100 3.72 -1.10 2.18
N ILE A 101 4.18 -0.53 3.28
CA ILE A 101 3.57 -0.78 4.59
C ILE A 101 2.54 0.29 4.93
N VAL A 102 1.27 -0.08 4.91
CA VAL A 102 0.19 0.85 5.23
C VAL A 102 -0.06 0.92 6.72
N CYS A 103 -0.22 2.13 7.24
CA CYS A 103 -0.47 2.33 8.67
C CYS A 103 -1.86 2.90 8.90
N TYR A 104 -2.70 2.14 9.61
CA TYR A 104 -4.06 2.57 9.89
C TYR A 104 -4.13 3.29 11.24
N ASP A 105 -5.26 3.92 11.51
CA ASP A 105 -5.46 4.65 12.75
C ASP A 105 -5.87 3.70 13.88
N THR A 106 -6.56 2.63 13.52
CA THR A 106 -7.00 1.64 14.50
C THR A 106 -5.84 0.82 15.01
N GLY A 107 -5.01 0.33 14.09
CA GLY A 107 -3.86 -0.47 14.47
C GLY A 107 -3.65 -1.66 13.56
N GLU A 108 -3.80 -1.44 12.25
CA GLU A 108 -3.64 -2.51 11.28
C GLU A 108 -2.50 -2.20 10.31
N LYS A 109 -1.91 -3.24 9.74
CA LYS A 109 -0.81 -3.07 8.79
C LYS A 109 -1.08 -3.85 7.50
N VAL A 110 -0.48 -3.39 6.41
CA VAL A 110 -0.65 -4.03 5.11
C VAL A 110 0.60 -3.92 4.27
N PHE A 111 0.96 -5.01 3.59
CA PHE A 111 2.16 -5.03 2.75
C PHE A 111 1.78 -5.27 1.28
N VAL A 112 2.14 -4.32 0.43
CA VAL A 112 1.84 -4.42 -1.00
C VAL A 112 3.13 -4.46 -1.82
N SER A 113 3.50 -5.65 -2.27
CA SER A 113 4.71 -5.83 -3.07
C SER A 113 4.70 -4.88 -4.28
N LEU A 114 5.89 -4.50 -4.72
CA LEU A 114 6.02 -3.60 -5.86
C LEU A 114 6.77 -4.28 -7.00
N TYR A 115 6.65 -3.72 -8.20
CA TYR A 115 7.32 -4.27 -9.37
C TYR A 115 7.53 -3.20 -10.44
N GLY A 116 8.29 -3.53 -11.47
CA GLY A 116 8.56 -2.58 -12.54
C GLY A 116 9.77 -2.97 -13.36
N ALA A 117 9.69 -4.13 -14.02
CA ALA A 117 10.78 -4.61 -14.85
C ALA A 117 11.23 -3.55 -15.86
N ALA A 118 12.39 -2.95 -15.61
CA ALA A 118 12.92 -1.92 -16.49
C ALA A 118 13.60 -2.55 -17.71
N ILE A 119 14.02 -1.69 -18.64
CA ILE A 119 14.69 -2.16 -19.85
C ILE A 119 15.62 -1.09 -20.40
N ASP A 120 16.76 -1.52 -20.92
CA ASP A 120 17.75 -0.60 -21.49
C ASP A 120 17.35 -0.18 -22.90
N MET A 121 16.84 1.03 -23.03
CA MET A 121 16.42 1.55 -24.33
C MET A 121 17.39 2.62 -24.82
N ASN A 122 18.10 3.24 -23.89
CA ASN A 122 19.06 4.29 -24.23
C ASN A 122 20.32 4.18 -23.37
N GLY A 1 4.57 -0.59 34.43
CA GLY A 1 3.96 -0.45 33.12
C GLY A 1 4.55 -1.41 32.10
N SER A 2 3.80 -1.68 31.04
CA SER A 2 4.27 -2.59 29.99
C SER A 2 4.73 -3.92 30.59
N SER A 3 4.00 -4.40 31.58
CA SER A 3 4.33 -5.65 32.25
C SER A 3 4.55 -6.77 31.22
N GLY A 4 3.55 -6.96 30.36
CA GLY A 4 3.65 -7.99 29.34
C GLY A 4 4.87 -7.82 28.46
N SER A 5 5.71 -8.86 28.42
CA SER A 5 6.93 -8.82 27.61
C SER A 5 6.94 -9.95 26.59
N SER A 6 7.65 -9.74 25.49
CA SER A 6 7.74 -10.74 24.43
C SER A 6 8.20 -12.08 25.00
N GLY A 7 7.29 -13.05 25.01
CA GLY A 7 7.62 -14.36 25.52
C GLY A 7 6.63 -14.84 26.57
N THR A 8 6.50 -14.07 27.64
CA THR A 8 5.58 -14.43 28.72
C THR A 8 4.15 -13.99 28.39
N GLU A 9 3.90 -13.72 27.12
CA GLU A 9 2.57 -13.30 26.68
C GLU A 9 1.68 -14.51 26.40
N ARG A 10 0.40 -14.24 26.19
CA ARG A 10 -0.57 -15.30 25.92
C ARG A 10 -1.61 -14.85 24.91
N GLU A 11 -2.17 -15.80 24.17
CA GLU A 11 -3.19 -15.50 23.17
C GLU A 11 -4.31 -14.65 23.77
N LYS A 12 -5.24 -14.24 22.93
CA LYS A 12 -6.37 -13.42 23.38
C LYS A 12 -7.67 -14.20 23.26
N PHE A 13 -8.44 -14.23 24.34
CA PHE A 13 -9.72 -14.93 24.36
C PHE A 13 -10.63 -14.46 23.23
N ILE A 14 -11.67 -15.23 22.95
CA ILE A 14 -12.61 -14.87 21.90
C ILE A 14 -13.60 -13.80 22.36
N VAL A 15 -13.74 -12.76 21.56
CA VAL A 15 -14.65 -11.67 21.89
C VAL A 15 -15.84 -11.64 20.93
N PRO A 16 -16.97 -11.11 21.42
CA PRO A 16 -18.20 -11.01 20.65
C PRO A 16 -18.10 -9.97 19.52
N ILE A 17 -18.78 -10.23 18.42
CA ILE A 17 -18.77 -9.32 17.28
C ILE A 17 -19.80 -8.21 17.44
N LYS A 18 -20.36 -8.10 18.64
CA LYS A 18 -21.37 -7.08 18.93
C LYS A 18 -20.84 -6.10 19.97
N ALA A 19 -20.06 -6.59 20.92
CA ALA A 19 -19.50 -5.74 21.97
C ALA A 19 -18.24 -5.04 21.49
N ARG A 20 -18.01 -5.07 20.18
CA ARG A 20 -16.84 -4.43 19.59
C ARG A 20 -17.23 -3.23 18.75
N GLY A 21 -16.33 -2.27 18.63
CA GLY A 21 -16.60 -1.07 17.85
C GLY A 21 -16.59 -1.34 16.36
N ALA A 22 -16.33 -0.29 15.58
CA ALA A 22 -16.29 -0.43 14.12
C ALA A 22 -14.92 -0.06 13.58
N ARG A 23 -14.28 -1.01 12.90
CA ARG A 23 -12.96 -0.78 12.33
C ARG A 23 -13.05 -0.47 10.83
N ALA A 24 -12.14 0.36 10.35
CA ALA A 24 -12.13 0.73 8.94
C ALA A 24 -11.19 -0.17 8.14
N ILE A 25 -11.50 -0.36 6.87
CA ILE A 25 -10.69 -1.20 6.00
C ILE A 25 -10.71 -0.69 4.56
N LEU A 26 -9.60 -0.91 3.84
CA LEU A 26 -9.49 -0.48 2.46
C LEU A 26 -9.39 -1.68 1.52
N ASP A 27 -9.36 -1.40 0.22
CA ASP A 27 -9.26 -2.46 -0.78
C ASP A 27 -8.00 -2.26 -1.64
N PHE A 28 -7.00 -3.10 -1.40
CA PHE A 28 -5.75 -3.03 -2.15
C PHE A 28 -5.39 -4.39 -2.73
N PRO A 29 -4.79 -4.37 -3.94
CA PRO A 29 -4.38 -5.60 -4.62
C PRO A 29 -3.20 -6.28 -3.94
N ASP A 30 -3.09 -7.59 -4.13
CA ASP A 30 -2.01 -8.36 -3.53
C ASP A 30 -0.67 -7.69 -3.76
N LYS A 31 -0.46 -7.18 -4.98
CA LYS A 31 0.78 -6.51 -5.32
C LYS A 31 0.58 -5.58 -6.52
N LEU A 32 1.59 -4.77 -6.81
CA LEU A 32 1.52 -3.84 -7.93
C LEU A 32 2.29 -4.38 -9.13
N ASN A 33 1.64 -4.37 -10.29
CA ASN A 33 2.25 -4.86 -11.52
C ASN A 33 2.51 -3.71 -12.49
N PHE A 34 3.78 -3.41 -12.73
CA PHE A 34 4.16 -2.34 -13.64
C PHE A 34 4.66 -2.90 -14.97
N SER A 35 3.84 -2.76 -16.01
CA SER A 35 4.19 -3.26 -17.33
C SER A 35 5.56 -2.76 -17.75
N THR A 36 6.04 -3.22 -18.91
CA THR A 36 7.34 -2.82 -19.41
C THR A 36 7.48 -1.31 -19.45
N CYS A 37 8.39 -0.77 -18.66
CA CYS A 37 8.62 0.66 -18.60
C CYS A 37 10.11 0.99 -18.67
N PRO A 38 10.43 2.24 -19.05
CA PRO A 38 11.82 2.69 -19.16
C PRO A 38 12.50 2.82 -17.81
N VAL A 39 13.79 2.50 -17.76
CA VAL A 39 14.56 2.58 -16.53
C VAL A 39 14.82 4.02 -16.14
N LYS A 40 15.56 4.74 -16.98
CA LYS A 40 15.87 6.14 -16.72
C LYS A 40 14.60 6.95 -16.50
N TYR A 41 13.74 6.99 -17.51
CA TYR A 41 12.50 7.74 -17.43
C TYR A 41 11.71 7.35 -16.17
N SER A 42 10.91 8.28 -15.67
CA SER A 42 10.11 8.03 -14.47
C SER A 42 8.85 7.22 -14.82
N THR A 43 8.37 6.47 -13.84
CA THR A 43 7.18 5.65 -14.03
C THR A 43 6.13 5.93 -12.96
N GLN A 44 4.89 6.15 -13.39
CA GLN A 44 3.80 6.43 -12.46
C GLN A 44 2.53 5.70 -12.87
N LYS A 45 1.67 5.41 -11.90
CA LYS A 45 0.42 4.71 -12.17
C LYS A 45 -0.64 5.11 -11.15
N ILE A 46 -1.90 4.80 -11.46
CA ILE A 46 -3.00 5.12 -10.56
C ILE A 46 -3.68 3.84 -10.07
N LEU A 47 -4.15 3.88 -8.83
CA LEU A 47 -4.83 2.73 -8.23
C LEU A 47 -6.11 3.15 -7.52
N LEU A 48 -7.24 2.62 -7.97
CA LEU A 48 -8.53 2.95 -7.37
C LEU A 48 -8.68 2.28 -6.01
N VAL A 49 -9.32 2.98 -5.08
CA VAL A 49 -9.53 2.45 -3.74
C VAL A 49 -10.92 2.82 -3.21
N ARG A 50 -11.67 1.81 -2.80
CA ARG A 50 -13.02 2.04 -2.27
C ARG A 50 -13.13 1.56 -0.83
N ASN A 51 -13.35 2.50 0.08
CA ASN A 51 -13.47 2.18 1.50
C ASN A 51 -14.54 1.11 1.73
N ILE A 52 -14.11 -0.05 2.20
CA ILE A 52 -15.03 -1.15 2.46
C ILE A 52 -15.26 -1.33 3.96
N GLY A 53 -14.90 -0.31 4.73
CA GLY A 53 -15.08 -0.37 6.18
C GLY A 53 -16.42 0.17 6.61
N ASN A 54 -16.60 0.33 7.93
CA ASN A 54 -17.85 0.85 8.48
C ASN A 54 -17.76 2.35 8.69
N LYS A 55 -16.69 2.80 9.34
CA LYS A 55 -16.49 4.22 9.60
C LYS A 55 -15.37 4.79 8.73
N ASN A 56 -15.13 6.09 8.86
CA ASN A 56 -14.09 6.75 8.09
C ASN A 56 -12.76 6.02 8.24
N ALA A 57 -12.19 5.60 7.10
CA ALA A 57 -10.91 4.90 7.11
C ALA A 57 -9.75 5.87 6.95
N VAL A 58 -8.71 5.67 7.75
CA VAL A 58 -7.53 6.52 7.70
C VAL A 58 -6.26 5.71 7.50
N PHE A 59 -5.73 5.72 6.28
CA PHE A 59 -4.52 4.98 5.97
C PHE A 59 -3.37 5.93 5.65
N HIS A 60 -2.18 5.57 6.12
CA HIS A 60 -1.00 6.39 5.89
C HIS A 60 0.16 5.54 5.37
N ILE A 61 0.43 5.66 4.07
CA ILE A 61 1.51 4.90 3.45
C ILE A 61 2.85 5.60 3.61
N LYS A 62 3.92 4.83 3.66
CA LYS A 62 5.27 5.38 3.82
C LYS A 62 6.27 4.59 3.00
N THR A 63 6.93 5.28 2.06
CA THR A 63 7.92 4.65 1.20
C THR A 63 9.04 5.62 0.85
N CYS A 64 10.10 5.10 0.26
CA CYS A 64 11.25 5.92 -0.13
C CYS A 64 11.75 5.54 -1.53
N ARG A 65 12.43 6.47 -2.19
CA ARG A 65 12.95 6.23 -3.53
C ARG A 65 13.78 4.94 -3.56
N PRO A 66 13.91 4.36 -4.75
CA PRO A 66 13.31 4.91 -5.97
C PRO A 66 11.79 4.78 -5.98
N PHE A 67 11.25 4.21 -4.91
CA PHE A 67 9.81 4.03 -4.79
C PHE A 67 9.18 5.18 -4.00
N SER A 68 8.16 5.80 -4.59
CA SER A 68 7.47 6.92 -3.94
C SER A 68 6.00 6.95 -4.34
N ILE A 69 5.16 7.40 -3.42
CA ILE A 69 3.72 7.49 -3.67
C ILE A 69 3.11 8.68 -2.96
N GLU A 70 1.89 9.05 -3.37
CA GLU A 70 1.21 10.19 -2.77
C GLU A 70 -0.26 10.23 -3.22
N PRO A 71 -1.12 10.82 -2.38
CA PRO A 71 -0.70 11.39 -1.10
C PRO A 71 -0.29 10.33 -0.08
N ALA A 72 0.86 10.53 0.54
CA ALA A 72 1.36 9.58 1.53
C ALA A 72 0.26 9.12 2.46
N ILE A 73 -0.71 10.00 2.70
CA ILE A 73 -1.84 9.67 3.58
C ILE A 73 -3.13 10.28 3.04
N GLY A 74 -4.25 9.62 3.35
CA GLY A 74 -5.54 10.10 2.90
C GLY A 74 -6.70 9.49 3.67
N THR A 75 -7.88 10.07 3.53
CA THR A 75 -9.06 9.58 4.22
C THR A 75 -10.19 9.28 3.24
N LEU A 76 -10.62 8.02 3.22
CA LEU A 76 -11.69 7.60 2.33
C LEU A 76 -12.97 7.29 3.11
N ASN A 77 -14.12 7.50 2.46
CA ASN A 77 -15.40 7.26 3.10
C ASN A 77 -16.01 5.94 2.61
N VAL A 78 -16.83 5.33 3.45
CA VAL A 78 -17.48 4.06 3.09
C VAL A 78 -18.28 4.21 1.80
N GLY A 79 -18.09 3.25 0.89
CA GLY A 79 -18.80 3.29 -0.38
C GLY A 79 -18.09 4.14 -1.41
N GLU A 80 -17.55 5.27 -0.97
CA GLU A 80 -16.84 6.18 -1.87
C GLU A 80 -15.51 5.59 -2.31
N SER A 81 -15.05 6.01 -3.49
CA SER A 81 -13.78 5.52 -4.02
C SER A 81 -12.76 6.65 -4.15
N MET A 82 -11.58 6.33 -4.65
CA MET A 82 -10.52 7.31 -4.82
C MET A 82 -9.39 6.76 -5.66
N GLN A 83 -8.46 7.62 -6.05
CA GLN A 83 -7.31 7.22 -6.87
C GLN A 83 -6.01 7.53 -6.16
N LEU A 84 -5.09 6.56 -6.18
CA LEU A 84 -3.79 6.73 -5.54
C LEU A 84 -2.66 6.64 -6.56
N GLU A 85 -1.92 7.73 -6.72
CA GLU A 85 -0.81 7.78 -7.66
C GLU A 85 0.48 7.29 -7.01
N VAL A 86 1.26 6.52 -7.76
CA VAL A 86 2.52 5.99 -7.26
C VAL A 86 3.66 6.26 -8.23
N GLU A 87 4.68 6.98 -7.77
CA GLU A 87 5.83 7.31 -8.60
C GLU A 87 7.02 6.43 -8.25
N PHE A 88 7.66 5.88 -9.29
CA PHE A 88 8.83 5.02 -9.09
C PHE A 88 9.70 5.01 -10.33
N GLU A 89 10.88 5.63 -10.22
CA GLU A 89 11.81 5.69 -11.34
C GLU A 89 13.10 4.92 -11.01
N PRO A 90 13.20 3.70 -11.56
CA PRO A 90 14.37 2.84 -11.35
C PRO A 90 15.62 3.37 -12.04
N GLN A 91 16.73 3.39 -11.32
CA GLN A 91 17.99 3.88 -11.88
C GLN A 91 18.86 2.71 -12.35
N SER A 92 18.25 1.55 -12.53
CA SER A 92 18.97 0.36 -12.98
C SER A 92 18.06 -0.52 -13.84
N VAL A 93 18.66 -1.16 -14.84
CA VAL A 93 17.92 -2.04 -15.74
C VAL A 93 17.66 -3.39 -15.08
N GLY A 94 16.50 -3.97 -15.40
CA GLY A 94 16.15 -5.27 -14.83
C GLY A 94 14.76 -5.28 -14.25
N ASP A 95 14.64 -5.77 -13.01
CA ASP A 95 13.35 -5.83 -12.33
C ASP A 95 13.49 -5.43 -10.87
N HIS A 96 12.65 -4.49 -10.44
CA HIS A 96 12.68 -4.02 -9.06
C HIS A 96 11.43 -4.47 -8.31
N SER A 97 11.57 -4.66 -7.01
CA SER A 97 10.45 -5.09 -6.17
C SER A 97 10.59 -4.55 -4.75
N GLY A 98 9.48 -4.11 -4.18
CA GLY A 98 9.50 -3.57 -2.83
C GLY A 98 8.27 -3.98 -2.02
N ARG A 99 7.91 -3.16 -1.04
CA ARG A 99 6.76 -3.45 -0.19
C ARG A 99 6.20 -2.17 0.40
N LEU A 100 4.90 -1.94 0.20
CA LEU A 100 4.23 -0.75 0.71
C LEU A 100 3.58 -1.04 2.06
N ILE A 101 4.11 -0.43 3.12
CA ILE A 101 3.57 -0.61 4.46
C ILE A 101 2.57 0.48 4.80
N VAL A 102 1.29 0.14 4.76
CA VAL A 102 0.23 1.09 5.08
C VAL A 102 -0.18 0.99 6.54
N CYS A 103 -0.07 2.09 7.26
CA CYS A 103 -0.43 2.13 8.67
C CYS A 103 -1.78 2.82 8.87
N TYR A 104 -2.65 2.19 9.65
CA TYR A 104 -3.97 2.74 9.91
C TYR A 104 -4.03 3.40 11.29
N ASP A 105 -4.70 4.54 11.35
CA ASP A 105 -4.83 5.28 12.61
C ASP A 105 -5.17 4.34 13.76
N THR A 106 -6.08 3.40 13.50
CA THR A 106 -6.49 2.44 14.52
C THR A 106 -5.30 1.67 15.06
N GLY A 107 -4.48 1.12 14.16
CA GLY A 107 -3.32 0.36 14.57
C GLY A 107 -3.14 -0.90 13.74
N GLU A 108 -3.34 -0.79 12.44
CA GLU A 108 -3.19 -1.93 11.55
C GLU A 108 -2.06 -1.71 10.55
N LYS A 109 -1.66 -2.78 9.87
CA LYS A 109 -0.59 -2.70 8.90
C LYS A 109 -0.91 -3.53 7.65
N VAL A 110 -0.50 -3.03 6.49
CA VAL A 110 -0.75 -3.72 5.23
C VAL A 110 0.50 -3.75 4.36
N PHE A 111 0.70 -4.86 3.66
CA PHE A 111 1.86 -5.02 2.79
C PHE A 111 1.42 -5.23 1.35
N VAL A 112 2.03 -4.47 0.43
CA VAL A 112 1.71 -4.57 -0.98
C VAL A 112 2.97 -4.60 -1.84
N SER A 113 3.34 -5.80 -2.29
CA SER A 113 4.54 -5.96 -3.10
C SER A 113 4.52 -5.00 -4.30
N LEU A 114 5.70 -4.61 -4.76
CA LEU A 114 5.82 -3.69 -5.88
C LEU A 114 6.58 -4.34 -7.03
N TYR A 115 6.47 -3.76 -8.21
CA TYR A 115 7.16 -4.28 -9.39
C TYR A 115 7.39 -3.18 -10.42
N GLY A 116 8.20 -3.48 -11.43
CA GLY A 116 8.49 -2.51 -12.47
C GLY A 116 9.67 -2.91 -13.33
N ALA A 117 9.51 -3.98 -14.10
CA ALA A 117 10.57 -4.46 -14.97
C ALA A 117 11.11 -3.34 -15.85
N ALA A 118 12.29 -2.83 -15.50
CA ALA A 118 12.91 -1.77 -16.26
C ALA A 118 13.76 -2.32 -17.41
N ILE A 119 13.73 -1.64 -18.55
CA ILE A 119 14.49 -2.07 -19.72
C ILE A 119 15.35 -0.93 -20.26
N ASP A 120 16.57 -1.26 -20.67
CA ASP A 120 17.49 -0.27 -21.21
C ASP A 120 16.80 0.63 -22.23
N MET A 121 15.71 0.12 -22.80
CA MET A 121 14.95 0.87 -23.80
C MET A 121 15.80 1.16 -25.03
N ASN A 122 16.70 0.24 -25.34
CA ASN A 122 17.58 0.40 -26.50
C ASN A 122 16.77 0.63 -27.77
N GLY A 1 17.36 -12.25 0.45
CA GLY A 1 17.41 -13.19 1.56
C GLY A 1 16.34 -12.92 2.60
N SER A 2 16.28 -13.78 3.61
CA SER A 2 15.29 -13.64 4.68
C SER A 2 13.88 -13.82 4.13
N SER A 3 13.72 -14.81 3.26
CA SER A 3 12.41 -15.08 2.66
C SER A 3 12.07 -16.57 2.75
N GLY A 4 10.95 -16.88 3.37
CA GLY A 4 10.53 -18.26 3.52
C GLY A 4 9.24 -18.56 2.79
N SER A 5 8.21 -18.94 3.54
CA SER A 5 6.91 -19.26 2.97
C SER A 5 5.82 -19.29 4.03
N SER A 6 4.58 -19.42 3.59
CA SER A 6 3.44 -19.45 4.52
C SER A 6 3.61 -20.57 5.55
N GLY A 7 3.30 -20.28 6.80
CA GLY A 7 3.41 -21.27 7.85
C GLY A 7 2.13 -22.03 8.07
N THR A 8 2.25 -23.32 8.37
CA THR A 8 1.09 -24.17 8.60
C THR A 8 0.17 -23.57 9.67
N GLU A 9 0.77 -23.22 10.81
CA GLU A 9 0.01 -22.64 11.92
C GLU A 9 -0.68 -21.34 11.49
N ARG A 10 -1.99 -21.30 11.64
CA ARG A 10 -2.76 -20.12 11.26
C ARG A 10 -3.70 -19.71 12.38
N GLU A 11 -3.53 -18.48 12.88
CA GLU A 11 -4.37 -17.96 13.95
C GLU A 11 -5.28 -16.86 13.46
N LYS A 12 -6.31 -16.55 14.24
CA LYS A 12 -7.26 -15.51 13.87
C LYS A 12 -6.63 -14.12 14.01
N PHE A 13 -6.29 -13.51 12.88
CA PHE A 13 -5.68 -12.18 12.88
C PHE A 13 -6.75 -11.10 12.92
N ILE A 14 -7.96 -11.48 13.31
CA ILE A 14 -9.07 -10.53 13.39
C ILE A 14 -9.82 -10.68 14.72
N VAL A 15 -10.21 -9.55 15.31
CA VAL A 15 -10.93 -9.55 16.58
C VAL A 15 -12.40 -9.89 16.36
N PRO A 16 -13.02 -10.50 17.37
CA PRO A 16 -14.43 -10.87 17.33
C PRO A 16 -15.37 -9.67 17.35
N ILE A 17 -16.54 -9.83 16.77
CA ILE A 17 -17.53 -8.75 16.73
C ILE A 17 -17.88 -8.27 18.13
N LYS A 18 -17.51 -9.07 19.13
CA LYS A 18 -17.78 -8.73 20.53
C LYS A 18 -16.57 -8.08 21.18
N ALA A 19 -15.63 -7.64 20.35
CA ALA A 19 -14.42 -7.00 20.84
C ALA A 19 -14.42 -5.51 20.52
N ARG A 20 -14.94 -5.15 19.35
CA ARG A 20 -15.00 -3.76 18.93
C ARG A 20 -16.29 -3.48 18.17
N GLY A 21 -16.53 -2.20 17.86
CA GLY A 21 -17.73 -1.82 17.14
C GLY A 21 -17.43 -1.28 15.76
N ALA A 22 -17.36 0.04 15.65
CA ALA A 22 -17.07 0.69 14.38
C ALA A 22 -15.67 0.35 13.89
N ARG A 23 -15.59 -0.39 12.79
CA ARG A 23 -14.31 -0.79 12.22
C ARG A 23 -14.01 0.01 10.95
N ALA A 24 -12.78 -0.12 10.46
CA ALA A 24 -12.36 0.59 9.26
C ALA A 24 -11.43 -0.27 8.40
N ILE A 25 -11.78 -0.43 7.13
CA ILE A 25 -10.97 -1.23 6.22
C ILE A 25 -10.98 -0.63 4.82
N LEU A 26 -9.92 -0.90 4.06
CA LEU A 26 -9.81 -0.38 2.70
C LEU A 26 -9.68 -1.54 1.69
N ASP A 27 -9.65 -1.19 0.41
CA ASP A 27 -9.53 -2.19 -0.64
C ASP A 27 -8.24 -2.00 -1.42
N PHE A 28 -7.25 -2.84 -1.13
CA PHE A 28 -5.96 -2.76 -1.82
C PHE A 28 -5.55 -4.13 -2.37
N PRO A 29 -4.93 -4.12 -3.56
CA PRO A 29 -4.48 -5.34 -4.21
C PRO A 29 -3.31 -5.99 -3.50
N ASP A 30 -3.06 -7.26 -3.81
CA ASP A 30 -1.96 -8.00 -3.19
C ASP A 30 -0.62 -7.37 -3.53
N LYS A 31 -0.45 -7.00 -4.80
CA LYS A 31 0.79 -6.39 -5.26
C LYS A 31 0.55 -5.59 -6.54
N LEU A 32 1.53 -4.78 -6.92
CA LEU A 32 1.43 -3.96 -8.12
C LEU A 32 2.22 -4.58 -9.27
N ASN A 33 1.79 -4.30 -10.49
CA ASN A 33 2.44 -4.84 -11.68
C ASN A 33 2.70 -3.73 -12.70
N PHE A 34 3.97 -3.38 -12.87
CA PHE A 34 4.35 -2.33 -13.82
C PHE A 34 4.92 -2.94 -15.09
N SER A 35 4.15 -2.88 -16.18
CA SER A 35 4.58 -3.43 -17.46
C SER A 35 5.96 -2.89 -17.84
N THR A 36 6.49 -3.39 -18.96
CA THR A 36 7.80 -2.97 -19.43
C THR A 36 7.90 -1.45 -19.51
N CYS A 37 8.80 -0.87 -18.72
CA CYS A 37 8.99 0.57 -18.71
C CYS A 37 10.48 0.92 -18.76
N PRO A 38 10.77 2.16 -19.21
CA PRO A 38 12.15 2.64 -19.32
C PRO A 38 12.80 2.87 -17.97
N VAL A 39 14.07 2.49 -17.86
CA VAL A 39 14.81 2.65 -16.60
C VAL A 39 14.96 4.12 -16.24
N LYS A 40 15.74 4.85 -17.05
CA LYS A 40 15.96 6.28 -16.81
C LYS A 40 14.63 7.00 -16.56
N TYR A 41 13.76 6.97 -17.56
CA TYR A 41 12.47 7.63 -17.46
C TYR A 41 11.74 7.20 -16.19
N SER A 42 10.76 8.00 -15.78
CA SER A 42 9.98 7.71 -14.57
C SER A 42 8.71 6.94 -14.91
N THR A 43 8.21 6.19 -13.94
CA THR A 43 7.00 5.41 -14.14
C THR A 43 5.89 5.86 -13.18
N GLN A 44 4.65 5.90 -13.69
CA GLN A 44 3.52 6.31 -12.89
C GLN A 44 2.30 5.45 -13.18
N LYS A 45 1.41 5.33 -12.19
CA LYS A 45 0.20 4.53 -12.34
C LYS A 45 -0.86 4.96 -11.35
N ILE A 46 -2.11 4.61 -11.64
CA ILE A 46 -3.23 4.96 -10.77
C ILE A 46 -3.78 3.73 -10.05
N LEU A 47 -4.22 3.92 -8.81
CA LEU A 47 -4.77 2.83 -8.02
C LEU A 47 -6.08 3.24 -7.35
N LEU A 48 -7.19 2.74 -7.87
CA LEU A 48 -8.51 3.05 -7.32
C LEU A 48 -8.74 2.31 -6.01
N VAL A 49 -9.10 3.06 -4.97
CA VAL A 49 -9.36 2.47 -3.65
C VAL A 49 -10.81 2.68 -3.24
N ARG A 50 -11.35 1.70 -2.53
CA ARG A 50 -12.74 1.77 -2.07
C ARG A 50 -12.86 1.29 -0.63
N ASN A 51 -13.59 2.04 0.18
CA ASN A 51 -13.78 1.70 1.59
C ASN A 51 -14.76 0.54 1.73
N ILE A 52 -14.27 -0.57 2.29
CA ILE A 52 -15.11 -1.76 2.49
C ILE A 52 -15.46 -1.94 3.96
N GLY A 53 -15.27 -0.88 4.75
CA GLY A 53 -15.57 -0.94 6.16
C GLY A 53 -16.90 -0.30 6.50
N ASN A 54 -17.07 0.11 7.75
CA ASN A 54 -18.30 0.75 8.20
C ASN A 54 -18.04 2.16 8.67
N LYS A 55 -16.86 2.38 9.26
CA LYS A 55 -16.49 3.70 9.76
C LYS A 55 -15.36 4.30 8.92
N ASN A 56 -15.20 5.62 9.00
CA ASN A 56 -14.16 6.31 8.26
C ASN A 56 -12.80 5.66 8.49
N ALA A 57 -12.20 5.15 7.42
CA ALA A 57 -10.90 4.50 7.50
C ALA A 57 -9.78 5.48 7.19
N VAL A 58 -8.68 5.39 7.93
CA VAL A 58 -7.54 6.27 7.72
C VAL A 58 -6.27 5.47 7.49
N PHE A 59 -5.72 5.56 6.28
CA PHE A 59 -4.51 4.84 5.93
C PHE A 59 -3.36 5.82 5.68
N HIS A 60 -2.16 5.44 6.13
CA HIS A 60 -0.98 6.27 5.96
C HIS A 60 0.19 5.46 5.39
N ILE A 61 0.45 5.62 4.11
CA ILE A 61 1.53 4.90 3.45
C ILE A 61 2.84 5.69 3.51
N LYS A 62 3.96 4.98 3.52
CA LYS A 62 5.27 5.62 3.58
C LYS A 62 6.30 4.81 2.79
N THR A 63 6.94 5.46 1.82
CA THR A 63 7.94 4.81 0.99
C THR A 63 9.08 5.76 0.65
N CYS A 64 10.14 5.22 0.06
CA CYS A 64 11.30 6.03 -0.31
C CYS A 64 11.74 5.71 -1.74
N ARG A 65 12.37 6.68 -2.39
CA ARG A 65 12.85 6.50 -3.76
C ARG A 65 13.71 5.24 -3.87
N PRO A 66 13.82 4.71 -5.09
CA PRO A 66 13.16 5.29 -6.28
C PRO A 66 11.64 5.11 -6.23
N PHE A 67 11.16 4.52 -5.15
CA PHE A 67 9.72 4.29 -4.98
C PHE A 67 9.08 5.42 -4.19
N SER A 68 8.12 6.10 -4.80
CA SER A 68 7.43 7.21 -4.15
C SER A 68 5.99 7.31 -4.62
N ILE A 69 5.07 7.52 -3.69
CA ILE A 69 3.66 7.63 -4.01
C ILE A 69 3.02 8.82 -3.28
N GLU A 70 1.80 9.15 -3.68
CA GLU A 70 1.07 10.26 -3.06
C GLU A 70 -0.39 10.25 -3.47
N PRO A 71 -1.25 10.79 -2.60
CA PRO A 71 -0.84 11.37 -1.32
C PRO A 71 -0.36 10.30 -0.34
N ALA A 72 0.82 10.50 0.23
CA ALA A 72 1.39 9.56 1.18
C ALA A 72 0.34 9.10 2.19
N ILE A 73 -0.62 9.98 2.48
CA ILE A 73 -1.68 9.67 3.42
C ILE A 73 -3.01 10.27 2.98
N GLY A 74 -4.10 9.60 3.33
CA GLY A 74 -5.42 10.08 2.97
C GLY A 74 -6.53 9.36 3.69
N THR A 75 -7.76 9.85 3.53
CA THR A 75 -8.91 9.24 4.18
C THR A 75 -10.02 8.96 3.17
N LEU A 76 -10.58 7.76 3.25
CA LEU A 76 -11.66 7.36 2.34
C LEU A 76 -12.94 7.05 3.12
N ASN A 77 -14.04 7.61 2.66
CA ASN A 77 -15.33 7.40 3.31
C ASN A 77 -15.81 5.96 3.13
N VAL A 78 -16.73 5.53 3.98
CA VAL A 78 -17.26 4.17 3.92
C VAL A 78 -18.26 4.03 2.77
N GLY A 79 -18.22 4.96 1.84
CA GLY A 79 -19.13 4.92 0.70
C GLY A 79 -18.61 5.70 -0.48
N GLU A 80 -17.30 5.93 -0.51
CA GLU A 80 -16.69 6.67 -1.61
C GLU A 80 -15.31 6.09 -1.96
N SER A 81 -14.92 6.25 -3.21
CA SER A 81 -13.63 5.73 -3.68
C SER A 81 -12.69 6.88 -4.04
N MET A 82 -11.41 6.56 -4.15
CA MET A 82 -10.39 7.56 -4.49
C MET A 82 -9.30 6.95 -5.36
N GLN A 83 -8.41 7.80 -5.85
CA GLN A 83 -7.31 7.34 -6.71
C GLN A 83 -5.96 7.61 -6.05
N LEU A 84 -5.05 6.66 -6.20
CA LEU A 84 -3.71 6.80 -5.62
C LEU A 84 -2.64 6.76 -6.71
N GLU A 85 -1.87 7.85 -6.82
CA GLU A 85 -0.82 7.95 -7.82
C GLU A 85 0.51 7.44 -7.24
N VAL A 86 1.15 6.54 -7.97
CA VAL A 86 2.43 5.98 -7.55
C VAL A 86 3.53 6.30 -8.54
N GLU A 87 4.53 7.04 -8.09
CA GLU A 87 5.65 7.42 -8.94
C GLU A 87 6.91 6.64 -8.57
N PHE A 88 7.46 5.92 -9.54
CA PHE A 88 8.67 5.13 -9.32
C PHE A 88 9.59 5.17 -10.53
N GLU A 89 10.69 5.90 -10.41
CA GLU A 89 11.65 6.03 -11.50
C GLU A 89 12.96 5.33 -11.15
N PRO A 90 13.15 4.13 -11.71
CA PRO A 90 14.36 3.34 -11.48
C PRO A 90 15.60 3.96 -12.13
N GLN A 91 16.75 3.80 -11.48
CA GLN A 91 18.00 4.35 -11.99
C GLN A 91 18.76 3.30 -12.79
N SER A 92 18.74 2.06 -12.31
CA SER A 92 19.42 0.96 -12.98
C SER A 92 18.43 0.02 -13.66
N VAL A 93 18.90 -0.68 -14.68
CA VAL A 93 18.05 -1.61 -15.41
C VAL A 93 17.79 -2.88 -14.60
N GLY A 94 16.71 -3.57 -14.92
CA GLY A 94 16.37 -4.80 -14.22
C GLY A 94 15.07 -4.69 -13.46
N ASP A 95 14.56 -5.82 -12.99
CA ASP A 95 13.31 -5.84 -12.24
C ASP A 95 13.50 -5.33 -10.82
N HIS A 96 12.57 -4.52 -10.35
CA HIS A 96 12.64 -3.95 -9.01
C HIS A 96 11.37 -4.24 -8.23
N SER A 97 11.50 -5.03 -7.17
CA SER A 97 10.36 -5.39 -6.33
C SER A 97 10.51 -4.84 -4.93
N GLY A 98 9.44 -4.21 -4.42
CA GLY A 98 9.48 -3.64 -3.09
C GLY A 98 8.28 -4.04 -2.25
N ARG A 99 7.92 -3.19 -1.30
CA ARG A 99 6.78 -3.47 -0.43
C ARG A 99 6.24 -2.18 0.18
N LEU A 100 4.93 -1.97 0.02
CA LEU A 100 4.28 -0.78 0.55
C LEU A 100 3.60 -1.07 1.88
N ILE A 101 4.15 -0.49 2.95
CA ILE A 101 3.60 -0.69 4.29
C ILE A 101 2.61 0.42 4.64
N VAL A 102 1.32 0.10 4.60
CA VAL A 102 0.29 1.07 4.93
C VAL A 102 0.00 1.09 6.43
N CYS A 103 0.37 2.20 7.07
CA CYS A 103 0.15 2.35 8.51
C CYS A 103 -1.16 3.07 8.79
N TYR A 104 -2.11 2.34 9.37
CA TYR A 104 -3.42 2.91 9.69
C TYR A 104 -3.36 3.72 10.98
N ASP A 105 -4.47 4.37 11.32
CA ASP A 105 -4.54 5.18 12.53
C ASP A 105 -5.13 4.38 13.68
N THR A 106 -6.08 3.51 13.37
CA THR A 106 -6.73 2.68 14.38
C THR A 106 -5.81 1.55 14.84
N GLY A 107 -4.96 1.09 13.93
CA GLY A 107 -4.03 0.02 14.26
C GLY A 107 -4.07 -1.10 13.24
N GLU A 108 -3.55 -0.84 12.05
CA GLU A 108 -3.53 -1.83 10.99
C GLU A 108 -2.32 -1.61 10.06
N LYS A 109 -1.78 -2.70 9.55
CA LYS A 109 -0.62 -2.63 8.66
C LYS A 109 -0.80 -3.56 7.46
N VAL A 110 -0.64 -3.01 6.26
CA VAL A 110 -0.79 -3.78 5.03
C VAL A 110 0.48 -3.74 4.20
N PHE A 111 0.76 -4.84 3.51
CA PHE A 111 1.95 -4.92 2.67
C PHE A 111 1.58 -5.21 1.22
N VAL A 112 2.06 -4.37 0.31
CA VAL A 112 1.77 -4.53 -1.12
C VAL A 112 3.05 -4.52 -1.94
N SER A 113 3.46 -5.71 -2.38
CA SER A 113 4.67 -5.84 -3.19
C SER A 113 4.65 -4.89 -4.37
N LEU A 114 5.83 -4.43 -4.78
CA LEU A 114 5.95 -3.51 -5.90
C LEU A 114 6.66 -4.18 -7.08
N TYR A 115 6.52 -3.58 -8.26
CA TYR A 115 7.15 -4.12 -9.46
C TYR A 115 7.45 -3.01 -10.46
N GLY A 116 8.21 -3.35 -11.50
CA GLY A 116 8.55 -2.37 -12.51
C GLY A 116 9.73 -2.79 -13.37
N ALA A 117 9.54 -3.86 -14.14
CA ALA A 117 10.59 -4.38 -15.00
C ALA A 117 11.18 -3.27 -15.88
N ALA A 118 12.35 -2.77 -15.50
CA ALA A 118 13.02 -1.71 -16.25
C ALA A 118 14.02 -2.29 -17.23
N ILE A 119 14.00 -1.78 -18.45
CA ILE A 119 14.92 -2.24 -19.49
C ILE A 119 16.02 -1.23 -19.74
N ASP A 120 16.99 -1.61 -20.56
CA ASP A 120 18.12 -0.74 -20.88
C ASP A 120 17.75 0.21 -22.02
N MET A 121 16.54 0.07 -22.54
CA MET A 121 16.07 0.90 -23.65
C MET A 121 17.08 0.90 -24.79
N ASN A 122 17.75 -0.24 -24.99
CA ASN A 122 18.74 -0.36 -26.05
C ASN A 122 18.05 -0.56 -27.40
N GLY A 1 18.22 -24.84 7.32
CA GLY A 1 17.05 -24.33 8.00
C GLY A 1 17.00 -24.74 9.46
N SER A 2 15.78 -24.89 9.98
CA SER A 2 15.59 -25.28 11.38
C SER A 2 14.28 -26.04 11.55
N SER A 3 14.02 -26.48 12.78
CA SER A 3 12.81 -27.23 13.08
C SER A 3 12.28 -26.86 14.47
N GLY A 4 10.98 -26.57 14.53
CA GLY A 4 10.38 -26.21 15.80
C GLY A 4 8.86 -26.26 15.75
N SER A 5 8.25 -26.58 16.89
CA SER A 5 6.79 -26.67 16.97
C SER A 5 6.25 -25.78 18.07
N SER A 6 5.52 -24.73 17.69
CA SER A 6 4.94 -23.80 18.64
C SER A 6 3.52 -23.43 18.25
N GLY A 7 2.65 -23.26 19.25
CA GLY A 7 1.27 -22.90 18.99
C GLY A 7 1.12 -21.45 18.59
N THR A 8 0.36 -20.70 19.38
CA THR A 8 0.13 -19.29 19.11
C THR A 8 1.45 -18.53 18.98
N GLU A 9 1.60 -17.79 17.88
CA GLU A 9 2.81 -17.03 17.65
C GLU A 9 2.66 -15.59 18.15
N ARG A 10 1.50 -15.30 18.74
CA ARG A 10 1.23 -13.97 19.27
C ARG A 10 0.16 -14.03 20.36
N GLU A 11 0.59 -13.92 21.61
CA GLU A 11 -0.33 -13.97 22.74
C GLU A 11 -0.75 -12.56 23.16
N LYS A 12 -0.54 -11.60 22.26
CA LYS A 12 -0.90 -10.22 22.54
C LYS A 12 -2.38 -9.97 22.29
N PHE A 13 -3.15 -11.05 22.21
CA PHE A 13 -4.58 -10.96 21.98
C PHE A 13 -5.30 -10.45 23.23
N ILE A 14 -6.04 -9.36 23.08
CA ILE A 14 -6.77 -8.77 24.19
C ILE A 14 -8.19 -8.40 23.77
N VAL A 15 -9.14 -8.57 24.69
CA VAL A 15 -10.54 -8.27 24.41
C VAL A 15 -10.73 -6.76 24.23
N PRO A 16 -11.76 -6.39 23.44
CA PRO A 16 -12.08 -4.99 23.18
C PRO A 16 -12.63 -4.28 24.41
N ILE A 17 -11.90 -3.27 24.88
CA ILE A 17 -12.32 -2.51 26.06
C ILE A 17 -13.83 -2.24 26.02
N LYS A 18 -14.29 -1.63 24.95
CA LYS A 18 -15.71 -1.32 24.79
C LYS A 18 -16.31 -2.08 23.62
N ALA A 19 -15.51 -2.27 22.58
CA ALA A 19 -15.97 -2.99 21.39
C ALA A 19 -17.02 -2.20 20.65
N ARG A 20 -16.77 -0.90 20.45
CA ARG A 20 -17.71 -0.03 19.76
C ARG A 20 -17.58 -0.19 18.25
N GLY A 21 -16.87 -1.24 17.83
CA GLY A 21 -16.68 -1.48 16.41
C GLY A 21 -15.85 -0.40 15.74
N ALA A 22 -16.47 0.33 14.82
CA ALA A 22 -15.78 1.40 14.11
C ALA A 22 -14.60 0.85 13.31
N ARG A 23 -14.73 -0.37 12.83
CA ARG A 23 -13.67 -1.01 12.05
C ARG A 23 -13.50 -0.32 10.69
N ALA A 24 -12.28 -0.33 10.18
CA ALA A 24 -11.99 0.29 8.89
C ALA A 24 -11.17 -0.64 8.01
N ILE A 25 -11.52 -0.71 6.73
CA ILE A 25 -10.81 -1.56 5.79
C ILE A 25 -10.83 -0.95 4.39
N LEU A 26 -9.76 -1.19 3.64
CA LEU A 26 -9.65 -0.67 2.28
C LEU A 26 -9.48 -1.80 1.27
N ASP A 27 -9.40 -1.44 -0.01
CA ASP A 27 -9.23 -2.43 -1.06
C ASP A 27 -7.87 -2.28 -1.75
N PHE A 28 -6.94 -3.16 -1.39
CA PHE A 28 -5.60 -3.12 -1.97
C PHE A 28 -5.17 -4.50 -2.44
N PRO A 29 -4.60 -4.56 -3.66
CA PRO A 29 -4.14 -5.82 -4.25
C PRO A 29 -2.90 -6.37 -3.54
N ASP A 30 -2.77 -7.68 -3.55
CA ASP A 30 -1.63 -8.34 -2.91
C ASP A 30 -0.32 -7.65 -3.30
N LYS A 31 -0.20 -7.33 -4.58
CA LYS A 31 1.00 -6.68 -5.09
C LYS A 31 0.72 -5.95 -6.40
N LEU A 32 1.50 -4.92 -6.68
CA LEU A 32 1.33 -4.14 -7.90
C LEU A 32 2.45 -4.43 -8.90
N ASN A 33 2.08 -5.04 -10.03
CA ASN A 33 3.04 -5.37 -11.07
C ASN A 33 3.10 -4.28 -12.13
N PHE A 34 4.15 -3.47 -12.09
CA PHE A 34 4.33 -2.39 -13.05
C PHE A 34 4.70 -2.94 -14.43
N SER A 35 3.77 -2.80 -15.37
CA SER A 35 3.98 -3.28 -16.74
C SER A 35 5.31 -2.78 -17.29
N THR A 36 5.63 -3.18 -18.51
CA THR A 36 6.88 -2.77 -19.16
C THR A 36 7.05 -1.26 -19.11
N CYS A 37 8.15 -0.80 -18.55
CA CYS A 37 8.43 0.62 -18.45
C CYS A 37 9.93 0.90 -18.60
N PRO A 38 10.26 2.14 -18.98
CA PRO A 38 11.66 2.55 -19.17
C PRO A 38 12.42 2.65 -17.86
N VAL A 39 13.65 2.15 -17.86
CA VAL A 39 14.48 2.17 -16.66
C VAL A 39 14.80 3.60 -16.25
N LYS A 40 15.54 4.31 -17.10
CA LYS A 40 15.91 5.69 -16.83
C LYS A 40 14.67 6.54 -16.56
N TYR A 41 13.83 6.68 -17.57
CA TYR A 41 12.60 7.48 -17.44
C TYR A 41 11.80 7.04 -16.23
N SER A 42 10.99 7.97 -15.70
CA SER A 42 10.17 7.68 -14.54
C SER A 42 8.84 7.06 -14.95
N THR A 43 8.22 6.32 -14.03
CA THR A 43 6.95 5.66 -14.29
C THR A 43 5.86 6.17 -13.35
N GLN A 44 4.64 6.28 -13.87
CA GLN A 44 3.53 6.76 -13.07
C GLN A 44 2.29 5.88 -13.28
N LYS A 45 1.49 5.73 -12.24
CA LYS A 45 0.28 4.92 -12.31
C LYS A 45 -0.70 5.32 -11.22
N ILE A 46 -1.97 4.93 -11.40
CA ILE A 46 -3.00 5.25 -10.42
C ILE A 46 -3.64 3.98 -9.87
N LEU A 47 -4.04 4.03 -8.60
CA LEU A 47 -4.67 2.89 -7.96
C LEU A 47 -6.01 3.28 -7.34
N LEU A 48 -7.10 2.78 -7.93
CA LEU A 48 -8.44 3.08 -7.44
C LEU A 48 -8.72 2.31 -6.15
N VAL A 49 -8.93 3.06 -5.06
CA VAL A 49 -9.21 2.46 -3.76
C VAL A 49 -10.66 2.70 -3.35
N ARG A 50 -11.21 1.78 -2.55
CA ARG A 50 -12.58 1.90 -2.09
C ARG A 50 -12.70 1.42 -0.64
N ASN A 51 -13.11 2.33 0.25
CA ASN A 51 -13.26 2.00 1.66
C ASN A 51 -14.35 0.95 1.85
N ILE A 52 -13.94 -0.26 2.19
CA ILE A 52 -14.88 -1.36 2.41
C ILE A 52 -15.13 -1.58 3.90
N GLY A 53 -14.79 -0.58 4.71
CA GLY A 53 -14.98 -0.69 6.14
C GLY A 53 -16.37 -0.26 6.57
N ASN A 54 -16.48 0.20 7.82
CA ASN A 54 -17.76 0.65 8.35
C ASN A 54 -17.74 2.15 8.62
N LYS A 55 -16.59 2.66 9.04
CA LYS A 55 -16.44 4.08 9.34
C LYS A 55 -15.29 4.68 8.54
N ASN A 56 -15.08 5.98 8.70
CA ASN A 56 -14.01 6.68 7.99
C ASN A 56 -12.68 5.97 8.21
N ALA A 57 -12.15 5.38 7.13
CA ALA A 57 -10.88 4.67 7.20
C ALA A 57 -9.70 5.63 7.07
N VAL A 58 -8.76 5.53 8.00
CA VAL A 58 -7.59 6.41 8.00
C VAL A 58 -6.32 5.60 7.71
N PHE A 59 -5.74 5.83 6.53
CA PHE A 59 -4.52 5.13 6.13
C PHE A 59 -3.39 6.12 5.87
N HIS A 60 -2.20 5.80 6.37
CA HIS A 60 -1.03 6.66 6.18
C HIS A 60 0.13 5.87 5.59
N ILE A 61 0.36 6.05 4.30
CA ILE A 61 1.45 5.36 3.62
C ILE A 61 2.70 6.23 3.57
N LYS A 62 3.86 5.59 3.68
CA LYS A 62 5.14 6.29 3.64
C LYS A 62 6.20 5.46 2.95
N THR A 63 7.07 6.12 2.19
CA THR A 63 8.13 5.43 1.47
C THR A 63 9.15 6.43 0.91
N CYS A 64 10.30 5.91 0.49
CA CYS A 64 11.35 6.76 -0.07
C CYS A 64 11.76 6.28 -1.45
N ARG A 65 12.37 7.17 -2.22
CA ARG A 65 12.81 6.83 -3.57
C ARG A 65 13.66 5.57 -3.57
N PRO A 66 13.78 4.94 -4.75
CA PRO A 66 13.13 5.41 -5.97
C PRO A 66 11.61 5.26 -5.93
N PHE A 67 11.10 4.70 -4.83
CA PHE A 67 9.67 4.49 -4.66
C PHE A 67 9.05 5.64 -3.88
N SER A 68 7.98 6.22 -4.42
CA SER A 68 7.30 7.32 -3.77
C SER A 68 5.86 7.43 -4.26
N ILE A 69 4.94 7.71 -3.34
CA ILE A 69 3.54 7.83 -3.67
C ILE A 69 2.92 9.07 -3.01
N GLU A 70 1.78 9.51 -3.54
CA GLU A 70 1.10 10.68 -3.00
C GLU A 70 -0.37 10.68 -3.38
N PRO A 71 -1.23 11.21 -2.49
CA PRO A 71 -0.78 11.75 -1.21
C PRO A 71 -0.29 10.68 -0.25
N ALA A 72 0.75 11.00 0.51
CA ALA A 72 1.31 10.06 1.47
C ALA A 72 0.24 9.56 2.44
N ILE A 73 -0.74 10.41 2.71
CA ILE A 73 -1.82 10.05 3.63
C ILE A 73 -3.16 10.63 3.16
N GLY A 74 -4.25 9.98 3.55
CA GLY A 74 -5.56 10.45 3.16
C GLY A 74 -6.68 9.64 3.80
N THR A 75 -7.90 10.17 3.74
CA THR A 75 -9.06 9.49 4.32
C THR A 75 -10.11 9.20 3.26
N LEU A 76 -10.74 8.04 3.36
CA LEU A 76 -11.77 7.63 2.41
C LEU A 76 -13.05 7.21 3.14
N ASN A 77 -14.18 7.72 2.66
CA ASN A 77 -15.47 7.39 3.28
C ASN A 77 -15.97 6.04 2.77
N VAL A 78 -16.78 5.37 3.60
CA VAL A 78 -17.32 4.07 3.24
C VAL A 78 -18.16 4.15 1.98
N GLY A 79 -17.89 3.25 1.04
CA GLY A 79 -18.63 3.24 -0.22
C GLY A 79 -18.00 4.12 -1.27
N GLU A 80 -17.28 5.14 -0.82
CA GLU A 80 -16.62 6.06 -1.75
C GLU A 80 -15.25 5.53 -2.15
N SER A 81 -14.77 5.97 -3.31
CA SER A 81 -13.48 5.54 -3.82
C SER A 81 -12.57 6.74 -4.10
N MET A 82 -11.31 6.46 -4.42
CA MET A 82 -10.35 7.51 -4.71
C MET A 82 -9.23 6.99 -5.60
N GLN A 83 -8.40 7.90 -6.08
CA GLN A 83 -7.28 7.54 -6.95
C GLN A 83 -5.94 7.92 -6.32
N LEU A 84 -5.03 6.96 -6.24
CA LEU A 84 -3.71 7.20 -5.65
C LEU A 84 -2.62 7.09 -6.71
N GLU A 85 -1.91 8.18 -6.95
CA GLU A 85 -0.83 8.20 -7.93
C GLU A 85 0.49 7.77 -7.29
N VAL A 86 1.16 6.82 -7.92
CA VAL A 86 2.44 6.32 -7.42
C VAL A 86 3.56 6.62 -8.40
N GLU A 87 4.64 7.20 -7.90
CA GLU A 87 5.79 7.54 -8.73
C GLU A 87 6.98 6.64 -8.42
N PHE A 88 7.53 6.01 -9.44
CA PHE A 88 8.67 5.12 -9.27
C PHE A 88 9.57 5.15 -10.50
N GLU A 89 10.79 5.66 -10.33
CA GLU A 89 11.75 5.74 -11.42
C GLU A 89 13.00 4.93 -11.12
N PRO A 90 13.08 3.73 -11.72
CA PRO A 90 14.23 2.83 -11.54
C PRO A 90 15.50 3.35 -12.19
N GLN A 91 16.65 2.85 -11.72
CA GLN A 91 17.93 3.28 -12.26
C GLN A 91 18.66 2.12 -12.93
N SER A 92 18.44 0.91 -12.41
CA SER A 92 19.08 -0.28 -12.95
C SER A 92 18.08 -1.09 -13.78
N VAL A 93 18.38 -1.26 -15.07
CA VAL A 93 17.52 -2.01 -15.96
C VAL A 93 17.37 -3.45 -15.50
N GLY A 94 16.12 -3.92 -15.38
CA GLY A 94 15.87 -5.28 -14.95
C GLY A 94 14.53 -5.43 -14.27
N ASP A 95 14.51 -6.12 -13.14
CA ASP A 95 13.28 -6.34 -12.39
C ASP A 95 13.41 -5.85 -10.95
N HIS A 96 12.53 -4.93 -10.55
CA HIS A 96 12.56 -4.39 -9.20
C HIS A 96 11.42 -4.96 -8.36
N SER A 97 11.64 -5.05 -7.06
CA SER A 97 10.63 -5.58 -6.14
C SER A 97 10.76 -4.94 -4.76
N GLY A 98 9.66 -4.34 -4.30
CA GLY A 98 9.67 -3.69 -3.00
C GLY A 98 8.46 -4.05 -2.16
N ARG A 99 7.93 -3.08 -1.44
CA ARG A 99 6.76 -3.30 -0.59
C ARG A 99 6.21 -1.97 -0.09
N LEU A 100 4.90 -1.95 0.17
CA LEU A 100 4.24 -0.75 0.66
C LEU A 100 3.42 -1.04 1.92
N ILE A 101 3.84 -0.45 3.04
CA ILE A 101 3.15 -0.65 4.32
C ILE A 101 2.18 0.49 4.59
N VAL A 102 0.95 0.13 4.94
CA VAL A 102 -0.07 1.12 5.24
C VAL A 102 -0.52 1.03 6.70
N CYS A 103 -0.11 2.01 7.50
CA CYS A 103 -0.46 2.05 8.91
C CYS A 103 -1.84 2.68 9.11
N TYR A 104 -2.74 1.94 9.75
CA TYR A 104 -4.08 2.43 10.00
C TYR A 104 -4.20 3.00 11.41
N ASP A 105 -5.16 3.90 11.59
CA ASP A 105 -5.38 4.53 12.90
C ASP A 105 -5.66 3.48 13.95
N THR A 106 -6.28 2.37 13.55
CA THR A 106 -6.61 1.30 14.46
C THR A 106 -5.37 0.50 14.85
N GLY A 107 -4.43 0.39 13.91
CA GLY A 107 -3.20 -0.35 14.17
C GLY A 107 -2.91 -1.38 13.10
N GLU A 108 -3.94 -1.76 12.34
CA GLU A 108 -3.79 -2.74 11.28
C GLU A 108 -2.64 -2.36 10.35
N LYS A 109 -2.17 -3.34 9.57
CA LYS A 109 -1.08 -3.09 8.62
C LYS A 109 -1.25 -3.94 7.37
N VAL A 110 -1.02 -3.33 6.22
CA VAL A 110 -1.14 -4.04 4.95
C VAL A 110 0.18 -4.06 4.19
N PHE A 111 0.37 -5.09 3.37
CA PHE A 111 1.60 -5.22 2.59
C PHE A 111 1.28 -5.36 1.10
N VAL A 112 1.97 -4.57 0.28
CA VAL A 112 1.77 -4.60 -1.15
C VAL A 112 3.10 -4.60 -1.90
N SER A 113 3.50 -5.78 -2.39
CA SER A 113 4.75 -5.92 -3.11
C SER A 113 4.80 -4.98 -4.32
N LEU A 114 5.93 -4.31 -4.50
CA LEU A 114 6.09 -3.40 -5.62
C LEU A 114 6.85 -4.05 -6.76
N TYR A 115 6.77 -3.46 -7.95
CA TYR A 115 7.44 -3.99 -9.13
C TYR A 115 7.69 -2.90 -10.16
N GLY A 116 8.52 -3.20 -11.15
CA GLY A 116 8.82 -2.22 -12.19
C GLY A 116 9.79 -2.76 -13.22
N ALA A 117 9.38 -3.82 -13.92
CA ALA A 117 10.22 -4.43 -14.94
C ALA A 117 10.71 -3.39 -15.94
N ALA A 118 11.97 -2.98 -15.78
CA ALA A 118 12.57 -1.99 -16.67
C ALA A 118 13.24 -2.66 -17.86
N ILE A 119 13.63 -1.85 -18.84
CA ILE A 119 14.30 -2.37 -20.04
C ILE A 119 15.30 -1.35 -20.58
N ASP A 120 16.45 -1.85 -21.01
CA ASP A 120 17.49 -0.99 -21.56
C ASP A 120 17.01 -0.29 -22.82
N MET A 121 17.17 1.03 -22.85
CA MET A 121 16.74 1.82 -24.00
C MET A 121 17.95 2.34 -24.79
N ASN A 122 19.00 2.70 -24.07
CA ASN A 122 20.22 3.21 -24.69
C ASN A 122 20.55 2.41 -25.95
N GLY A 1 15.47 6.40 21.25
CA GLY A 1 15.26 4.96 21.28
C GLY A 1 14.44 4.46 20.12
N SER A 2 14.97 3.49 19.39
CA SER A 2 14.27 2.93 18.24
C SER A 2 14.55 1.44 18.11
N SER A 3 13.48 0.66 17.99
CA SER A 3 13.61 -0.79 17.86
C SER A 3 13.55 -1.22 16.39
N GLY A 4 14.66 -1.77 15.90
CA GLY A 4 14.73 -2.21 14.52
C GLY A 4 15.57 -3.45 14.33
N SER A 5 15.26 -4.49 15.10
CA SER A 5 16.01 -5.74 15.03
C SER A 5 15.56 -6.57 13.83
N SER A 6 14.29 -6.96 13.82
CA SER A 6 13.74 -7.76 12.74
C SER A 6 12.77 -6.94 11.89
N GLY A 7 12.87 -5.61 12.02
CA GLY A 7 12.00 -4.73 11.26
C GLY A 7 10.73 -4.39 12.00
N THR A 8 9.88 -5.39 12.22
CA THR A 8 8.62 -5.19 12.91
C THR A 8 8.29 -6.39 13.81
N GLU A 9 7.57 -6.12 14.90
CA GLU A 9 7.19 -7.18 15.83
C GLU A 9 5.90 -7.86 15.38
N ARG A 10 5.81 -9.16 15.65
CA ARG A 10 4.63 -9.93 15.28
C ARG A 10 3.77 -10.23 16.50
N GLU A 11 2.46 -9.99 16.38
CA GLU A 11 1.54 -10.24 17.48
C GLU A 11 0.20 -10.77 16.95
N LYS A 12 -0.41 -11.67 17.70
CA LYS A 12 -1.69 -12.26 17.31
C LYS A 12 -2.76 -11.97 18.37
N PHE A 13 -3.64 -11.03 18.08
CA PHE A 13 -4.72 -10.67 19.00
C PHE A 13 -6.06 -11.24 18.54
N ILE A 14 -6.81 -11.79 19.47
CA ILE A 14 -8.11 -12.36 19.16
C ILE A 14 -9.24 -11.40 19.50
N VAL A 15 -10.30 -11.43 18.71
CA VAL A 15 -11.45 -10.56 18.91
C VAL A 15 -12.29 -11.05 20.09
N PRO A 16 -12.91 -10.09 20.80
CA PRO A 16 -13.76 -10.40 21.96
C PRO A 16 -15.06 -11.09 21.56
N ILE A 17 -15.42 -12.14 22.29
CA ILE A 17 -16.64 -12.88 22.01
C ILE A 17 -17.74 -11.96 21.50
N LYS A 18 -17.92 -10.83 22.19
CA LYS A 18 -18.94 -9.86 21.80
C LYS A 18 -18.32 -8.49 21.54
N ALA A 19 -18.95 -7.72 20.67
CA ALA A 19 -18.46 -6.38 20.32
C ALA A 19 -19.58 -5.50 19.79
N ARG A 20 -19.46 -4.20 20.02
CA ARG A 20 -20.47 -3.25 19.56
C ARG A 20 -19.83 -1.91 19.20
N GLY A 21 -19.78 -1.61 17.90
CA GLY A 21 -19.20 -0.36 17.45
C GLY A 21 -19.12 -0.28 15.94
N ALA A 22 -17.99 0.23 15.44
CA ALA A 22 -17.80 0.36 14.00
C ALA A 22 -16.45 -0.23 13.58
N ARG A 23 -16.26 -0.37 12.27
CA ARG A 23 -15.02 -0.92 11.73
C ARG A 23 -14.51 -0.08 10.57
N ALA A 24 -13.34 -0.44 10.04
CA ALA A 24 -12.75 0.28 8.93
C ALA A 24 -11.83 -0.63 8.11
N ILE A 25 -12.15 -0.80 6.84
CA ILE A 25 -11.36 -1.64 5.95
C ILE A 25 -11.22 -1.02 4.57
N LEU A 26 -10.09 -1.27 3.92
CA LEU A 26 -9.84 -0.72 2.59
C LEU A 26 -9.72 -1.84 1.56
N ASP A 27 -9.56 -1.46 0.30
CA ASP A 27 -9.42 -2.44 -0.78
C ASP A 27 -8.11 -2.25 -1.53
N PHE A 28 -7.14 -3.10 -1.23
CA PHE A 28 -5.84 -3.03 -1.88
C PHE A 28 -5.44 -4.39 -2.46
N PRO A 29 -4.83 -4.36 -3.65
CA PRO A 29 -4.38 -5.58 -4.34
C PRO A 29 -3.20 -6.25 -3.63
N ASP A 30 -3.00 -7.53 -3.90
CA ASP A 30 -1.90 -8.28 -3.30
C ASP A 30 -0.56 -7.67 -3.68
N LYS A 31 -0.41 -7.31 -4.96
CA LYS A 31 0.82 -6.72 -5.45
C LYS A 31 0.56 -5.93 -6.73
N LEU A 32 1.35 -4.87 -6.92
CA LEU A 32 1.21 -4.02 -8.10
C LEU A 32 2.30 -4.34 -9.13
N ASN A 33 1.91 -4.98 -10.22
CA ASN A 33 2.85 -5.33 -11.27
C ASN A 33 2.79 -4.33 -12.43
N PHE A 34 3.90 -3.67 -12.68
CA PHE A 34 3.98 -2.68 -13.76
C PHE A 34 4.29 -3.35 -15.09
N SER A 35 3.28 -3.44 -15.95
CA SER A 35 3.44 -4.07 -17.27
C SER A 35 4.86 -3.84 -17.80
N THR A 36 5.15 -2.59 -18.17
CA THR A 36 6.46 -2.24 -18.70
C THR A 36 6.73 -0.75 -18.54
N CYS A 37 8.00 -0.41 -18.35
CA CYS A 37 8.40 0.98 -18.18
C CYS A 37 9.89 1.17 -18.44
N PRO A 38 10.31 2.41 -18.68
CA PRO A 38 11.71 2.75 -18.95
C PRO A 38 12.59 2.59 -17.73
N VAL A 39 13.90 2.74 -17.91
CA VAL A 39 14.85 2.60 -16.82
C VAL A 39 15.24 3.97 -16.26
N LYS A 40 15.60 4.88 -17.15
CA LYS A 40 16.00 6.23 -16.75
C LYS A 40 14.78 7.05 -16.35
N TYR A 41 13.78 7.10 -17.23
CA TYR A 41 12.57 7.85 -16.96
C TYR A 41 11.81 7.26 -15.77
N SER A 42 10.96 8.08 -15.16
CA SER A 42 10.18 7.64 -14.01
C SER A 42 8.89 6.97 -14.45
N THR A 43 8.35 6.10 -13.59
CA THR A 43 7.12 5.39 -13.90
C THR A 43 5.95 5.95 -13.11
N GLN A 44 4.74 5.79 -13.64
CA GLN A 44 3.54 6.28 -12.98
C GLN A 44 2.41 5.26 -13.08
N LYS A 45 1.57 5.22 -12.05
CA LYS A 45 0.45 4.28 -12.01
C LYS A 45 -0.60 4.75 -11.00
N ILE A 46 -1.85 4.39 -11.26
CA ILE A 46 -2.95 4.76 -10.37
C ILE A 46 -3.61 3.52 -9.78
N LEU A 47 -4.18 3.68 -8.59
CA LEU A 47 -4.84 2.57 -7.90
C LEU A 47 -6.16 3.04 -7.27
N LEU A 48 -7.26 2.56 -7.79
CA LEU A 48 -8.59 2.92 -7.28
C LEU A 48 -8.86 2.23 -5.95
N VAL A 49 -9.08 3.02 -4.90
CA VAL A 49 -9.36 2.48 -3.58
C VAL A 49 -10.78 2.82 -3.14
N ARG A 50 -11.49 1.80 -2.65
CA ARG A 50 -12.86 1.99 -2.20
C ARG A 50 -13.02 1.54 -0.74
N ASN A 51 -13.54 2.42 0.09
CA ASN A 51 -13.75 2.12 1.51
C ASN A 51 -14.83 1.06 1.68
N ILE A 52 -14.41 -0.16 1.97
CA ILE A 52 -15.35 -1.26 2.17
C ILE A 52 -15.64 -1.47 3.66
N GLY A 53 -15.33 -0.47 4.47
CA GLY A 53 -15.56 -0.56 5.90
C GLY A 53 -16.95 -0.06 6.29
N ASN A 54 -17.06 0.41 7.52
CA ASN A 54 -18.34 0.92 8.02
C ASN A 54 -18.24 2.40 8.36
N LYS A 55 -17.07 2.82 8.81
CA LYS A 55 -16.84 4.22 9.18
C LYS A 55 -15.67 4.80 8.39
N ASN A 56 -15.44 6.10 8.55
CA ASN A 56 -14.35 6.77 7.85
C ASN A 56 -13.04 6.05 8.07
N ALA A 57 -12.53 5.42 7.01
CA ALA A 57 -11.27 4.69 7.10
C ALA A 57 -10.09 5.61 6.80
N VAL A 58 -8.93 5.28 7.37
CA VAL A 58 -7.73 6.07 7.18
C VAL A 58 -6.54 5.18 6.84
N PHE A 59 -5.51 5.78 6.23
CA PHE A 59 -4.31 5.04 5.86
C PHE A 59 -3.13 5.99 5.67
N HIS A 60 -1.93 5.49 5.97
CA HIS A 60 -0.73 6.30 5.83
C HIS A 60 0.42 5.46 5.25
N ILE A 61 0.72 5.69 3.98
CA ILE A 61 1.79 4.96 3.31
C ILE A 61 3.13 5.65 3.50
N LYS A 62 4.19 4.86 3.65
CA LYS A 62 5.54 5.40 3.83
C LYS A 62 6.54 4.64 2.97
N THR A 63 7.32 5.39 2.19
CA THR A 63 8.33 4.79 1.32
C THR A 63 9.33 5.82 0.85
N CYS A 64 10.46 5.35 0.32
CA CYS A 64 11.50 6.25 -0.17
C CYS A 64 11.98 5.81 -1.55
N ARG A 65 12.63 6.73 -2.27
CA ARG A 65 13.13 6.45 -3.60
C ARG A 65 13.99 5.19 -3.60
N PRO A 66 14.09 4.54 -4.78
CA PRO A 66 13.43 5.02 -6.00
C PRO A 66 11.92 4.86 -5.94
N PHE A 67 11.44 4.32 -4.82
CA PHE A 67 10.00 4.12 -4.64
C PHE A 67 9.37 5.29 -3.88
N SER A 68 8.40 5.93 -4.52
CA SER A 68 7.71 7.07 -3.91
C SER A 68 6.33 7.25 -4.51
N ILE A 69 5.34 7.47 -3.65
CA ILE A 69 3.96 7.67 -4.09
C ILE A 69 3.33 8.87 -3.41
N GLU A 70 2.17 9.29 -3.91
CA GLU A 70 1.47 10.43 -3.35
C GLU A 70 -0.03 10.38 -3.70
N PRO A 71 -0.87 10.81 -2.75
CA PRO A 71 -0.41 11.30 -1.44
C PRO A 71 0.16 10.19 -0.57
N ALA A 72 1.10 10.55 0.30
CA ALA A 72 1.72 9.58 1.19
C ALA A 72 0.76 9.14 2.29
N ILE A 73 -0.23 9.99 2.57
CA ILE A 73 -1.22 9.68 3.60
C ILE A 73 -2.56 10.33 3.27
N GLY A 74 -3.64 9.68 3.71
CA GLY A 74 -4.97 10.20 3.45
C GLY A 74 -6.07 9.26 3.91
N THR A 75 -7.25 9.81 4.16
CA THR A 75 -8.38 9.01 4.62
C THR A 75 -9.43 8.85 3.51
N LEU A 76 -10.29 7.86 3.66
CA LEU A 76 -11.34 7.60 2.68
C LEU A 76 -12.67 7.32 3.36
N ASN A 77 -13.73 7.92 2.84
CA ASN A 77 -15.07 7.72 3.40
C ASN A 77 -15.72 6.45 2.85
N VAL A 78 -16.63 5.89 3.62
CA VAL A 78 -17.33 4.68 3.22
C VAL A 78 -18.18 4.91 1.98
N GLY A 79 -18.18 3.95 1.06
CA GLY A 79 -18.96 4.08 -0.17
C GLY A 79 -18.20 4.82 -1.25
N GLU A 80 -17.50 5.88 -0.87
CA GLU A 80 -16.73 6.67 -1.83
C GLU A 80 -15.41 5.98 -2.17
N SER A 81 -14.70 6.52 -3.15
CA SER A 81 -13.42 5.96 -3.58
C SER A 81 -12.45 7.07 -3.98
N MET A 82 -11.22 6.69 -4.27
CA MET A 82 -10.18 7.64 -4.65
C MET A 82 -9.08 6.96 -5.45
N GLN A 83 -8.19 7.76 -6.04
CA GLN A 83 -7.09 7.23 -6.83
C GLN A 83 -5.75 7.60 -6.21
N LEU A 84 -4.83 6.63 -6.17
CA LEU A 84 -3.51 6.85 -5.60
C LEU A 84 -2.43 6.70 -6.67
N GLU A 85 -1.72 7.80 -6.94
CA GLU A 85 -0.65 7.79 -7.94
C GLU A 85 0.67 7.32 -7.33
N VAL A 86 1.31 6.37 -7.99
CA VAL A 86 2.58 5.85 -7.51
C VAL A 86 3.73 6.21 -8.45
N GLU A 87 4.86 6.61 -7.88
CA GLU A 87 6.02 7.00 -8.67
C GLU A 87 7.22 6.10 -8.34
N PHE A 88 7.86 5.59 -9.38
CA PHE A 88 9.03 4.72 -9.20
C PHE A 88 9.91 4.74 -10.44
N GLU A 89 11.10 5.33 -10.30
CA GLU A 89 12.04 5.42 -11.42
C GLU A 89 13.19 4.45 -11.21
N PRO A 90 13.15 3.31 -11.93
CA PRO A 90 14.19 2.29 -11.85
C PRO A 90 15.51 2.75 -12.48
N GLN A 91 16.27 3.54 -11.73
CA GLN A 91 17.55 4.05 -12.22
C GLN A 91 18.27 2.99 -13.05
N SER A 92 18.31 1.77 -12.54
CA SER A 92 18.98 0.67 -13.23
C SER A 92 17.97 -0.15 -14.03
N VAL A 93 18.38 -0.58 -15.23
CA VAL A 93 17.52 -1.38 -16.08
C VAL A 93 17.43 -2.82 -15.60
N GLY A 94 16.21 -3.30 -15.41
CA GLY A 94 16.01 -4.66 -14.95
C GLY A 94 14.72 -4.83 -14.16
N ASP A 95 14.57 -5.97 -13.50
CA ASP A 95 13.38 -6.26 -12.71
C ASP A 95 13.57 -5.81 -11.26
N HIS A 96 12.68 -4.95 -10.79
CA HIS A 96 12.76 -4.45 -9.42
C HIS A 96 11.45 -4.69 -8.68
N SER A 97 11.54 -4.82 -7.36
CA SER A 97 10.35 -5.05 -6.54
C SER A 97 10.50 -4.40 -5.17
N GLY A 98 9.37 -3.97 -4.61
CA GLY A 98 9.40 -3.32 -3.31
C GLY A 98 8.23 -3.73 -2.43
N ARG A 99 7.83 -2.84 -1.52
CA ARG A 99 6.72 -3.12 -0.61
C ARG A 99 6.13 -1.83 -0.08
N LEU A 100 4.80 -1.72 -0.14
CA LEU A 100 4.11 -0.53 0.35
C LEU A 100 3.52 -0.77 1.73
N ILE A 101 4.07 -0.11 2.73
CA ILE A 101 3.60 -0.25 4.11
C ILE A 101 2.58 0.83 4.45
N VAL A 102 1.33 0.41 4.64
CA VAL A 102 0.25 1.34 4.97
C VAL A 102 -0.10 1.26 6.45
N CYS A 103 -0.12 2.42 7.11
CA CYS A 103 -0.44 2.47 8.54
C CYS A 103 -1.74 3.23 8.76
N TYR A 104 -2.63 2.64 9.55
CA TYR A 104 -3.92 3.25 9.85
C TYR A 104 -3.83 4.16 11.08
N ASP A 105 -4.95 4.76 11.44
CA ASP A 105 -5.00 5.65 12.60
C ASP A 105 -4.81 4.86 13.90
N THR A 106 -5.37 3.65 13.94
CA THR A 106 -5.27 2.80 15.11
C THR A 106 -3.86 2.25 15.27
N GLY A 107 -3.30 1.76 14.18
CA GLY A 107 -1.95 1.21 14.22
C GLY A 107 -1.77 0.05 13.27
N GLU A 108 -2.86 -0.36 12.62
CA GLU A 108 -2.81 -1.47 11.68
C GLU A 108 -1.72 -1.26 10.64
N LYS A 109 -1.31 -2.33 9.98
CA LYS A 109 -0.27 -2.27 8.97
C LYS A 109 -0.59 -3.18 7.78
N VAL A 110 -0.27 -2.73 6.58
CA VAL A 110 -0.54 -3.50 5.38
C VAL A 110 0.70 -3.54 4.47
N PHE A 111 0.96 -4.71 3.90
CA PHE A 111 2.11 -4.89 3.01
C PHE A 111 1.66 -5.21 1.59
N VAL A 112 2.18 -4.47 0.63
CA VAL A 112 1.84 -4.68 -0.77
C VAL A 112 3.07 -4.68 -1.66
N SER A 113 3.42 -5.86 -2.18
CA SER A 113 4.59 -6.00 -3.04
C SER A 113 4.55 -4.98 -4.17
N LEU A 114 5.74 -4.56 -4.62
CA LEU A 114 5.85 -3.58 -5.69
C LEU A 114 6.58 -4.18 -6.89
N TYR A 115 6.53 -3.49 -8.02
CA TYR A 115 7.20 -3.94 -9.24
C TYR A 115 7.48 -2.77 -10.18
N GLY A 116 8.28 -3.02 -11.20
CA GLY A 116 8.63 -1.99 -12.15
C GLY A 116 9.65 -2.45 -13.17
N ALA A 117 9.26 -3.44 -13.97
CA ALA A 117 10.15 -3.98 -15.01
C ALA A 117 10.71 -2.86 -15.89
N ALA A 118 11.97 -2.51 -15.66
CA ALA A 118 12.62 -1.46 -16.43
C ALA A 118 13.33 -2.04 -17.65
N ILE A 119 13.61 -1.18 -18.62
CA ILE A 119 14.29 -1.61 -19.84
C ILE A 119 15.42 -0.64 -20.22
N ASP A 120 16.26 -1.06 -21.14
CA ASP A 120 17.39 -0.23 -21.59
C ASP A 120 16.96 0.68 -22.73
N MET A 121 15.71 0.55 -23.15
CA MET A 121 15.18 1.37 -24.24
C MET A 121 15.95 1.11 -25.54
N ASN A 122 16.42 -0.12 -25.72
CA ASN A 122 17.17 -0.49 -26.91
C ASN A 122 16.32 -1.36 -27.83
N GLY A 1 16.77 7.26 10.25
CA GLY A 1 16.20 6.21 11.09
C GLY A 1 14.69 6.10 10.94
N SER A 2 13.98 7.12 11.39
CA SER A 2 12.52 7.12 11.31
C SER A 2 11.93 5.89 12.00
N SER A 3 12.48 5.55 13.16
CA SER A 3 12.01 4.40 13.92
C SER A 3 12.12 3.13 13.09
N GLY A 4 13.22 2.98 12.36
CA GLY A 4 13.41 1.81 11.54
C GLY A 4 14.85 1.34 11.52
N SER A 5 15.24 0.59 12.56
CA SER A 5 16.61 0.09 12.66
C SER A 5 16.82 -1.09 11.72
N SER A 6 17.84 -0.97 10.87
CA SER A 6 18.15 -2.02 9.91
C SER A 6 18.45 -3.34 10.62
N GLY A 7 18.53 -4.42 9.85
CA GLY A 7 18.81 -5.72 10.43
C GLY A 7 17.98 -6.83 9.79
N THR A 8 17.18 -7.51 10.61
CA THR A 8 16.34 -8.59 10.12
C THR A 8 14.87 -8.16 10.07
N GLU A 9 14.12 -8.77 9.17
CA GLU A 9 12.71 -8.46 9.01
C GLU A 9 11.83 -9.62 9.50
N ARG A 10 11.00 -9.34 10.49
CA ARG A 10 10.11 -10.36 11.04
C ARG A 10 8.64 -9.97 10.86
N GLU A 11 7.88 -10.87 10.25
CA GLU A 11 6.46 -10.61 10.01
C GLU A 11 5.60 -11.62 10.74
N LYS A 12 4.59 -11.12 11.46
CA LYS A 12 3.68 -11.98 12.22
C LYS A 12 2.27 -11.91 11.65
N PHE A 13 1.89 -12.93 10.89
CA PHE A 13 0.56 -12.99 10.29
C PHE A 13 -0.34 -13.94 11.06
N ILE A 14 -1.26 -13.38 11.82
CA ILE A 14 -2.19 -14.18 12.61
C ILE A 14 -3.52 -13.45 12.81
N VAL A 15 -4.62 -14.14 12.50
CA VAL A 15 -5.95 -13.55 12.64
C VAL A 15 -6.76 -14.32 13.68
N PRO A 16 -7.63 -13.58 14.40
CA PRO A 16 -8.50 -14.17 15.44
C PRO A 16 -9.58 -15.05 14.85
N ILE A 17 -10.52 -15.45 15.70
CA ILE A 17 -11.63 -16.31 15.27
C ILE A 17 -12.79 -15.48 14.72
N LYS A 18 -13.34 -14.63 15.57
CA LYS A 18 -14.46 -13.77 15.19
C LYS A 18 -14.14 -12.30 15.45
N ALA A 19 -13.85 -11.57 14.39
CA ALA A 19 -13.53 -10.15 14.50
C ALA A 19 -14.53 -9.30 13.74
N ARG A 20 -15.46 -8.68 14.47
CA ARG A 20 -16.48 -7.84 13.87
C ARG A 20 -16.90 -6.73 14.81
N GLY A 21 -17.09 -5.53 14.27
CA GLY A 21 -17.49 -4.40 15.08
C GLY A 21 -17.09 -3.07 14.47
N ALA A 22 -17.69 -2.74 13.33
CA ALA A 22 -17.40 -1.49 12.64
C ALA A 22 -15.91 -1.38 12.34
N ARG A 23 -15.27 -2.51 12.09
CA ARG A 23 -13.84 -2.54 11.78
C ARG A 23 -13.56 -1.87 10.44
N ALA A 24 -12.73 -0.84 10.45
CA ALA A 24 -12.38 -0.12 9.23
C ALA A 24 -11.46 -0.96 8.34
N ILE A 25 -11.81 -1.04 7.07
CA ILE A 25 -11.01 -1.81 6.11
C ILE A 25 -11.04 -1.17 4.73
N LEU A 26 -9.90 -1.21 4.05
CA LEU A 26 -9.79 -0.62 2.71
C LEU A 26 -9.68 -1.71 1.65
N ASP A 27 -9.66 -1.30 0.39
CA ASP A 27 -9.56 -2.24 -0.72
C ASP A 27 -8.27 -2.02 -1.50
N PHE A 28 -7.28 -2.88 -1.26
CA PHE A 28 -5.99 -2.79 -1.94
C PHE A 28 -5.64 -4.11 -2.62
N PRO A 29 -5.00 -4.02 -3.80
CA PRO A 29 -4.59 -5.19 -4.57
C PRO A 29 -3.44 -5.94 -3.90
N ASP A 30 -3.35 -7.24 -4.17
CA ASP A 30 -2.30 -8.07 -3.60
C ASP A 30 -0.92 -7.44 -3.83
N LYS A 31 -0.69 -6.95 -5.04
CA LYS A 31 0.58 -6.31 -5.38
C LYS A 31 0.42 -5.40 -6.60
N LEU A 32 1.43 -4.59 -6.84
CA LEU A 32 1.41 -3.67 -7.98
C LEU A 32 2.28 -4.19 -9.12
N ASN A 33 1.67 -4.46 -10.26
CA ASN A 33 2.39 -4.96 -11.43
C ASN A 33 2.66 -3.83 -12.43
N PHE A 34 3.92 -3.41 -12.51
CA PHE A 34 4.31 -2.34 -13.42
C PHE A 34 4.78 -2.92 -14.76
N SER A 35 3.98 -2.71 -15.79
CA SER A 35 4.31 -3.21 -17.13
C SER A 35 5.71 -2.78 -17.54
N THR A 36 6.17 -3.28 -18.68
CA THR A 36 7.49 -2.95 -19.19
C THR A 36 7.71 -1.44 -19.23
N CYS A 37 8.62 -0.95 -18.39
CA CYS A 37 8.91 0.47 -18.34
C CYS A 37 10.42 0.72 -18.42
N PRO A 38 10.80 1.94 -18.81
CA PRO A 38 12.20 2.33 -18.94
C PRO A 38 12.91 2.42 -17.59
N VAL A 39 14.20 2.13 -17.58
CA VAL A 39 14.99 2.17 -16.35
C VAL A 39 15.29 3.62 -15.95
N LYS A 40 15.79 4.39 -16.91
CA LYS A 40 16.12 5.80 -16.66
C LYS A 40 14.87 6.62 -16.42
N TYR A 41 14.01 6.71 -17.43
CA TYR A 41 12.77 7.46 -17.33
C TYR A 41 11.97 7.03 -16.10
N SER A 42 11.06 7.89 -15.66
CA SER A 42 10.22 7.60 -14.51
C SER A 42 8.88 7.01 -14.93
N THR A 43 8.26 6.27 -14.02
CA THR A 43 6.97 5.64 -14.29
C THR A 43 5.88 6.21 -13.39
N GLN A 44 4.65 6.24 -13.90
CA GLN A 44 3.52 6.77 -13.15
C GLN A 44 2.28 5.90 -13.34
N LYS A 45 1.53 5.69 -12.27
CA LYS A 45 0.32 4.88 -12.32
C LYS A 45 -0.64 5.26 -11.21
N ILE A 46 -1.91 4.93 -11.38
CA ILE A 46 -2.93 5.24 -10.39
C ILE A 46 -3.55 3.96 -9.83
N LEU A 47 -4.03 4.03 -8.59
CA LEU A 47 -4.64 2.89 -7.93
C LEU A 47 -5.98 3.26 -7.32
N LEU A 48 -7.06 2.67 -7.85
CA LEU A 48 -8.40 2.94 -7.35
C LEU A 48 -8.64 2.25 -6.02
N VAL A 49 -8.94 3.03 -4.99
CA VAL A 49 -9.21 2.48 -3.66
C VAL A 49 -10.65 2.72 -3.25
N ARG A 50 -11.30 1.67 -2.73
CA ARG A 50 -12.69 1.77 -2.30
C ARG A 50 -12.82 1.34 -0.83
N ASN A 51 -13.44 2.21 -0.03
CA ASN A 51 -13.63 1.93 1.38
C ASN A 51 -14.70 0.88 1.59
N ILE A 52 -14.30 -0.26 2.17
CA ILE A 52 -15.23 -1.35 2.42
C ILE A 52 -15.63 -1.41 3.89
N GLY A 53 -14.85 -0.74 4.73
CA GLY A 53 -15.14 -0.72 6.16
C GLY A 53 -16.54 -0.23 6.46
N ASN A 54 -16.86 -0.08 7.74
CA ASN A 54 -18.19 0.38 8.15
C ASN A 54 -18.15 1.86 8.49
N LYS A 55 -17.07 2.30 9.12
CA LYS A 55 -16.92 3.69 9.51
C LYS A 55 -15.74 4.33 8.78
N ASN A 56 -15.51 5.62 9.04
CA ASN A 56 -14.42 6.35 8.41
C ASN A 56 -13.10 5.61 8.59
N ALA A 57 -12.35 5.46 7.50
CA ALA A 57 -11.07 4.78 7.53
C ALA A 57 -9.92 5.74 7.22
N VAL A 58 -8.82 5.60 7.96
CA VAL A 58 -7.66 6.45 7.78
C VAL A 58 -6.41 5.63 7.54
N PHE A 59 -5.72 5.89 6.43
CA PHE A 59 -4.51 5.18 6.09
C PHE A 59 -3.36 6.15 5.80
N HIS A 60 -2.13 5.70 6.07
CA HIS A 60 -0.96 6.53 5.83
C HIS A 60 0.16 5.72 5.18
N ILE A 61 0.37 5.96 3.89
CA ILE A 61 1.41 5.24 3.16
C ILE A 61 2.74 5.99 3.20
N LYS A 62 3.83 5.25 3.25
CA LYS A 62 5.17 5.85 3.30
C LYS A 62 6.18 4.97 2.58
N THR A 63 7.08 5.61 1.82
CA THR A 63 8.10 4.88 1.08
C THR A 63 9.20 5.82 0.60
N CYS A 64 10.30 5.24 0.13
CA CYS A 64 11.43 6.04 -0.35
C CYS A 64 11.83 5.60 -1.76
N ARG A 65 12.49 6.49 -2.49
CA ARG A 65 12.93 6.20 -3.85
C ARG A 65 13.70 4.89 -3.90
N PRO A 66 13.74 4.27 -5.09
CA PRO A 66 13.07 4.81 -6.28
C PRO A 66 11.55 4.73 -6.17
N PHE A 67 11.06 4.20 -5.06
CA PHE A 67 9.62 4.08 -4.83
C PHE A 67 9.09 5.27 -4.04
N SER A 68 8.10 5.96 -4.61
CA SER A 68 7.51 7.12 -3.96
C SER A 68 6.11 7.39 -4.50
N ILE A 69 5.12 7.34 -3.61
CA ILE A 69 3.74 7.57 -4.00
C ILE A 69 3.21 8.87 -3.39
N GLU A 70 2.11 9.36 -3.94
CA GLU A 70 1.49 10.60 -3.44
C GLU A 70 0.02 10.67 -3.83
N PRO A 71 -0.81 11.13 -2.88
CA PRO A 71 -0.35 11.56 -1.56
C PRO A 71 0.11 10.39 -0.71
N ALA A 72 1.10 10.64 0.15
CA ALA A 72 1.63 9.62 1.03
C ALA A 72 0.60 9.19 2.07
N ILE A 73 -0.30 10.10 2.42
CA ILE A 73 -1.34 9.81 3.40
C ILE A 73 -2.69 10.37 2.94
N GLY A 74 -3.77 9.73 3.37
CA GLY A 74 -5.11 10.17 3.01
C GLY A 74 -6.19 9.44 3.77
N THR A 75 -7.43 9.90 3.61
CA THR A 75 -8.56 9.30 4.30
C THR A 75 -9.74 9.10 3.35
N LEU A 76 -10.33 7.90 3.38
CA LEU A 76 -11.47 7.60 2.53
C LEU A 76 -12.69 7.25 3.36
N ASN A 77 -13.88 7.50 2.80
CA ASN A 77 -15.13 7.21 3.49
C ASN A 77 -15.86 6.04 2.82
N VAL A 78 -16.73 5.39 3.58
CA VAL A 78 -17.49 4.25 3.07
C VAL A 78 -18.36 4.67 1.89
N GLY A 79 -18.56 3.74 0.96
CA GLY A 79 -19.38 4.02 -0.20
C GLY A 79 -18.76 5.07 -1.11
N GLU A 80 -17.43 5.16 -1.08
CA GLU A 80 -16.72 6.14 -1.89
C GLU A 80 -15.33 5.61 -2.28
N SER A 81 -14.89 5.96 -3.48
CA SER A 81 -13.58 5.53 -3.97
C SER A 81 -12.70 6.73 -4.27
N MET A 82 -11.40 6.46 -4.47
CA MET A 82 -10.45 7.52 -4.78
C MET A 82 -9.29 6.98 -5.61
N GLN A 83 -8.49 7.89 -6.15
CA GLN A 83 -7.34 7.50 -6.97
C GLN A 83 -6.03 7.86 -6.28
N LEU A 84 -5.08 6.94 -6.32
CA LEU A 84 -3.78 7.15 -5.69
C LEU A 84 -2.65 7.05 -6.72
N GLU A 85 -1.86 8.10 -6.83
CA GLU A 85 -0.75 8.14 -7.77
C GLU A 85 0.49 7.49 -7.16
N VAL A 86 1.11 6.59 -7.92
CA VAL A 86 2.31 5.90 -7.47
C VAL A 86 3.47 6.12 -8.43
N GLU A 87 4.49 6.84 -7.96
CA GLU A 87 5.67 7.12 -8.79
C GLU A 87 6.80 6.15 -8.46
N PHE A 88 7.49 5.69 -9.50
CA PHE A 88 8.60 4.75 -9.32
C PHE A 88 9.56 4.82 -10.50
N GLU A 89 10.72 5.43 -10.29
CA GLU A 89 11.73 5.55 -11.33
C GLU A 89 13.04 4.88 -10.93
N PRO A 90 13.27 3.68 -11.47
CA PRO A 90 14.48 2.91 -11.18
C PRO A 90 15.73 3.53 -11.79
N GLN A 91 16.89 3.00 -11.42
CA GLN A 91 18.16 3.51 -11.93
C GLN A 91 18.90 2.43 -12.71
N SER A 92 18.80 1.19 -12.25
CA SER A 92 19.46 0.07 -12.90
C SER A 92 18.49 -0.71 -13.78
N VAL A 93 19.02 -1.45 -14.74
CA VAL A 93 18.19 -2.25 -15.63
C VAL A 93 18.02 -3.68 -15.11
N GLY A 94 16.77 -4.12 -15.02
CA GLY A 94 16.50 -5.47 -14.53
C GLY A 94 15.13 -5.59 -13.91
N ASP A 95 15.08 -5.85 -12.61
CA ASP A 95 13.83 -5.99 -11.89
C ASP A 95 13.90 -5.34 -10.52
N HIS A 96 12.84 -4.64 -10.14
CA HIS A 96 12.80 -3.97 -8.84
C HIS A 96 11.50 -4.30 -8.11
N SER A 97 11.60 -5.14 -7.09
CA SER A 97 10.44 -5.55 -6.31
C SER A 97 10.49 -4.96 -4.91
N GLY A 98 9.42 -4.28 -4.51
CA GLY A 98 9.37 -3.68 -3.20
C GLY A 98 8.04 -3.95 -2.49
N ARG A 99 7.62 -3.00 -1.65
CA ARG A 99 6.38 -3.14 -0.91
C ARG A 99 5.98 -1.81 -0.26
N LEU A 100 4.68 -1.63 -0.05
CA LEU A 100 4.17 -0.41 0.56
C LEU A 100 3.56 -0.70 1.93
N ILE A 101 4.14 -0.11 2.97
CA ILE A 101 3.64 -0.31 4.32
C ILE A 101 2.66 0.79 4.71
N VAL A 102 1.38 0.45 4.75
CA VAL A 102 0.34 1.41 5.10
C VAL A 102 0.10 1.42 6.61
N CYS A 103 0.29 2.58 7.22
CA CYS A 103 0.10 2.73 8.66
C CYS A 103 -1.26 3.37 8.96
N TYR A 104 -2.20 2.54 9.40
CA TYR A 104 -3.54 3.02 9.72
C TYR A 104 -3.53 3.85 11.01
N ASP A 105 -4.62 4.56 11.24
CA ASP A 105 -4.74 5.39 12.44
C ASP A 105 -5.00 4.53 13.67
N THR A 106 -5.83 3.52 13.51
CA THR A 106 -6.17 2.62 14.61
C THR A 106 -4.94 1.90 15.12
N GLY A 107 -4.08 1.47 14.20
CA GLY A 107 -2.87 0.77 14.58
C GLY A 107 -2.66 -0.50 13.79
N GLU A 108 -2.94 -0.43 12.49
CA GLU A 108 -2.78 -1.59 11.61
C GLU A 108 -1.62 -1.39 10.65
N LYS A 109 -1.31 -2.42 9.87
CA LYS A 109 -0.22 -2.36 8.91
C LYS A 109 -0.50 -3.24 7.70
N VAL A 110 -0.36 -2.66 6.51
CA VAL A 110 -0.60 -3.38 5.27
C VAL A 110 0.69 -3.57 4.48
N PHE A 111 0.71 -4.59 3.62
CA PHE A 111 1.88 -4.87 2.80
C PHE A 111 1.49 -5.16 1.36
N VAL A 112 1.92 -4.30 0.44
CA VAL A 112 1.61 -4.48 -0.98
C VAL A 112 2.88 -4.51 -1.82
N SER A 113 3.28 -5.71 -2.22
CA SER A 113 4.48 -5.88 -3.03
C SER A 113 4.43 -4.98 -4.27
N LEU A 114 5.59 -4.51 -4.70
CA LEU A 114 5.68 -3.65 -5.88
C LEU A 114 6.47 -4.33 -6.99
N TYR A 115 6.44 -3.74 -8.18
CA TYR A 115 7.15 -4.29 -9.33
C TYR A 115 7.47 -3.19 -10.34
N GLY A 116 8.30 -3.53 -11.32
CA GLY A 116 8.67 -2.57 -12.35
C GLY A 116 9.83 -3.04 -13.20
N ALA A 117 9.63 -4.13 -13.91
CA ALA A 117 10.68 -4.69 -14.77
C ALA A 117 11.25 -3.62 -15.70
N ALA A 118 12.43 -3.11 -15.35
CA ALA A 118 13.09 -2.08 -16.16
C ALA A 118 13.93 -2.71 -17.25
N ILE A 119 13.96 -2.06 -18.42
CA ILE A 119 14.74 -2.56 -19.54
C ILE A 119 15.67 -1.48 -20.08
N ASP A 120 16.84 -1.89 -20.55
CA ASP A 120 17.82 -0.96 -21.10
C ASP A 120 17.17 -0.03 -22.13
N MET A 121 15.99 -0.41 -22.60
CA MET A 121 15.27 0.40 -23.58
C MET A 121 16.09 0.55 -24.86
N ASN A 122 16.87 -0.47 -25.19
CA ASN A 122 17.70 -0.46 -26.39
C ASN A 122 18.17 -1.86 -26.75
N GLY A 1 -29.11 17.11 33.57
CA GLY A 1 -27.78 16.54 33.58
C GLY A 1 -26.95 17.03 34.76
N SER A 2 -25.91 16.27 35.10
CA SER A 2 -25.05 16.63 36.22
C SER A 2 -23.59 16.73 35.77
N SER A 3 -22.92 17.80 36.19
CA SER A 3 -21.52 18.01 35.82
C SER A 3 -20.65 18.12 37.06
N GLY A 4 -19.40 17.70 36.93
CA GLY A 4 -18.48 17.75 38.05
C GLY A 4 -17.71 19.05 38.11
N SER A 5 -17.15 19.36 39.27
CA SER A 5 -16.40 20.60 39.45
C SER A 5 -15.13 20.59 38.61
N SER A 6 -14.46 21.74 38.53
CA SER A 6 -13.24 21.87 37.74
C SER A 6 -12.13 21.00 38.32
N GLY A 7 -11.11 20.73 37.51
CA GLY A 7 -10.01 19.91 37.97
C GLY A 7 -9.25 19.27 36.81
N THR A 8 -7.99 19.66 36.64
CA THR A 8 -7.16 19.12 35.57
C THR A 8 -6.08 18.20 36.12
N GLU A 9 -6.17 16.91 35.78
CA GLU A 9 -5.20 15.93 36.25
C GLU A 9 -3.87 16.12 35.54
N ARG A 10 -2.81 15.53 36.11
CA ARG A 10 -1.48 15.63 35.53
C ARG A 10 -0.76 14.28 35.59
N GLU A 11 0.02 13.99 34.56
CA GLU A 11 0.76 12.73 34.49
C GLU A 11 -0.18 11.53 34.50
N LYS A 12 -1.37 11.73 33.94
CA LYS A 12 -2.37 10.67 33.88
C LYS A 12 -2.71 10.30 32.44
N PHE A 13 -2.67 9.01 32.13
CA PHE A 13 -2.96 8.53 30.79
C PHE A 13 -4.40 8.01 30.71
N ILE A 14 -5.13 8.46 29.69
CA ILE A 14 -6.51 8.03 29.50
C ILE A 14 -6.64 7.11 28.29
N VAL A 15 -7.43 6.06 28.43
CA VAL A 15 -7.65 5.10 27.35
C VAL A 15 -8.98 5.35 26.65
N PRO A 16 -9.03 5.05 25.35
CA PRO A 16 -10.24 5.22 24.54
C PRO A 16 -11.33 4.23 24.91
N ILE A 17 -12.48 4.74 25.35
CA ILE A 17 -13.60 3.90 25.75
C ILE A 17 -13.88 2.84 24.68
N LYS A 18 -14.31 3.28 23.51
CA LYS A 18 -14.61 2.37 22.40
C LYS A 18 -13.49 2.39 21.36
N ALA A 19 -12.66 1.36 21.38
CA ALA A 19 -11.55 1.25 20.44
C ALA A 19 -11.70 0.01 19.56
N ARG A 20 -12.17 -1.08 20.16
CA ARG A 20 -12.36 -2.33 19.43
C ARG A 20 -13.77 -2.41 18.86
N GLY A 21 -14.45 -1.27 18.81
CA GLY A 21 -15.81 -1.25 18.29
C GLY A 21 -15.84 -1.16 16.77
N ALA A 22 -15.74 0.06 16.25
CA ALA A 22 -15.76 0.27 14.81
C ALA A 22 -14.38 0.02 14.20
N ARG A 23 -14.36 -0.75 13.11
CA ARG A 23 -13.11 -1.07 12.44
C ARG A 23 -13.10 -0.53 11.02
N ALA A 24 -11.92 -0.13 10.54
CA ALA A 24 -11.79 0.41 9.19
C ALA A 24 -10.98 -0.53 8.30
N ILE A 25 -11.47 -0.74 7.07
CA ILE A 25 -10.80 -1.62 6.13
C ILE A 25 -10.85 -1.05 4.72
N LEU A 26 -9.70 -1.05 4.05
CA LEU A 26 -9.60 -0.53 2.69
C LEU A 26 -9.48 -1.67 1.67
N ASP A 27 -9.47 -1.31 0.39
CA ASP A 27 -9.35 -2.31 -0.67
C ASP A 27 -8.08 -2.08 -1.48
N PHE A 28 -7.06 -2.90 -1.22
CA PHE A 28 -5.79 -2.79 -1.93
C PHE A 28 -5.40 -4.12 -2.56
N PRO A 29 -4.79 -4.06 -3.75
CA PRO A 29 -4.36 -5.25 -4.49
C PRO A 29 -3.18 -5.94 -3.81
N ASP A 30 -3.03 -7.24 -4.09
CA ASP A 30 -1.94 -8.01 -3.51
C ASP A 30 -0.60 -7.38 -3.81
N LYS A 31 -0.43 -6.91 -5.05
CA LYS A 31 0.82 -6.28 -5.46
C LYS A 31 0.60 -5.40 -6.69
N LEU A 32 1.53 -4.49 -6.94
CA LEU A 32 1.44 -3.59 -8.09
C LEU A 32 2.34 -4.07 -9.22
N ASN A 33 1.73 -4.47 -10.33
CA ASN A 33 2.49 -4.94 -11.49
C ASN A 33 2.73 -3.81 -12.48
N PHE A 34 3.97 -3.35 -12.56
CA PHE A 34 4.33 -2.27 -13.46
C PHE A 34 4.87 -2.82 -14.77
N SER A 35 4.10 -2.64 -15.84
CA SER A 35 4.50 -3.13 -17.17
C SER A 35 5.90 -2.64 -17.51
N THR A 36 6.43 -3.13 -18.64
CA THR A 36 7.76 -2.74 -19.09
C THR A 36 7.89 -1.23 -19.19
N CYS A 37 8.83 -0.67 -18.43
CA CYS A 37 9.05 0.77 -18.44
C CYS A 37 10.54 1.09 -18.49
N PRO A 38 10.87 2.34 -18.83
CA PRO A 38 12.26 2.80 -18.93
C PRO A 38 12.93 2.90 -17.56
N VAL A 39 14.22 2.60 -17.52
CA VAL A 39 14.98 2.66 -16.27
C VAL A 39 15.14 4.10 -15.79
N LYS A 40 15.89 4.89 -16.55
CA LYS A 40 16.13 6.29 -16.21
C LYS A 40 14.81 7.03 -16.02
N TYR A 41 14.00 7.07 -17.08
CA TYR A 41 12.71 7.75 -17.04
C TYR A 41 11.89 7.28 -15.85
N SER A 42 10.82 8.02 -15.55
CA SER A 42 9.96 7.68 -14.43
C SER A 42 8.67 7.03 -14.91
N THR A 43 8.03 6.26 -14.03
CA THR A 43 6.79 5.58 -14.37
C THR A 43 5.66 5.97 -13.41
N GLN A 44 4.44 6.04 -13.93
CA GLN A 44 3.29 6.41 -13.12
C GLN A 44 2.16 5.41 -13.32
N LYS A 45 1.23 5.37 -12.36
CA LYS A 45 0.10 4.46 -12.42
C LYS A 45 -1.02 4.93 -11.50
N ILE A 46 -2.24 4.48 -11.78
CA ILE A 46 -3.40 4.85 -10.97
C ILE A 46 -3.97 3.64 -10.25
N LEU A 47 -4.38 3.84 -9.01
CA LEU A 47 -4.95 2.76 -8.21
C LEU A 47 -6.25 3.20 -7.54
N LEU A 48 -7.36 2.62 -7.99
CA LEU A 48 -8.67 2.96 -7.43
C LEU A 48 -8.90 2.26 -6.10
N VAL A 49 -9.01 3.04 -5.03
CA VAL A 49 -9.23 2.49 -3.70
C VAL A 49 -10.63 2.80 -3.19
N ARG A 50 -11.27 1.81 -2.57
CA ARG A 50 -12.62 1.98 -2.05
C ARG A 50 -12.71 1.47 -0.61
N ASN A 51 -13.35 2.25 0.25
CA ASN A 51 -13.51 1.89 1.65
C ASN A 51 -14.60 0.83 1.81
N ILE A 52 -14.24 -0.29 2.45
CA ILE A 52 -15.19 -1.37 2.66
C ILE A 52 -15.44 -1.59 4.15
N GLY A 53 -15.01 -0.63 4.96
CA GLY A 53 -15.19 -0.73 6.40
C GLY A 53 -16.56 -0.26 6.84
N ASN A 54 -16.68 0.15 8.10
CA ASN A 54 -17.94 0.63 8.64
C ASN A 54 -17.84 2.10 9.04
N LYS A 55 -16.65 2.52 9.43
CA LYS A 55 -16.41 3.90 9.83
C LYS A 55 -15.33 4.55 8.99
N ASN A 56 -15.10 5.84 9.21
CA ASN A 56 -14.08 6.58 8.46
C ASN A 56 -12.74 5.87 8.57
N ALA A 57 -12.16 5.54 7.41
CA ALA A 57 -10.86 4.87 7.37
C ALA A 57 -9.73 5.88 7.17
N VAL A 58 -8.62 5.66 7.87
CA VAL A 58 -7.47 6.55 7.76
C VAL A 58 -6.19 5.76 7.53
N PHE A 59 -5.66 5.85 6.31
CA PHE A 59 -4.44 5.14 5.96
C PHE A 59 -3.29 6.12 5.72
N HIS A 60 -2.11 5.75 6.19
CA HIS A 60 -0.92 6.59 6.04
C HIS A 60 0.27 5.78 5.55
N ILE A 61 0.57 5.91 4.27
CA ILE A 61 1.69 5.18 3.66
C ILE A 61 2.95 6.04 3.65
N LYS A 62 4.10 5.39 3.82
CA LYS A 62 5.38 6.09 3.82
C LYS A 62 6.45 5.27 3.12
N THR A 63 7.00 5.82 2.04
CA THR A 63 8.04 5.13 1.28
C THR A 63 9.05 6.12 0.72
N CYS A 64 10.19 5.60 0.27
CA CYS A 64 11.24 6.45 -0.29
C CYS A 64 11.62 5.98 -1.70
N ARG A 65 12.16 6.89 -2.48
CA ARG A 65 12.56 6.58 -3.85
C ARG A 65 13.45 5.34 -3.89
N PRO A 66 13.57 4.73 -5.08
CA PRO A 66 12.89 5.21 -6.28
C PRO A 66 11.38 5.01 -6.22
N PHE A 67 10.92 4.43 -5.11
CA PHE A 67 9.49 4.19 -4.93
C PHE A 67 8.84 5.33 -4.15
N SER A 68 7.69 5.79 -4.64
CA SER A 68 6.97 6.87 -3.99
C SER A 68 5.53 6.96 -4.51
N ILE A 69 4.65 7.54 -3.71
CA ILE A 69 3.25 7.70 -4.10
C ILE A 69 2.67 8.99 -3.54
N GLU A 70 1.53 9.41 -4.11
CA GLU A 70 0.87 10.63 -3.66
C GLU A 70 -0.61 10.60 -4.02
N PRO A 71 -1.45 11.06 -3.09
CA PRO A 71 -1.00 11.54 -1.78
C PRO A 71 -0.46 10.43 -0.90
N ALA A 72 0.56 10.75 -0.10
CA ALA A 72 1.16 9.77 0.79
C ALA A 72 0.18 9.34 1.89
N ILE A 73 -0.74 10.24 2.22
CA ILE A 73 -1.73 9.96 3.25
C ILE A 73 -3.06 10.62 2.94
N GLY A 74 -4.15 10.02 3.39
CA GLY A 74 -5.47 10.58 3.14
C GLY A 74 -6.56 9.82 3.87
N THR A 75 -7.81 10.23 3.65
CA THR A 75 -8.96 9.59 4.30
C THR A 75 -10.04 9.25 3.28
N LEU A 76 -10.66 8.09 3.46
CA LEU A 76 -11.71 7.65 2.55
C LEU A 76 -12.99 7.35 3.31
N ASN A 77 -14.14 7.64 2.69
CA ASN A 77 -15.43 7.40 3.33
C ASN A 77 -15.87 5.95 3.13
N VAL A 78 -16.79 5.50 3.98
CA VAL A 78 -17.29 4.14 3.90
C VAL A 78 -18.26 3.98 2.73
N GLY A 79 -18.21 4.91 1.80
CA GLY A 79 -19.09 4.86 0.63
C GLY A 79 -18.55 5.65 -0.54
N GLU A 80 -17.24 5.88 -0.54
CA GLU A 80 -16.60 6.64 -1.62
C GLU A 80 -15.22 6.07 -1.94
N SER A 81 -14.78 6.24 -3.18
CA SER A 81 -13.48 5.74 -3.60
C SER A 81 -12.57 6.89 -4.02
N MET A 82 -11.30 6.58 -4.23
CA MET A 82 -10.32 7.59 -4.64
C MET A 82 -9.22 6.97 -5.50
N GLN A 83 -8.46 7.81 -6.19
CA GLN A 83 -7.38 7.34 -7.05
C GLN A 83 -6.02 7.77 -6.49
N LEU A 84 -5.09 6.82 -6.44
CA LEU A 84 -3.75 7.10 -5.93
C LEU A 84 -2.70 6.96 -7.04
N GLU A 85 -1.89 8.00 -7.21
CA GLU A 85 -0.85 7.99 -8.22
C GLU A 85 0.49 7.57 -7.63
N VAL A 86 0.88 6.32 -7.87
CA VAL A 86 2.13 5.79 -7.36
C VAL A 86 3.28 6.06 -8.34
N GLU A 87 4.28 6.81 -7.87
CA GLU A 87 5.43 7.14 -8.70
C GLU A 87 6.60 6.20 -8.41
N PHE A 88 7.23 5.71 -9.46
CA PHE A 88 8.37 4.80 -9.32
C PHE A 88 9.28 4.88 -10.55
N GLU A 89 10.45 5.49 -10.37
CA GLU A 89 11.40 5.62 -11.45
C GLU A 89 12.61 4.70 -11.23
N PRO A 90 12.60 3.55 -11.92
CA PRO A 90 13.69 2.57 -11.82
C PRO A 90 14.98 3.06 -12.46
N GLN A 91 15.69 3.94 -11.76
CA GLN A 91 16.95 4.48 -12.25
C GLN A 91 17.91 3.36 -12.63
N SER A 92 17.77 2.22 -11.97
CA SER A 92 18.64 1.07 -12.23
C SER A 92 17.89 -0.02 -12.99
N VAL A 93 18.41 -0.40 -14.14
CA VAL A 93 17.79 -1.44 -14.96
C VAL A 93 17.86 -2.79 -14.28
N GLY A 94 16.74 -3.51 -14.28
CA GLY A 94 16.70 -4.82 -13.66
C GLY A 94 15.42 -5.04 -12.87
N ASP A 95 15.05 -6.30 -12.68
CA ASP A 95 13.83 -6.65 -11.96
C ASP A 95 13.84 -6.00 -10.58
N HIS A 96 12.94 -5.02 -10.40
CA HIS A 96 12.84 -4.31 -9.13
C HIS A 96 11.56 -4.70 -8.39
N SER A 97 11.67 -4.92 -7.09
CA SER A 97 10.52 -5.29 -6.28
C SER A 97 10.59 -4.66 -4.89
N GLY A 98 9.46 -4.18 -4.40
CA GLY A 98 9.42 -3.56 -3.09
C GLY A 98 8.22 -3.99 -2.28
N ARG A 99 7.85 -3.18 -1.30
CA ARG A 99 6.71 -3.48 -0.44
C ARG A 99 6.16 -2.21 0.21
N LEU A 100 4.86 -1.98 0.04
CA LEU A 100 4.21 -0.80 0.59
C LEU A 100 3.45 -1.15 1.88
N ILE A 101 3.98 -0.71 3.01
CA ILE A 101 3.35 -0.97 4.29
C ILE A 101 2.36 0.13 4.66
N VAL A 102 1.08 -0.16 4.50
CA VAL A 102 0.03 0.81 4.82
C VAL A 102 -0.38 0.71 6.28
N CYS A 103 0.09 1.65 7.10
CA CYS A 103 -0.24 1.66 8.51
C CYS A 103 -1.60 2.32 8.76
N TYR A 104 -2.42 1.66 9.57
CA TYR A 104 -3.76 2.16 9.87
C TYR A 104 -3.75 2.95 11.19
N ASP A 105 -4.59 3.97 11.26
CA ASP A 105 -4.69 4.79 12.46
C ASP A 105 -4.94 3.94 13.69
N THR A 106 -5.50 2.75 13.48
CA THR A 106 -5.80 1.83 14.57
C THR A 106 -4.55 1.06 15.00
N GLY A 107 -3.83 0.54 14.02
CA GLY A 107 -2.61 -0.22 14.31
C GLY A 107 -2.27 -1.21 13.21
N GLU A 108 -3.28 -1.92 12.73
CA GLU A 108 -3.07 -2.91 11.67
C GLU A 108 -2.36 -2.28 10.47
N LYS A 109 -1.61 -3.10 9.75
CA LYS A 109 -0.89 -2.63 8.57
C LYS A 109 -1.04 -3.60 7.41
N VAL A 110 -1.00 -3.07 6.18
CA VAL A 110 -1.13 -3.89 4.99
C VAL A 110 0.15 -3.90 4.18
N PHE A 111 0.48 -5.05 3.60
CA PHE A 111 1.69 -5.20 2.80
C PHE A 111 1.35 -5.44 1.33
N VAL A 112 1.93 -4.64 0.46
CA VAL A 112 1.69 -4.75 -0.98
C VAL A 112 3.00 -4.72 -1.76
N SER A 113 3.40 -5.88 -2.28
CA SER A 113 4.64 -5.97 -3.06
C SER A 113 4.63 -4.99 -4.22
N LEU A 114 5.82 -4.57 -4.65
CA LEU A 114 5.95 -3.64 -5.75
C LEU A 114 6.71 -4.27 -6.91
N TYR A 115 6.52 -3.72 -8.11
CA TYR A 115 7.19 -4.23 -9.30
C TYR A 115 7.46 -3.12 -10.30
N GLY A 116 8.25 -3.41 -11.32
CA GLY A 116 8.56 -2.43 -12.34
C GLY A 116 9.77 -2.80 -13.16
N ALA A 117 9.67 -3.92 -13.88
CA ALA A 117 10.78 -4.39 -14.72
C ALA A 117 11.27 -3.29 -15.65
N ALA A 118 12.44 -2.76 -15.35
CA ALA A 118 13.03 -1.69 -16.16
C ALA A 118 14.03 -2.25 -17.16
N ILE A 119 14.15 -1.59 -18.30
CA ILE A 119 15.07 -2.03 -19.35
C ILE A 119 16.11 -0.95 -19.65
N ASP A 120 17.24 -1.37 -20.21
CA ASP A 120 18.31 -0.44 -20.55
C ASP A 120 18.06 0.21 -21.91
N MET A 121 16.82 0.10 -22.38
CA MET A 121 16.45 0.68 -23.67
C MET A 121 17.12 2.03 -23.88
N ASN A 122 17.44 2.69 -22.78
CA ASN A 122 18.10 4.00 -22.84
C ASN A 122 19.55 3.86 -23.25
#